data_1LW4
#
_entry.id   1LW4
#
_cell.length_a   95.900
_cell.length_b   100.500
_cell.length_c   150.320
_cell.angle_alpha   90.00
_cell.angle_beta   90.00
_cell.angle_gamma   90.00
#
_symmetry.space_group_name_H-M   'P 21 21 21'
#
loop_
_entity.id
_entity.type
_entity.pdbx_description
1 polymer 'L-allo-threonine aldolase'
2 non-polymer 'CALCIUM ION'
3 non-polymer 'CHLORIDE ION'
4 non-polymer '3-HYDROXY-2-[(3-HYDROXY-2-METHYL-5-PHOSPHONOOXYMETHYL-PYRIDIN-4-YLMETHYL)-AMINO]-BUTYRIC ACID'
5 non-polymer "PYRIDOXAL-5'-PHOSPHATE"
6 water water
#
_entity_poly.entity_id   1
_entity_poly.type   'polypeptide(L)'
_entity_poly.pdbx_seq_one_letter_code
;GPH(MSE)(MSE)IDLRSDTVTKPTEE(MSE)RKA(MSE)AQAEVGDDVYGEDPTINELERLAAETFGKEAALFVPSGT
(MSE)GNQVSI(MSE)AHTQRGDEVILEADSHIFWYEVGA(MSE)AVLSGV(MSE)PHPVPGKNGA(MSE)DPDDVRKAI
RPRNIHFPRTSLIAIENTHNRSGGRVVPLENIKEICTIAKEHGINVHIDGARIFNASIASGVPVKEYAGYADSV(MSE)F
CLS(LLP)GLCAPVGSVVVGDRDFIERARKARK(MSE)LGGG(MSE)RQAGVLAAAGIIALTK(MSE)VDRLKEDHENAR
FLALKLKEIGYSVNPEDVKTN(MSE)VILRTDNLKVNAHGFIEALRNSGVLANAVSDTEIRLVTHKDVSRNDIEEALNIF
EKLFRKFS
;
_entity_poly.pdbx_strand_id   A,B,C,D
#
loop_
_chem_comp.id
_chem_comp.type
_chem_comp.name
_chem_comp.formula
CA non-polymer 'CALCIUM ION' 'Ca 2'
CL non-polymer 'CHLORIDE ION' 'Cl -1'
PLP non-polymer PYRIDOXAL-5'-PHOSPHATE 'C8 H10 N O6 P'
TLP non-polymer '3-HYDROXY-2-[(3-HYDROXY-2-METHYL-5-PHOSPHONOOXYMETHYL-PYRIDIN-4-YLMETHYL)-AMINO]-BUTYRIC ACID' 'C12 H19 N2 O8 P'
#
# COMPACT_ATOMS: atom_id res chain seq x y z
N MSE A 5 10.42 -30.38 -30.73
CA MSE A 5 10.77 -28.92 -30.73
C MSE A 5 12.03 -28.66 -29.91
O MSE A 5 12.17 -29.17 -28.80
CB MSE A 5 9.63 -28.12 -30.14
CG MSE A 5 8.36 -28.08 -30.98
SE MSE A 5 8.56 -26.91 -32.50
CE MSE A 5 7.49 -25.43 -31.91
N ILE A 6 12.95 -27.87 -30.46
CA ILE A 6 14.18 -27.51 -29.77
C ILE A 6 13.87 -26.18 -29.08
N ASP A 7 13.74 -26.23 -27.76
CA ASP A 7 13.37 -25.04 -26.99
C ASP A 7 14.54 -24.21 -26.46
N LEU A 8 14.81 -23.09 -27.11
CA LEU A 8 15.90 -22.22 -26.69
C LEU A 8 15.35 -20.91 -26.11
N ARG A 9 14.09 -20.92 -25.68
CA ARG A 9 13.47 -19.72 -25.13
C ARG A 9 14.00 -19.30 -23.77
N SER A 10 14.23 -20.28 -22.91
CA SER A 10 14.72 -19.99 -21.56
C SER A 10 15.08 -21.27 -20.84
N ASP A 11 15.82 -21.16 -19.73
CA ASP A 11 16.18 -22.34 -18.97
C ASP A 11 15.04 -22.68 -18.00
N THR A 12 13.97 -21.88 -18.03
CA THR A 12 12.83 -22.15 -17.17
C THR A 12 12.07 -23.38 -17.66
N VAL A 13 12.21 -23.70 -18.94
CA VAL A 13 11.49 -24.84 -19.52
C VAL A 13 12.05 -26.21 -19.19
N THR A 14 13.12 -26.28 -18.41
CA THR A 14 13.71 -27.56 -18.03
C THR A 14 12.67 -28.45 -17.35
N LYS A 15 12.70 -29.74 -17.67
CA LYS A 15 11.77 -30.68 -17.07
C LYS A 15 12.49 -31.56 -16.05
N PRO A 16 11.74 -32.15 -15.11
CA PRO A 16 12.31 -33.00 -14.05
C PRO A 16 13.05 -34.22 -14.59
N THR A 17 14.18 -34.54 -13.96
CA THR A 17 14.95 -35.72 -14.35
C THR A 17 14.22 -36.93 -13.79
N GLU A 18 14.60 -38.11 -14.27
CA GLU A 18 13.96 -39.33 -13.79
C GLU A 18 14.17 -39.44 -12.27
N GLU A 19 15.33 -39.02 -11.81
CA GLU A 19 15.66 -39.08 -10.38
C GLU A 19 14.65 -38.24 -9.60
N MSE A 20 14.38 -37.04 -10.08
CA MSE A 20 13.43 -36.13 -9.43
C MSE A 20 12.02 -36.72 -9.43
O MSE A 20 11.31 -36.62 -8.44
CB MSE A 20 13.40 -34.78 -10.14
CG MSE A 20 14.68 -33.99 -10.02
SE MSE A 20 14.55 -32.32 -11.00
CE MSE A 20 16.24 -31.58 -10.46
N ARG A 21 11.60 -37.30 -10.55
CA ARG A 21 10.27 -37.88 -10.63
C ARG A 21 10.09 -38.97 -9.58
N LYS A 22 11.12 -39.80 -9.39
CA LYS A 22 11.04 -40.87 -8.41
C LYS A 22 11.01 -40.28 -7.00
N ALA A 23 11.85 -39.29 -6.75
CA ALA A 23 11.92 -38.64 -5.44
C ALA A 23 10.61 -37.97 -5.06
N MSE A 24 9.93 -37.37 -6.03
CA MSE A 24 8.66 -36.71 -5.74
C MSE A 24 7.61 -37.74 -5.35
O MSE A 24 6.83 -37.54 -4.42
CB MSE A 24 8.18 -35.90 -6.94
CG MSE A 24 9.06 -34.70 -7.28
SE MSE A 24 8.28 -33.56 -8.62
CE MSE A 24 8.82 -34.54 -10.19
N ALA A 25 7.60 -38.87 -6.05
CA ALA A 25 6.64 -39.94 -5.79
C ALA A 25 6.74 -40.53 -4.39
N GLN A 26 7.96 -40.66 -3.87
CA GLN A 26 8.16 -41.23 -2.55
C GLN A 26 8.57 -40.18 -1.50
N ALA A 27 8.29 -38.91 -1.79
CA ALA A 27 8.64 -37.83 -0.87
C ALA A 27 7.90 -37.94 0.46
N GLU A 28 8.60 -37.69 1.56
CA GLU A 28 7.99 -37.71 2.88
C GLU A 28 7.47 -36.30 3.09
N VAL A 29 6.18 -36.16 3.37
CA VAL A 29 5.60 -34.84 3.54
C VAL A 29 4.93 -34.58 4.89
N GLY A 30 4.53 -33.33 5.09
CA GLY A 30 3.87 -32.90 6.30
C GLY A 30 3.32 -31.50 6.05
N ASP A 31 2.65 -30.93 7.05
CA ASP A 31 2.09 -29.60 6.87
C ASP A 31 3.17 -28.54 7.12
N ASP A 32 3.62 -27.89 6.05
CA ASP A 32 4.66 -26.88 6.16
C ASP A 32 4.27 -25.68 7.01
N VAL A 33 2.98 -25.36 7.05
CA VAL A 33 2.53 -24.23 7.85
C VAL A 33 2.91 -24.48 9.30
N TYR A 34 2.91 -25.74 9.70
CA TYR A 34 3.28 -26.12 11.06
C TYR A 34 4.77 -26.46 11.14
N GLY A 35 5.48 -26.29 10.03
CA GLY A 35 6.89 -26.59 9.99
C GLY A 35 7.11 -28.09 10.10
N GLU A 36 6.11 -28.86 9.68
CA GLU A 36 6.18 -30.31 9.78
C GLU A 36 6.49 -31.11 8.52
N ASP A 37 6.87 -30.45 7.44
CA ASP A 37 7.23 -31.21 6.24
C ASP A 37 8.74 -31.45 6.32
N PRO A 38 9.14 -32.71 6.50
CA PRO A 38 10.54 -33.15 6.62
C PRO A 38 11.42 -32.82 5.42
N THR A 39 10.86 -32.94 4.23
CA THR A 39 11.63 -32.68 3.03
C THR A 39 11.90 -31.20 2.81
N ILE A 40 10.90 -30.37 3.09
CA ILE A 40 11.08 -28.92 2.97
C ILE A 40 12.15 -28.51 3.98
N ASN A 41 12.04 -29.04 5.19
CA ASN A 41 12.99 -28.70 6.24
C ASN A 41 14.42 -29.06 5.84
N GLU A 42 14.60 -30.20 5.19
CA GLU A 42 15.92 -30.64 4.75
C GLU A 42 16.44 -29.75 3.62
N LEU A 43 15.55 -29.36 2.71
CA LEU A 43 15.94 -28.49 1.62
C LEU A 43 16.44 -27.16 2.16
N GLU A 44 15.69 -26.59 3.09
CA GLU A 44 16.09 -25.31 3.66
C GLU A 44 17.39 -25.48 4.45
N ARG A 45 17.54 -26.61 5.14
CA ARG A 45 18.76 -26.85 5.91
C ARG A 45 19.95 -26.88 4.96
N LEU A 46 19.81 -27.65 3.88
CA LEU A 46 20.87 -27.78 2.88
C LEU A 46 21.20 -26.47 2.18
N ALA A 47 20.18 -25.68 1.86
CA ALA A 47 20.38 -24.41 1.19
C ALA A 47 21.15 -23.44 2.08
N ALA A 48 20.71 -23.32 3.34
CA ALA A 48 21.40 -22.43 4.27
C ALA A 48 22.87 -22.84 4.35
N GLU A 49 23.10 -24.13 4.54
CA GLU A 49 24.46 -24.66 4.64
C GLU A 49 25.30 -24.36 3.39
N THR A 50 24.71 -24.61 2.23
CA THR A 50 25.37 -24.37 0.95
C THR A 50 25.85 -22.93 0.76
N PHE A 51 25.06 -21.96 1.21
CA PHE A 51 25.43 -20.56 1.06
C PHE A 51 26.04 -19.96 2.32
N GLY A 52 26.29 -20.80 3.32
CA GLY A 52 26.89 -20.33 4.56
C GLY A 52 26.03 -19.36 5.35
N LYS A 53 24.72 -19.54 5.32
CA LYS A 53 23.81 -18.67 6.04
C LYS A 53 23.12 -19.41 7.18
N GLU A 54 22.52 -18.65 8.10
CA GLU A 54 21.83 -19.21 9.27
C GLU A 54 20.53 -19.94 8.94
N ALA A 55 19.81 -19.45 7.94
CA ALA A 55 18.53 -20.07 7.61
C ALA A 55 18.13 -19.89 6.15
N ALA A 56 17.07 -20.59 5.77
CA ALA A 56 16.57 -20.51 4.40
C ALA A 56 15.06 -20.66 4.38
N LEU A 57 14.46 -20.21 3.29
CA LEU A 57 13.02 -20.26 3.11
C LEU A 57 12.66 -20.66 1.68
N PHE A 58 11.88 -21.72 1.53
CA PHE A 58 11.46 -22.20 0.21
C PHE A 58 10.28 -21.36 -0.27
N VAL A 59 10.34 -20.90 -1.52
CA VAL A 59 9.24 -20.11 -2.09
C VAL A 59 8.83 -20.65 -3.46
N PRO A 60 7.58 -20.37 -3.88
CA PRO A 60 7.00 -20.81 -5.16
C PRO A 60 7.65 -20.25 -6.42
N SER A 61 8.33 -19.11 -6.31
CA SER A 61 8.97 -18.50 -7.47
C SER A 61 10.05 -17.51 -7.05
N GLY A 62 10.94 -17.19 -7.99
CA GLY A 62 12.01 -16.24 -7.72
C GLY A 62 11.42 -14.87 -7.46
N THR A 63 10.31 -14.56 -8.13
CA THR A 63 9.68 -13.28 -7.93
C THR A 63 9.28 -13.17 -6.45
N MSE A 64 8.67 -14.20 -5.89
CA MSE A 64 8.28 -14.11 -4.48
C MSE A 64 9.53 -14.04 -3.60
O MSE A 64 9.55 -13.34 -2.59
CB MSE A 64 7.41 -15.29 -4.03
CG MSE A 64 6.70 -14.95 -2.72
SE MSE A 64 5.66 -16.35 -1.89
CE MSE A 64 4.10 -16.29 -3.03
N GLY A 65 10.58 -14.77 -3.99
CA GLY A 65 11.82 -14.75 -3.23
C GLY A 65 12.35 -13.33 -3.12
N ASN A 66 12.34 -12.62 -4.24
CA ASN A 66 12.81 -11.24 -4.26
C ASN A 66 11.87 -10.34 -3.45
N GLN A 67 10.57 -10.53 -3.63
CA GLN A 67 9.60 -9.68 -2.93
C GLN A 67 9.52 -9.89 -1.42
N VAL A 68 9.63 -11.11 -0.93
CA VAL A 68 9.58 -11.30 0.52
C VAL A 68 10.87 -10.74 1.10
N SER A 69 11.94 -10.77 0.32
CA SER A 69 13.22 -10.23 0.78
C SER A 69 13.11 -8.72 0.90
N ILE A 70 12.54 -8.08 -0.11
CA ILE A 70 12.38 -6.63 -0.07
C ILE A 70 11.51 -6.23 1.12
N MSE A 71 10.42 -6.97 1.34
CA MSE A 71 9.53 -6.69 2.47
C MSE A 71 10.24 -6.86 3.80
O MSE A 71 10.14 -6.02 4.69
CB MSE A 71 8.32 -7.61 2.42
CG MSE A 71 7.50 -7.48 1.15
SE MSE A 71 6.01 -8.69 1.19
CE MSE A 71 5.39 -8.21 3.02
N ALA A 72 11.00 -7.95 3.94
CA ALA A 72 11.73 -8.22 5.18
C ALA A 72 12.86 -7.22 5.45
N HIS A 73 13.39 -6.61 4.39
CA HIS A 73 14.49 -5.64 4.51
C HIS A 73 14.06 -4.19 4.62
N THR A 74 12.82 -3.89 4.23
CA THR A 74 12.39 -2.50 4.21
C THR A 74 11.17 -2.12 5.01
N GLN A 75 10.90 -0.82 5.03
CA GLN A 75 9.74 -0.25 5.69
C GLN A 75 9.09 0.63 4.63
N ARG A 76 7.79 0.89 4.77
CA ARG A 76 7.07 1.71 3.79
C ARG A 76 7.77 3.04 3.52
N GLY A 77 7.87 3.40 2.25
CA GLY A 77 8.49 4.67 1.90
C GLY A 77 10.00 4.64 1.70
N ASP A 78 10.62 3.51 2.00
CA ASP A 78 12.07 3.38 1.83
C ASP A 78 12.40 3.35 0.36
N GLU A 79 13.69 3.49 0.05
CA GLU A 79 14.17 3.44 -1.31
C GLU A 79 15.09 2.23 -1.46
N VAL A 80 15.02 1.58 -2.61
CA VAL A 80 15.85 0.42 -2.91
C VAL A 80 16.74 0.72 -4.11
N ILE A 81 18.04 0.71 -3.90
CA ILE A 81 18.97 0.94 -4.99
C ILE A 81 19.07 -0.37 -5.76
N LEU A 82 18.94 -0.31 -7.08
CA LEU A 82 19.04 -1.52 -7.90
C LEU A 82 19.52 -1.13 -9.31
N GLU A 83 20.07 -2.11 -10.01
CA GLU A 83 20.59 -1.90 -11.36
C GLU A 83 19.48 -1.53 -12.33
N ALA A 84 19.73 -0.51 -13.15
CA ALA A 84 18.75 -0.01 -14.11
C ALA A 84 18.11 -1.03 -15.06
N ASP A 85 18.75 -2.18 -15.25
CA ASP A 85 18.19 -3.20 -16.14
C ASP A 85 17.94 -4.52 -15.42
N SER A 86 17.69 -4.45 -14.11
CA SER A 86 17.45 -5.64 -13.31
C SER A 86 16.02 -6.17 -13.38
N HIS A 87 15.90 -7.46 -13.16
CA HIS A 87 14.60 -8.14 -13.20
C HIS A 87 13.59 -7.56 -12.21
N ILE A 88 14.06 -7.22 -11.02
CA ILE A 88 13.19 -6.67 -9.98
C ILE A 88 12.54 -5.37 -10.44
N PHE A 89 13.30 -4.56 -11.16
CA PHE A 89 12.82 -3.28 -11.64
C PHE A 89 11.97 -3.39 -12.92
N TRP A 90 12.32 -4.35 -13.76
CA TRP A 90 11.68 -4.56 -15.03
C TRP A 90 10.57 -5.60 -15.20
N TYR A 91 10.76 -6.74 -14.58
CA TYR A 91 9.82 -7.84 -14.75
C TYR A 91 9.05 -8.40 -13.57
N GLU A 92 8.90 -7.63 -12.51
CA GLU A 92 8.17 -8.13 -11.37
C GLU A 92 6.86 -7.39 -11.09
N VAL A 93 6.21 -7.00 -12.17
CA VAL A 93 4.89 -6.34 -12.13
C VAL A 93 4.72 -5.17 -11.18
N GLY A 94 5.81 -4.44 -10.91
CA GLY A 94 5.74 -3.32 -10.00
C GLY A 94 5.43 -3.74 -8.57
N ALA A 95 5.68 -5.01 -8.27
CA ALA A 95 5.39 -5.56 -6.95
C ALA A 95 6.04 -4.81 -5.77
N MSE A 96 7.26 -4.33 -5.96
CA MSE A 96 7.93 -3.64 -4.85
C MSE A 96 7.15 -2.42 -4.35
O MSE A 96 7.15 -2.12 -3.17
CB MSE A 96 9.35 -3.25 -5.24
CG MSE A 96 9.46 -2.17 -6.31
SE MSE A 96 11.27 -2.12 -7.01
CE MSE A 96 12.15 -1.42 -5.44
N ALA A 97 6.48 -1.74 -5.27
CA ALA A 97 5.70 -0.55 -4.91
C ALA A 97 4.40 -0.93 -4.23
N VAL A 98 3.73 -1.96 -4.76
CA VAL A 98 2.46 -2.39 -4.20
C VAL A 98 2.58 -3.17 -2.88
N LEU A 99 3.46 -4.16 -2.85
CA LEU A 99 3.66 -4.99 -1.66
C LEU A 99 4.42 -4.35 -0.52
N SER A 100 5.49 -3.63 -0.84
CA SER A 100 6.32 -3.02 0.19
C SER A 100 6.21 -1.50 0.30
N GLY A 101 5.58 -0.88 -0.69
CA GLY A 101 5.44 0.57 -0.66
C GLY A 101 6.79 1.25 -0.75
N VAL A 102 7.72 0.65 -1.47
CA VAL A 102 9.04 1.24 -1.62
C VAL A 102 9.28 1.73 -3.03
N MSE A 103 10.24 2.63 -3.16
CA MSE A 103 10.56 3.19 -4.46
C MSE A 103 11.92 2.73 -4.97
O MSE A 103 12.89 2.65 -4.21
CB MSE A 103 10.53 4.70 -4.43
CG MSE A 103 9.26 5.29 -5.02
SE MSE A 103 9.60 7.05 -5.63
CE MSE A 103 10.99 6.65 -6.91
N PRO A 104 12.00 2.38 -6.25
CA PRO A 104 13.26 1.93 -6.84
C PRO A 104 14.13 3.14 -7.15
N HIS A 105 15.44 2.96 -7.00
CA HIS A 105 16.38 4.02 -7.32
C HIS A 105 17.35 3.37 -8.28
N PRO A 106 17.00 3.35 -9.57
CA PRO A 106 17.81 2.75 -10.64
C PRO A 106 19.18 3.38 -10.79
N VAL A 107 20.19 2.51 -10.86
CA VAL A 107 21.57 2.95 -11.05
C VAL A 107 22.06 2.20 -12.29
N PRO A 108 22.54 2.94 -13.30
CA PRO A 108 23.02 2.23 -14.49
C PRO A 108 24.21 1.34 -14.14
N GLY A 109 24.41 0.30 -14.92
CA GLY A 109 25.53 -0.60 -14.68
C GLY A 109 26.09 -1.11 -15.98
N LYS A 110 27.33 -1.60 -15.93
CA LYS A 110 27.96 -2.16 -17.12
C LYS A 110 27.82 -3.67 -16.97
N ASN A 111 26.94 -4.24 -17.77
CA ASN A 111 26.67 -5.67 -17.72
C ASN A 111 26.32 -6.14 -16.31
N GLY A 112 25.45 -5.40 -15.64
CA GLY A 112 25.04 -5.75 -14.29
C GLY A 112 25.87 -5.17 -13.14
N ALA A 113 27.03 -4.63 -13.46
CA ALA A 113 27.89 -4.05 -12.44
C ALA A 113 27.71 -2.54 -12.29
N MSE A 114 27.10 -2.13 -11.18
CA MSE A 114 26.90 -0.70 -10.93
C MSE A 114 28.24 -0.17 -10.41
O MSE A 114 28.88 -0.81 -9.58
CB MSE A 114 25.83 -0.48 -9.84
CG MSE A 114 24.45 -1.01 -10.20
SE MSE A 114 23.19 -0.83 -8.73
CE MSE A 114 23.71 -2.38 -7.71
N ASP A 115 28.65 0.99 -10.90
CA ASP A 115 29.91 1.57 -10.44
C ASP A 115 29.74 1.84 -8.94
N PRO A 116 30.63 1.29 -8.11
CA PRO A 116 30.51 1.50 -6.67
C PRO A 116 30.35 2.97 -6.28
N ASP A 117 31.00 3.86 -7.02
CA ASP A 117 30.89 5.29 -6.74
C ASP A 117 29.48 5.82 -7.00
N ASP A 118 28.82 5.29 -8.03
CA ASP A 118 27.46 5.71 -8.34
C ASP A 118 26.51 5.22 -7.24
N VAL A 119 26.81 4.06 -6.68
CA VAL A 119 25.98 3.51 -5.60
C VAL A 119 26.07 4.42 -4.39
N ARG A 120 27.28 4.87 -4.06
CA ARG A 120 27.49 5.74 -2.93
C ARG A 120 26.71 7.05 -3.11
N LYS A 121 26.68 7.56 -4.34
CA LYS A 121 25.98 8.81 -4.63
C LYS A 121 24.46 8.64 -4.64
N ALA A 122 23.99 7.41 -4.83
CA ALA A 122 22.57 7.12 -4.87
C ALA A 122 21.95 6.99 -3.48
N ILE A 123 22.80 6.89 -2.46
CA ILE A 123 22.31 6.78 -1.09
C ILE A 123 21.78 8.15 -0.69
N ARG A 124 20.53 8.18 -0.25
CA ARG A 124 19.89 9.43 0.14
C ARG A 124 20.41 9.96 1.46
N PRO A 125 20.66 11.28 1.52
CA PRO A 125 21.15 11.85 2.78
C PRO A 125 19.91 11.96 3.67
N ARG A 126 20.11 12.11 4.98
CA ARG A 126 18.98 12.22 5.88
C ARG A 126 18.33 13.60 5.72
N ASN A 127 17.09 13.60 5.24
CA ASN A 127 16.35 14.84 5.04
C ASN A 127 14.87 14.52 4.94
N ILE A 128 14.04 15.39 5.49
CA ILE A 128 12.60 15.18 5.48
C ILE A 128 12.00 14.92 4.10
N HIS A 129 12.61 15.48 3.05
CA HIS A 129 12.10 15.31 1.69
C HIS A 129 12.46 13.96 1.08
N PHE A 130 13.46 13.28 1.63
CA PHE A 130 13.93 12.02 1.06
C PHE A 130 13.62 10.70 1.75
N PRO A 131 13.35 9.66 0.96
CA PRO A 131 13.05 8.33 1.52
C PRO A 131 14.38 7.83 2.10
N ARG A 132 14.32 6.87 3.01
CA ARG A 132 15.54 6.33 3.57
C ARG A 132 16.01 5.17 2.69
N THR A 133 17.29 5.17 2.30
CA THR A 133 17.82 4.09 1.49
C THR A 133 18.09 2.96 2.48
N SER A 134 17.35 1.86 2.34
CA SER A 134 17.52 0.74 3.27
C SER A 134 17.96 -0.55 2.61
N LEU A 135 18.05 -0.56 1.29
CA LEU A 135 18.42 -1.78 0.59
C LEU A 135 19.09 -1.55 -0.77
N ILE A 136 20.08 -2.39 -1.06
CA ILE A 136 20.78 -2.36 -2.34
C ILE A 136 20.65 -3.77 -2.89
N ALA A 137 20.17 -3.89 -4.13
CA ALA A 137 20.01 -5.19 -4.76
C ALA A 137 20.98 -5.36 -5.92
N ILE A 138 21.58 -6.54 -6.01
CA ILE A 138 22.52 -6.88 -7.08
C ILE A 138 22.03 -8.16 -7.74
N GLU A 139 22.12 -8.21 -9.06
CA GLU A 139 21.67 -9.38 -9.80
C GLU A 139 22.89 -10.09 -10.40
N ASN A 140 23.14 -11.34 -10.04
CA ASN A 140 24.33 -12.00 -10.62
C ASN A 140 24.04 -13.01 -11.71
N THR A 141 24.65 -12.69 -12.84
CA THR A 141 24.51 -13.31 -14.14
C THR A 141 23.29 -12.45 -14.31
N HIS A 142 23.59 -11.27 -14.83
CA HIS A 142 22.61 -10.25 -15.08
C HIS A 142 21.91 -10.70 -16.37
N ASN A 143 20.59 -10.82 -16.29
CA ASN A 143 19.76 -11.29 -17.40
C ASN A 143 19.76 -10.41 -18.66
N ARG A 144 19.26 -9.19 -18.51
CA ARG A 144 19.14 -8.27 -19.64
C ARG A 144 20.42 -7.96 -20.41
N SER A 145 21.58 -8.04 -19.76
CA SER A 145 22.84 -7.77 -20.44
C SER A 145 23.29 -8.99 -21.23
N GLY A 146 22.52 -10.08 -21.11
CA GLY A 146 22.86 -11.29 -21.83
C GLY A 146 23.51 -12.38 -20.99
N GLY A 147 23.11 -12.48 -19.72
CA GLY A 147 23.67 -13.49 -18.84
C GLY A 147 25.12 -13.22 -18.47
N ARG A 148 25.42 -11.98 -18.13
CA ARG A 148 26.78 -11.58 -17.77
C ARG A 148 27.09 -11.81 -16.30
N VAL A 149 28.36 -11.99 -15.98
CA VAL A 149 28.77 -12.23 -14.60
C VAL A 149 29.26 -10.95 -13.93
N VAL A 150 28.70 -10.64 -12.77
CA VAL A 150 29.11 -9.47 -12.02
C VAL A 150 30.36 -9.84 -11.23
N PRO A 151 31.46 -9.10 -11.44
CA PRO A 151 32.72 -9.37 -10.74
C PRO A 151 32.57 -9.41 -9.22
N LEU A 152 33.29 -10.32 -8.58
CA LEU A 152 33.23 -10.45 -7.13
C LEU A 152 33.69 -9.17 -6.45
N GLU A 153 34.66 -8.49 -7.06
CA GLU A 153 35.20 -7.26 -6.50
C GLU A 153 34.12 -6.18 -6.43
N ASN A 154 33.24 -6.17 -7.43
CA ASN A 154 32.16 -5.19 -7.47
C ASN A 154 31.23 -5.41 -6.29
N ILE A 155 30.84 -6.65 -6.08
CA ILE A 155 29.96 -7.02 -4.98
C ILE A 155 30.63 -6.75 -3.63
N LYS A 156 31.93 -7.03 -3.56
CA LYS A 156 32.68 -6.82 -2.33
C LYS A 156 32.68 -5.34 -1.98
N GLU A 157 32.96 -4.49 -2.97
CA GLU A 157 33.01 -3.05 -2.76
C GLU A 157 31.65 -2.47 -2.36
N ILE A 158 30.59 -2.96 -2.99
CA ILE A 158 29.25 -2.47 -2.66
C ILE A 158 28.86 -2.91 -1.25
N CYS A 159 29.33 -4.08 -0.84
CA CYS A 159 29.04 -4.58 0.50
C CYS A 159 29.68 -3.67 1.54
N THR A 160 30.88 -3.18 1.23
CA THR A 160 31.59 -2.30 2.14
C THR A 160 30.81 -1.00 2.32
N ILE A 161 30.33 -0.46 1.20
CA ILE A 161 29.56 0.78 1.22
C ILE A 161 28.29 0.60 2.04
N ALA A 162 27.61 -0.51 1.85
CA ALA A 162 26.38 -0.79 2.58
C ALA A 162 26.62 -0.84 4.08
N LYS A 163 27.63 -1.60 4.49
CA LYS A 163 27.97 -1.72 5.91
C LYS A 163 28.23 -0.35 6.55
N GLU A 164 28.99 0.49 5.85
CA GLU A 164 29.32 1.82 6.37
C GLU A 164 28.07 2.66 6.57
N HIS A 165 27.02 2.37 5.81
CA HIS A 165 25.78 3.13 5.91
C HIS A 165 24.63 2.37 6.61
N GLY A 166 24.90 1.15 7.02
CA GLY A 166 23.88 0.35 7.70
C GLY A 166 22.77 -0.06 6.76
N ILE A 167 23.11 -0.24 5.49
CA ILE A 167 22.14 -0.63 4.46
C ILE A 167 22.23 -2.12 4.18
N ASN A 168 21.08 -2.75 3.99
CA ASN A 168 21.04 -4.18 3.70
C ASN A 168 21.41 -4.43 2.25
N VAL A 169 21.91 -5.63 1.97
CA VAL A 169 22.28 -6.01 0.62
C VAL A 169 21.61 -7.32 0.24
N HIS A 170 20.94 -7.31 -0.91
CA HIS A 170 20.28 -8.50 -1.40
C HIS A 170 20.78 -8.84 -2.79
N ILE A 171 21.16 -10.10 -2.98
CA ILE A 171 21.62 -10.54 -4.29
C ILE A 171 20.52 -11.36 -4.94
N ASP A 172 20.06 -10.90 -6.10
CA ASP A 172 19.05 -11.65 -6.84
C ASP A 172 19.92 -12.68 -7.56
N GLY A 173 20.09 -13.84 -6.94
CA GLY A 173 20.90 -14.88 -7.53
C GLY A 173 20.12 -15.96 -8.23
N ALA A 174 19.11 -15.56 -8.99
CA ALA A 174 18.29 -16.52 -9.72
C ALA A 174 19.19 -17.50 -10.47
N ARG A 175 20.28 -16.98 -11.04
CA ARG A 175 21.24 -17.82 -11.76
C ARG A 175 22.63 -17.67 -11.15
N ILE A 176 22.70 -17.64 -9.82
CA ILE A 176 23.97 -17.49 -9.13
C ILE A 176 24.94 -18.65 -9.37
N PHE A 177 24.40 -19.85 -9.58
CA PHE A 177 25.26 -21.00 -9.82
C PHE A 177 25.91 -20.90 -11.20
N ASN A 178 25.22 -20.29 -12.15
CA ASN A 178 25.78 -20.11 -13.48
C ASN A 178 26.95 -19.13 -13.32
N ALA A 179 26.76 -18.11 -12.50
CA ALA A 179 27.81 -17.12 -12.26
C ALA A 179 29.02 -17.83 -11.65
N SER A 180 28.76 -18.66 -10.66
CA SER A 180 29.82 -19.40 -9.97
C SER A 180 30.60 -20.32 -10.92
N ILE A 181 29.88 -21.06 -11.75
CA ILE A 181 30.52 -21.96 -12.70
C ILE A 181 31.42 -21.20 -13.67
N ALA A 182 30.96 -20.06 -14.14
CA ALA A 182 31.74 -19.27 -15.09
C ALA A 182 32.93 -18.53 -14.48
N SER A 183 32.76 -18.01 -13.27
CA SER A 183 33.81 -17.26 -12.60
C SER A 183 34.76 -18.10 -11.74
N GLY A 184 34.25 -19.20 -11.21
CA GLY A 184 35.08 -20.02 -10.35
C GLY A 184 34.93 -19.55 -8.91
N VAL A 185 34.07 -18.56 -8.71
CA VAL A 185 33.82 -18.02 -7.37
C VAL A 185 32.73 -18.86 -6.70
N PRO A 186 33.04 -19.46 -5.54
CA PRO A 186 32.06 -20.27 -4.82
C PRO A 186 30.86 -19.42 -4.40
N VAL A 187 29.67 -19.99 -4.40
CA VAL A 187 28.48 -19.25 -4.01
C VAL A 187 28.57 -18.72 -2.58
N LYS A 188 29.31 -19.43 -1.72
CA LYS A 188 29.47 -18.97 -0.34
C LYS A 188 30.25 -17.67 -0.31
N GLU A 189 31.17 -17.51 -1.25
CA GLU A 189 31.98 -16.30 -1.32
C GLU A 189 31.09 -15.13 -1.72
N TYR A 190 30.20 -15.36 -2.69
CA TYR A 190 29.28 -14.31 -3.12
C TYR A 190 28.37 -13.95 -1.95
N ALA A 191 27.78 -14.98 -1.36
CA ALA A 191 26.85 -14.84 -0.24
C ALA A 191 27.41 -14.08 0.95
N GLY A 192 28.69 -14.30 1.24
CA GLY A 192 29.32 -13.61 2.35
C GLY A 192 29.24 -12.10 2.24
N TYR A 193 29.06 -11.59 1.02
CA TYR A 193 28.98 -10.15 0.81
C TYR A 193 27.55 -9.65 0.65
N ALA A 194 26.60 -10.39 1.22
CA ALA A 194 25.20 -10.03 1.14
C ALA A 194 24.45 -10.48 2.38
N ASP A 195 23.37 -9.77 2.71
CA ASP A 195 22.55 -10.13 3.87
C ASP A 195 21.62 -11.27 3.48
N SER A 196 21.14 -11.23 2.25
CA SER A 196 20.24 -12.26 1.75
C SER A 196 20.56 -12.58 0.29
N VAL A 197 20.22 -13.80 -0.11
CA VAL A 197 20.42 -14.24 -1.48
C VAL A 197 19.22 -15.09 -1.91
N MSE A 198 18.65 -14.77 -3.07
CA MSE A 198 17.55 -15.56 -3.59
C MSE A 198 18.17 -16.33 -4.75
O MSE A 198 18.96 -15.77 -5.49
CB MSE A 198 16.43 -14.67 -4.15
CG MSE A 198 15.25 -15.44 -4.80
SE MSE A 198 15.52 -16.31 -6.54
CE MSE A 198 15.22 -14.75 -7.70
N PHE A 199 17.86 -17.62 -4.87
CA PHE A 199 18.38 -18.40 -5.97
C PHE A 199 17.27 -19.33 -6.46
N CYS A 200 17.22 -19.55 -7.77
CA CYS A 200 16.18 -20.40 -8.34
C CYS A 200 16.59 -21.86 -8.46
N LEU A 201 15.61 -22.74 -8.27
CA LEU A 201 15.83 -24.17 -8.40
C LEU A 201 15.19 -24.63 -9.70
N SER A 202 14.25 -23.82 -10.20
CA SER A 202 13.47 -24.13 -11.39
C SER A 202 14.00 -23.73 -12.75
N1 LLP A 203 15.50 -12.58 -11.40
C2 LLP A 203 16.19 -13.08 -12.52
C2' LLP A 203 17.54 -12.44 -12.78
C3 LLP A 203 15.52 -14.16 -13.28
O3 LLP A 203 16.21 -14.59 -14.33
C4 LLP A 203 14.23 -14.64 -12.88
C4' LLP A 203 13.68 -15.73 -13.72
C5 LLP A 203 13.56 -14.00 -11.62
C6 LLP A 203 14.24 -12.99 -10.93
C5' LLP A 203 12.15 -14.45 -11.13
OP4 LLP A 203 11.94 -15.83 -11.19
P LLP A 203 10.42 -16.41 -11.42
OP1 LLP A 203 9.54 -15.50 -10.65
OP2 LLP A 203 10.41 -17.85 -10.88
OP3 LLP A 203 10.17 -16.39 -12.85
N LLP A 203 15.22 -23.22 -12.81
CA LLP A 203 15.79 -22.86 -14.09
CB LLP A 203 16.35 -21.44 -14.02
CG LLP A 203 15.21 -20.43 -14.07
CD LLP A 203 15.64 -19.00 -13.92
CE LLP A 203 14.51 -18.09 -14.41
NZ LLP A 203 14.56 -16.79 -13.75
C LLP A 203 16.85 -23.88 -14.47
O LLP A 203 16.51 -25.05 -14.67
N GLY A 204 18.11 -23.47 -14.55
CA GLY A 204 19.16 -24.40 -14.93
C GLY A 204 19.28 -25.64 -14.05
N LEU A 205 18.85 -25.54 -12.80
CA LEU A 205 18.95 -26.68 -11.88
C LEU A 205 17.86 -27.73 -12.09
N CYS A 206 16.93 -27.43 -12.99
CA CYS A 206 15.88 -28.36 -13.39
C CYS A 206 14.73 -28.78 -12.48
N ALA A 207 14.54 -28.12 -11.34
CA ALA A 207 13.41 -28.47 -10.48
C ALA A 207 12.18 -27.89 -11.18
N PRO A 208 11.00 -28.50 -11.00
CA PRO A 208 9.77 -28.00 -11.64
C PRO A 208 9.19 -26.72 -11.04
N VAL A 209 9.36 -26.56 -9.73
CA VAL A 209 8.83 -25.39 -9.06
C VAL A 209 9.70 -24.96 -7.89
N GLY A 210 9.86 -23.65 -7.71
CA GLY A 210 10.59 -23.19 -6.55
C GLY A 210 11.92 -22.49 -6.62
N SER A 211 12.15 -21.70 -5.58
CA SER A 211 13.36 -20.91 -5.39
C SER A 211 13.57 -20.93 -3.89
N VAL A 212 14.71 -20.40 -3.43
CA VAL A 212 15.01 -20.36 -2.01
C VAL A 212 15.65 -19.04 -1.66
N VAL A 213 15.37 -18.57 -0.46
CA VAL A 213 15.96 -17.33 0.03
C VAL A 213 16.79 -17.75 1.24
N VAL A 214 18.01 -17.25 1.33
CA VAL A 214 18.86 -17.60 2.46
C VAL A 214 19.30 -16.32 3.16
N GLY A 215 19.51 -16.40 4.47
CA GLY A 215 19.93 -15.23 5.22
C GLY A 215 19.96 -15.52 6.71
N ASP A 216 20.00 -14.47 7.53
CA ASP A 216 20.02 -14.64 8.98
C ASP A 216 18.67 -15.13 9.47
N ARG A 217 18.65 -15.69 10.68
CA ARG A 217 17.41 -16.21 11.26
C ARG A 217 16.29 -15.18 11.41
N ASP A 218 16.61 -13.99 11.93
CA ASP A 218 15.57 -12.98 12.11
C ASP A 218 15.01 -12.52 10.77
N PHE A 219 15.89 -12.39 9.77
CA PHE A 219 15.48 -11.97 8.44
C PHE A 219 14.55 -13.02 7.82
N ILE A 220 14.93 -14.29 7.93
CA ILE A 220 14.14 -15.37 7.37
C ILE A 220 12.79 -15.50 8.08
N GLU A 221 12.74 -15.20 9.37
CA GLU A 221 11.47 -15.27 10.10
C GLU A 221 10.53 -14.21 9.54
N ARG A 222 11.05 -13.02 9.25
CA ARG A 222 10.25 -11.94 8.70
C ARG A 222 9.81 -12.30 7.28
N ALA A 223 10.72 -12.90 6.52
CA ALA A 223 10.41 -13.29 5.15
C ALA A 223 9.35 -14.39 5.13
N ARG A 224 9.41 -15.27 6.12
CA ARG A 224 8.45 -16.37 6.22
C ARG A 224 7.05 -15.82 6.49
N LYS A 225 6.95 -14.77 7.29
CA LYS A 225 5.64 -14.18 7.58
C LYS A 225 5.14 -13.48 6.30
N ALA A 226 6.07 -12.86 5.57
CA ALA A 226 5.72 -12.19 4.33
C ALA A 226 5.22 -13.23 3.33
N ARG A 227 5.85 -14.40 3.33
CA ARG A 227 5.45 -15.47 2.43
C ARG A 227 4.00 -15.90 2.73
N LYS A 228 3.66 -15.96 4.02
CA LYS A 228 2.32 -16.34 4.41
C LYS A 228 1.34 -15.29 3.90
N MSE A 229 1.69 -14.03 4.06
CA MSE A 229 0.84 -12.94 3.61
C MSE A 229 0.62 -12.97 2.10
O MSE A 229 -0.50 -12.75 1.62
CB MSE A 229 1.44 -11.58 3.99
CG MSE A 229 0.57 -10.40 3.60
SE MSE A 229 1.48 -8.72 3.80
CE MSE A 229 1.58 -8.69 5.73
N LEU A 230 1.69 -13.24 1.35
CA LEU A 230 1.62 -13.28 -0.10
C LEU A 230 0.91 -14.50 -0.69
N GLY A 231 0.75 -15.54 0.13
CA GLY A 231 0.09 -16.73 -0.35
C GLY A 231 1.04 -17.87 -0.71
N GLY A 232 2.28 -17.79 -0.24
CA GLY A 232 3.25 -18.83 -0.53
C GLY A 232 3.33 -19.91 0.55
N GLY A 233 2.48 -19.80 1.56
CA GLY A 233 2.49 -20.80 2.63
C GLY A 233 1.69 -22.04 2.21
N MSE A 234 2.39 -23.02 1.67
CA MSE A 234 1.77 -24.25 1.20
C MSE A 234 1.69 -25.31 2.29
O MSE A 234 2.16 -25.11 3.41
CB MSE A 234 2.56 -24.78 0.00
CG MSE A 234 2.66 -23.76 -1.13
SE MSE A 234 3.94 -24.20 -2.50
CE MSE A 234 5.55 -23.61 -1.61
N ARG A 235 1.08 -26.45 1.95
CA ARG A 235 0.95 -27.55 2.92
C ARG A 235 2.04 -28.60 2.71
N GLN A 236 1.70 -29.72 2.06
CA GLN A 236 2.67 -30.79 1.84
C GLN A 236 3.59 -30.49 0.65
N ALA A 237 4.34 -29.39 0.75
CA ALA A 237 5.24 -28.98 -0.31
C ALA A 237 6.49 -29.84 -0.42
N GLY A 238 6.57 -30.87 0.43
CA GLY A 238 7.73 -31.75 0.38
C GLY A 238 7.86 -32.43 -0.97
N VAL A 239 6.75 -32.56 -1.69
CA VAL A 239 6.80 -33.18 -3.01
C VAL A 239 7.70 -32.34 -3.91
N LEU A 240 7.54 -31.02 -3.85
CA LEU A 240 8.35 -30.11 -4.65
C LEU A 240 9.78 -30.08 -4.10
N ALA A 241 9.90 -30.04 -2.78
CA ALA A 241 11.20 -29.98 -2.13
C ALA A 241 12.09 -31.19 -2.43
N ALA A 242 11.47 -32.33 -2.71
CA ALA A 242 12.23 -33.54 -3.02
C ALA A 242 13.03 -33.31 -4.30
N ALA A 243 12.39 -32.71 -5.30
CA ALA A 243 13.05 -32.43 -6.56
C ALA A 243 14.06 -31.31 -6.33
N GLY A 244 13.70 -30.38 -5.44
CA GLY A 244 14.57 -29.26 -5.12
C GLY A 244 15.91 -29.69 -4.53
N ILE A 245 15.89 -30.71 -3.67
CA ILE A 245 17.12 -31.20 -3.06
C ILE A 245 18.06 -31.73 -4.14
N ILE A 246 17.50 -32.49 -5.08
CA ILE A 246 18.30 -33.06 -6.16
C ILE A 246 18.87 -31.95 -7.05
N ALA A 247 18.07 -30.93 -7.31
CA ALA A 247 18.51 -29.80 -8.13
C ALA A 247 19.70 -29.10 -7.49
N LEU A 248 19.60 -28.82 -6.20
CA LEU A 248 20.66 -28.12 -5.47
C LEU A 248 21.92 -28.95 -5.28
N THR A 249 21.75 -30.21 -4.91
CA THR A 249 22.88 -31.10 -4.64
C THR A 249 23.53 -31.84 -5.80
N LYS A 250 22.80 -32.04 -6.90
CA LYS A 250 23.37 -32.80 -8.02
C LYS A 250 23.33 -32.19 -9.42
N MSE A 251 22.65 -31.07 -9.59
CA MSE A 251 22.55 -30.48 -10.92
C MSE A 251 23.40 -29.25 -11.18
O MSE A 251 23.32 -28.65 -12.25
CB MSE A 251 21.08 -30.14 -11.22
CG MSE A 251 20.14 -31.33 -11.08
SE MSE A 251 20.57 -32.77 -12.30
CE MSE A 251 19.78 -32.03 -13.91
N VAL A 252 24.24 -28.88 -10.21
CA VAL A 252 25.08 -27.69 -10.37
C VAL A 252 26.25 -27.86 -11.33
N ASP A 253 27.07 -28.88 -11.10
CA ASP A 253 28.24 -29.10 -11.95
C ASP A 253 27.96 -29.12 -13.44
N ARG A 254 26.91 -29.82 -13.86
CA ARG A 254 26.59 -29.91 -15.28
C ARG A 254 26.23 -28.58 -15.95
N LEU A 255 26.07 -27.52 -15.16
CA LEU A 255 25.74 -26.22 -15.75
C LEU A 255 26.82 -25.84 -16.74
N LYS A 256 28.02 -26.37 -16.51
CA LYS A 256 29.15 -26.11 -17.40
C LYS A 256 28.83 -26.53 -18.83
N GLU A 257 28.07 -27.62 -18.97
CA GLU A 257 27.68 -28.11 -20.28
C GLU A 257 26.82 -27.09 -21.03
N ASP A 258 25.92 -26.42 -20.29
CA ASP A 258 25.06 -25.42 -20.89
C ASP A 258 25.90 -24.26 -21.41
N HIS A 259 26.92 -23.90 -20.63
CA HIS A 259 27.82 -22.81 -21.00
C HIS A 259 28.58 -23.20 -22.29
N GLU A 260 29.07 -24.43 -22.33
CA GLU A 260 29.81 -24.92 -23.50
C GLU A 260 28.92 -24.93 -24.74
N ASN A 261 27.69 -25.41 -24.57
CA ASN A 261 26.74 -25.49 -25.67
C ASN A 261 26.38 -24.10 -26.20
N ALA A 262 26.23 -23.13 -25.30
CA ALA A 262 25.89 -21.78 -25.70
C ALA A 262 27.03 -21.18 -26.53
N ARG A 263 28.27 -21.37 -26.07
CA ARG A 263 29.41 -20.83 -26.79
C ARG A 263 29.54 -21.50 -28.15
N PHE A 264 29.38 -22.81 -28.19
CA PHE A 264 29.47 -23.56 -29.44
C PHE A 264 28.39 -23.05 -30.40
N LEU A 265 27.18 -22.90 -29.89
CA LEU A 265 26.08 -22.40 -30.69
C LEU A 265 26.41 -21.02 -31.26
N ALA A 266 26.97 -20.14 -30.43
CA ALA A 266 27.31 -18.79 -30.86
C ALA A 266 28.38 -18.78 -31.94
N LEU A 267 29.46 -19.52 -31.70
CA LEU A 267 30.56 -19.58 -32.66
C LEU A 267 30.08 -20.03 -34.03
N LYS A 268 29.24 -21.07 -34.06
CA LYS A 268 28.72 -21.59 -35.32
C LYS A 268 27.73 -20.65 -36.00
N LEU A 269 26.90 -19.98 -35.20
CA LEU A 269 25.93 -19.04 -35.77
C LEU A 269 26.69 -17.92 -36.48
N LYS A 270 27.78 -17.47 -35.86
CA LYS A 270 28.58 -16.41 -36.45
C LYS A 270 29.17 -16.91 -37.77
N GLU A 271 29.65 -18.16 -37.75
CA GLU A 271 30.23 -18.78 -38.95
C GLU A 271 29.24 -18.79 -40.10
N ILE A 272 27.97 -19.05 -39.78
CA ILE A 272 26.92 -19.11 -40.77
C ILE A 272 26.70 -17.72 -41.39
N GLY A 273 26.77 -16.69 -40.54
CA GLY A 273 26.57 -15.33 -41.03
C GLY A 273 25.62 -14.53 -40.15
N TYR A 274 25.15 -15.13 -39.06
CA TYR A 274 24.24 -14.43 -38.16
C TYR A 274 25.00 -13.40 -37.34
N SER A 275 24.30 -12.35 -36.95
CA SER A 275 24.88 -11.28 -36.16
C SER A 275 24.91 -11.65 -34.69
N VAL A 276 25.96 -12.38 -34.31
CA VAL A 276 26.15 -12.80 -32.92
C VAL A 276 27.58 -12.49 -32.53
N ASN A 277 27.80 -12.23 -31.24
CA ASN A 277 29.13 -11.94 -30.73
C ASN A 277 29.53 -13.02 -29.74
N PRO A 278 30.18 -14.09 -30.22
CA PRO A 278 30.61 -15.19 -29.35
C PRO A 278 31.39 -14.72 -28.14
N GLU A 279 32.10 -13.60 -28.28
CA GLU A 279 32.89 -13.06 -27.18
C GLU A 279 32.01 -12.63 -26.00
N ASP A 280 30.75 -12.28 -26.29
CA ASP A 280 29.82 -11.85 -25.24
C ASP A 280 29.13 -13.00 -24.51
N VAL A 281 29.31 -14.22 -25.01
CA VAL A 281 28.67 -15.39 -24.41
C VAL A 281 29.48 -15.91 -23.23
N LYS A 282 29.06 -15.51 -22.03
CA LYS A 282 29.74 -15.87 -20.79
C LYS A 282 29.09 -17.01 -20.02
N THR A 283 27.77 -17.15 -20.14
CA THR A 283 27.08 -18.23 -19.46
C THR A 283 26.20 -19.01 -20.44
N ASN A 284 24.90 -19.12 -20.17
CA ASN A 284 24.04 -19.90 -21.05
C ASN A 284 23.13 -19.11 -21.99
N MSE A 285 23.50 -17.87 -22.30
CA MSE A 285 22.68 -17.04 -23.17
C MSE A 285 23.41 -16.47 -24.38
O MSE A 285 24.57 -16.05 -24.28
CB MSE A 285 22.08 -15.89 -22.38
CG MSE A 285 21.21 -16.33 -21.23
SE MSE A 285 20.36 -14.84 -20.37
CE MSE A 285 19.58 -15.80 -18.90
N VAL A 286 22.71 -16.46 -25.51
CA VAL A 286 23.27 -15.92 -26.75
C VAL A 286 22.28 -14.92 -27.33
N ILE A 287 22.76 -13.72 -27.63
CA ILE A 287 21.92 -12.68 -28.21
C ILE A 287 22.16 -12.63 -29.72
N LEU A 288 21.09 -12.77 -30.49
CA LEU A 288 21.16 -12.76 -31.94
C LEU A 288 20.44 -11.54 -32.52
N ARG A 289 21.16 -10.71 -33.25
CA ARG A 289 20.58 -9.52 -33.87
C ARG A 289 20.03 -9.91 -35.24
N THR A 290 18.97 -9.24 -35.67
CA THR A 290 18.34 -9.57 -36.95
C THR A 290 18.46 -8.46 -38.01
N ASP A 291 19.28 -7.45 -37.74
CA ASP A 291 19.46 -6.33 -38.67
C ASP A 291 19.80 -6.70 -40.10
N ASN A 292 20.55 -7.78 -40.30
CA ASN A 292 20.92 -8.18 -41.65
C ASN A 292 19.95 -9.15 -42.30
N LEU A 293 18.88 -9.52 -41.58
CA LEU A 293 17.90 -10.47 -42.12
C LEU A 293 16.73 -9.75 -42.80
N LYS A 294 16.07 -10.45 -43.72
CA LYS A 294 14.95 -9.87 -44.47
C LYS A 294 13.69 -9.64 -43.63
N VAL A 295 13.63 -10.27 -42.46
CA VAL A 295 12.50 -10.09 -41.55
C VAL A 295 13.07 -9.73 -40.18
N ASN A 296 12.27 -9.08 -39.35
CA ASN A 296 12.69 -8.67 -38.01
C ASN A 296 12.66 -9.85 -37.06
N ALA A 297 12.95 -9.58 -35.78
CA ALA A 297 12.98 -10.62 -34.76
C ALA A 297 11.68 -11.41 -34.63
N HIS A 298 10.55 -10.71 -34.67
CA HIS A 298 9.28 -11.41 -34.53
C HIS A 298 9.01 -12.29 -35.74
N GLY A 299 9.34 -11.80 -36.92
CA GLY A 299 9.14 -12.60 -38.12
C GLY A 299 10.07 -13.78 -38.16
N PHE A 300 11.30 -13.58 -37.68
CA PHE A 300 12.28 -14.66 -37.70
C PHE A 300 11.91 -15.74 -36.68
N ILE A 301 11.40 -15.31 -35.52
CA ILE A 301 10.98 -16.24 -34.47
C ILE A 301 9.91 -17.18 -35.03
N GLU A 302 9.03 -16.66 -35.89
CA GLU A 302 7.98 -17.49 -36.47
C GLU A 302 8.55 -18.49 -37.47
N ALA A 303 9.56 -18.08 -38.23
CA ALA A 303 10.18 -18.97 -39.21
C ALA A 303 10.89 -20.08 -38.44
N LEU A 304 11.52 -19.73 -37.32
CA LEU A 304 12.23 -20.71 -36.51
C LEU A 304 11.24 -21.74 -35.96
N ARG A 305 10.11 -21.27 -35.45
CA ARG A 305 9.10 -22.17 -34.91
C ARG A 305 8.63 -23.16 -35.97
N ASN A 306 8.43 -22.66 -37.19
CA ASN A 306 8.00 -23.53 -38.28
C ASN A 306 9.00 -24.64 -38.53
N SER A 307 10.29 -24.36 -38.30
CA SER A 307 11.32 -25.36 -38.52
C SER A 307 11.65 -26.19 -37.28
N GLY A 308 10.93 -25.94 -36.18
CA GLY A 308 11.16 -26.71 -34.97
C GLY A 308 12.05 -26.11 -33.90
N VAL A 309 12.30 -24.80 -33.98
CA VAL A 309 13.13 -24.14 -32.97
C VAL A 309 12.35 -23.03 -32.29
N LEU A 310 12.32 -23.06 -30.96
CA LEU A 310 11.61 -22.04 -30.20
C LEU A 310 12.59 -21.07 -29.56
N ALA A 311 12.29 -19.78 -29.67
CA ALA A 311 13.12 -18.74 -29.09
C ALA A 311 12.25 -17.51 -28.89
N ASN A 312 12.73 -16.55 -28.09
CA ASN A 312 11.98 -15.34 -27.84
C ASN A 312 12.65 -14.10 -28.40
N ALA A 313 11.83 -13.15 -28.85
CA ALA A 313 12.35 -11.90 -29.37
C ALA A 313 12.35 -10.99 -28.14
N VAL A 314 13.44 -10.28 -27.90
CA VAL A 314 13.50 -9.39 -26.74
C VAL A 314 13.38 -7.93 -27.19
N SER A 315 13.33 -7.73 -28.49
CA SER A 315 13.17 -6.42 -29.08
C SER A 315 12.84 -6.66 -30.54
N ASP A 316 12.61 -5.60 -31.30
CA ASP A 316 12.29 -5.75 -32.70
C ASP A 316 13.48 -6.27 -33.52
N THR A 317 14.68 -6.16 -32.97
CA THR A 317 15.87 -6.59 -33.69
C THR A 317 16.76 -7.56 -32.94
N GLU A 318 16.25 -8.13 -31.85
CA GLU A 318 17.04 -9.07 -31.05
C GLU A 318 16.27 -10.30 -30.61
N ILE A 319 16.96 -11.43 -30.64
CA ILE A 319 16.40 -12.71 -30.22
C ILE A 319 17.35 -13.27 -29.18
N ARG A 320 16.81 -13.88 -28.14
CA ARG A 320 17.64 -14.46 -27.10
C ARG A 320 17.55 -15.99 -27.18
N LEU A 321 18.70 -16.64 -27.15
CA LEU A 321 18.76 -18.10 -27.20
C LEU A 321 19.34 -18.54 -25.87
N VAL A 322 18.65 -19.45 -25.19
CA VAL A 322 19.12 -19.91 -23.89
C VAL A 322 19.29 -21.43 -23.87
N THR A 323 20.45 -21.89 -23.41
CA THR A 323 20.70 -23.34 -23.34
C THR A 323 20.42 -23.84 -21.93
N HIS A 324 20.18 -25.15 -21.83
CA HIS A 324 19.86 -25.76 -20.55
C HIS A 324 19.90 -27.28 -20.71
N LYS A 325 19.66 -27.97 -19.60
CA LYS A 325 19.69 -29.43 -19.59
C LYS A 325 18.89 -30.10 -20.70
N ASP A 326 17.74 -29.54 -21.07
CA ASP A 326 16.97 -30.18 -22.11
C ASP A 326 17.32 -29.78 -23.55
N VAL A 327 18.52 -29.23 -23.70
CA VAL A 327 19.06 -28.87 -25.01
C VAL A 327 20.43 -29.55 -25.06
N SER A 328 20.50 -30.71 -25.71
CA SER A 328 21.76 -31.45 -25.81
C SER A 328 22.63 -30.93 -26.95
N ARG A 329 23.86 -31.44 -27.03
CA ARG A 329 24.75 -31.01 -28.10
C ARG A 329 24.12 -31.44 -29.42
N ASN A 330 23.44 -32.59 -29.43
CA ASN A 330 22.77 -33.07 -30.64
C ASN A 330 21.69 -32.09 -31.04
N ASP A 331 20.98 -31.55 -30.04
CA ASP A 331 19.93 -30.59 -30.32
C ASP A 331 20.54 -29.30 -30.86
N ILE A 332 21.70 -28.93 -30.33
CA ILE A 332 22.40 -27.73 -30.79
C ILE A 332 22.79 -27.91 -32.25
N GLU A 333 23.34 -29.08 -32.57
CA GLU A 333 23.76 -29.37 -33.94
C GLU A 333 22.56 -29.38 -34.88
N GLU A 334 21.44 -29.92 -34.43
CA GLU A 334 20.24 -29.95 -35.26
C GLU A 334 19.72 -28.53 -35.46
N ALA A 335 19.73 -27.74 -34.38
CA ALA A 335 19.28 -26.36 -34.46
C ALA A 335 20.15 -25.61 -35.47
N LEU A 336 21.46 -25.86 -35.42
CA LEU A 336 22.37 -25.20 -36.34
C LEU A 336 22.06 -25.52 -37.80
N ASN A 337 21.67 -26.76 -38.09
CA ASN A 337 21.33 -27.11 -39.46
C ASN A 337 20.12 -26.29 -39.88
N ILE A 338 19.19 -26.08 -38.95
CA ILE A 338 17.99 -25.30 -39.23
C ILE A 338 18.36 -23.83 -39.44
N PHE A 339 19.23 -23.30 -38.59
CA PHE A 339 19.67 -21.91 -38.73
C PHE A 339 20.39 -21.75 -40.07
N GLU A 340 21.16 -22.76 -40.46
CA GLU A 340 21.87 -22.70 -41.73
C GLU A 340 20.87 -22.56 -42.87
N LYS A 341 19.87 -23.43 -42.90
CA LYS A 341 18.87 -23.37 -43.96
C LYS A 341 18.08 -22.07 -43.96
N LEU A 342 17.82 -21.52 -42.79
CA LEU A 342 17.06 -20.27 -42.71
C LEU A 342 17.89 -19.07 -43.16
N PHE A 343 19.20 -19.14 -42.98
CA PHE A 343 20.06 -18.03 -43.38
C PHE A 343 20.00 -17.91 -44.90
N ARG A 344 19.93 -19.04 -45.59
CA ARG A 344 19.85 -19.05 -47.05
C ARG A 344 18.57 -18.38 -47.51
N LYS A 345 17.52 -18.51 -46.71
CA LYS A 345 16.23 -17.93 -47.05
C LYS A 345 16.03 -16.48 -46.64
N PHE A 346 16.53 -16.10 -45.47
CA PHE A 346 16.32 -14.75 -44.95
C PHE A 346 17.49 -13.76 -44.94
N SER A 347 18.67 -14.18 -45.37
CA SER A 347 19.80 -13.25 -45.38
C SER A 347 19.57 -12.21 -46.48
N MSE B 5 -30.25 30.67 8.52
CA MSE B 5 -30.14 29.20 8.83
C MSE B 5 -29.48 28.98 10.20
O MSE B 5 -28.44 29.58 10.49
CB MSE B 5 -29.30 28.49 7.76
CG MSE B 5 -29.88 28.53 6.36
SE MSE B 5 -31.46 27.43 6.19
CE MSE B 5 -30.74 25.99 5.14
N ILE B 6 -30.08 28.13 11.01
CA ILE B 6 -29.52 27.80 12.32
C ILE B 6 -28.77 26.49 12.05
N ASP B 7 -27.44 26.55 12.12
CA ASP B 7 -26.60 25.39 11.82
C ASP B 7 -26.26 24.51 13.01
N LEU B 8 -26.92 23.35 13.10
CA LEU B 8 -26.66 22.40 14.18
C LEU B 8 -26.00 21.14 13.62
N ARG B 9 -25.48 21.23 12.41
CA ARG B 9 -24.84 20.09 11.76
C ARG B 9 -23.57 19.61 12.46
N SER B 10 -22.70 20.55 12.81
CA SER B 10 -21.43 20.20 13.46
C SER B 10 -20.78 21.44 14.02
N ASP B 11 -19.77 21.24 14.88
CA ASP B 11 -19.05 22.37 15.44
C ASP B 11 -17.91 22.77 14.50
N THR B 12 -17.80 22.08 13.37
CA THR B 12 -16.75 22.39 12.39
C THR B 12 -17.07 23.69 11.67
N VAL B 13 -18.34 24.07 11.66
CA VAL B 13 -18.78 25.28 10.98
C VAL B 13 -18.46 26.58 11.70
N THR B 14 -17.84 26.48 12.87
CA THR B 14 -17.49 27.67 13.62
C THR B 14 -16.61 28.61 12.80
N LYS B 15 -16.90 29.90 12.88
CA LYS B 15 -16.14 30.91 12.14
C LYS B 15 -15.21 31.67 13.08
N PRO B 16 -14.12 32.23 12.53
CA PRO B 16 -13.12 32.99 13.29
C PRO B 16 -13.70 34.17 14.07
N THR B 17 -13.18 34.38 15.28
CA THR B 17 -13.61 35.51 16.10
C THR B 17 -12.87 36.72 15.57
N GLU B 18 -13.28 37.92 15.95
CA GLU B 18 -12.60 39.12 15.47
C GLU B 18 -11.14 39.13 15.94
N GLU B 19 -10.91 38.64 17.15
CA GLU B 19 -9.56 38.57 17.70
C GLU B 19 -8.70 37.69 16.80
N MSE B 20 -9.26 36.60 16.31
CA MSE B 20 -8.53 35.69 15.43
C MSE B 20 -8.22 36.32 14.08
O MSE B 20 -7.11 36.17 13.57
CB MSE B 20 -9.34 34.42 15.18
CG MSE B 20 -9.40 33.49 16.37
SE MSE B 20 -10.43 31.90 15.95
CE MSE B 20 -10.29 31.04 17.66
N ARG B 21 -9.19 37.03 13.50
CA ARG B 21 -8.96 37.67 12.22
C ARG B 21 -7.81 38.68 12.31
N LYS B 22 -7.74 39.42 13.41
CA LYS B 22 -6.68 40.41 13.60
C LYS B 22 -5.33 39.70 13.78
N ALA B 23 -5.34 38.62 14.55
CA ALA B 23 -4.12 37.86 14.81
C ALA B 23 -3.54 37.27 13.53
N MSE B 24 -4.40 36.75 12.67
CA MSE B 24 -3.95 36.16 11.40
C MSE B 24 -3.33 37.22 10.50
O MSE B 24 -2.33 36.99 9.83
CB MSE B 24 -5.11 35.49 10.67
CG MSE B 24 -5.69 34.28 11.38
SE MSE B 24 -7.01 33.37 10.29
CE MSE B 24 -8.57 34.43 10.77
N ALA B 25 -3.96 38.40 10.47
CA ALA B 25 -3.47 39.50 9.64
C ALA B 25 -2.11 40.01 10.10
N GLN B 26 -1.86 39.95 11.41
CA GLN B 26 -0.60 40.42 11.99
C GLN B 26 0.37 39.28 12.30
N ALA B 27 0.04 38.07 11.86
CA ALA B 27 0.87 36.91 12.12
C ALA B 27 2.32 36.99 11.67
N GLU B 28 3.23 36.63 12.58
CA GLU B 28 4.65 36.61 12.28
C GLU B 28 4.87 35.22 11.68
N VAL B 29 5.35 35.17 10.44
CA VAL B 29 5.54 33.89 9.77
C VAL B 29 6.94 33.61 9.28
N GLY B 30 7.12 32.37 8.84
CA GLY B 30 8.40 31.93 8.30
C GLY B 30 8.12 30.67 7.50
N ASP B 31 9.14 30.06 6.91
CA ASP B 31 8.92 28.85 6.13
C ASP B 31 8.93 27.65 7.08
N ASP B 32 7.77 27.04 7.30
CA ASP B 32 7.68 25.90 8.22
C ASP B 32 8.50 24.67 7.82
N VAL B 33 8.75 24.47 6.53
CA VAL B 33 9.53 23.31 6.12
C VAL B 33 10.93 23.40 6.73
N TYR B 34 11.39 24.62 6.99
CA TYR B 34 12.71 24.81 7.61
C TYR B 34 12.55 25.00 9.11
N GLY B 35 11.32 24.84 9.60
CA GLY B 35 11.05 25.01 11.02
C GLY B 35 11.26 26.45 11.44
N GLU B 36 11.03 27.37 10.52
CA GLU B 36 11.24 28.79 10.77
C GLU B 36 10.02 29.68 10.97
N ASP B 37 8.84 29.09 11.10
CA ASP B 37 7.65 29.91 11.34
C ASP B 37 7.49 30.05 12.84
N PRO B 38 7.74 31.26 13.37
CA PRO B 38 7.65 31.57 14.81
C PRO B 38 6.31 31.25 15.47
N THR B 39 5.23 31.54 14.76
CA THR B 39 3.90 31.31 15.30
C THR B 39 3.54 29.84 15.33
N ILE B 40 3.90 29.10 14.28
CA ILE B 40 3.66 27.66 14.25
C ILE B 40 4.49 27.07 15.40
N ASN B 41 5.73 27.53 15.51
CA ASN B 41 6.62 27.02 16.56
C ASN B 41 6.07 27.23 17.96
N GLU B 42 5.47 28.40 18.19
CA GLU B 42 4.90 28.72 19.50
C GLU B 42 3.63 27.89 19.75
N LEU B 43 2.82 27.70 18.71
CA LEU B 43 1.60 26.89 18.86
C LEU B 43 1.99 25.47 19.24
N GLU B 44 3.01 24.93 18.59
CA GLU B 44 3.43 23.57 18.91
C GLU B 44 4.04 23.51 20.32
N ARG B 45 4.81 24.52 20.70
CA ARG B 45 5.41 24.52 22.05
C ARG B 45 4.30 24.56 23.09
N LEU B 46 3.32 25.44 22.86
CA LEU B 46 2.19 25.60 23.76
C LEU B 46 1.34 24.33 23.83
N ALA B 47 1.12 23.72 22.68
CA ALA B 47 0.32 22.49 22.61
C ALA B 47 1.01 21.38 23.39
N ALA B 48 2.31 21.23 23.18
CA ALA B 48 3.08 20.19 23.89
C ALA B 48 3.03 20.42 25.40
N GLU B 49 3.25 21.67 25.81
CA GLU B 49 3.24 22.03 27.23
C GLU B 49 1.88 21.74 27.86
N THR B 50 0.83 22.19 27.18
CA THR B 50 -0.54 22.00 27.65
C THR B 50 -0.87 20.53 27.87
N PHE B 51 -0.39 19.65 26.99
CA PHE B 51 -0.68 18.24 27.13
C PHE B 51 0.37 17.44 27.91
N GLY B 52 1.38 18.13 28.44
CA GLY B 52 2.41 17.47 29.20
C GLY B 52 3.28 16.53 28.38
N LYS B 53 3.54 16.91 27.13
CA LYS B 53 4.37 16.12 26.22
C LYS B 53 5.58 16.93 25.77
N GLU B 54 6.59 16.25 25.27
CA GLU B 54 7.80 16.95 24.83
C GLU B 54 7.74 17.54 23.42
N ALA B 55 6.78 17.15 22.61
CA ALA B 55 6.73 17.68 21.25
C ALA B 55 5.34 17.71 20.63
N ALA B 56 5.19 18.51 19.58
CA ALA B 56 3.90 18.63 18.92
C ALA B 56 4.06 18.94 17.44
N LEU B 57 3.01 18.67 16.69
CA LEU B 57 3.02 18.87 15.25
C LEU B 57 1.68 19.43 14.78
N PHE B 58 1.72 20.54 14.06
CA PHE B 58 0.51 21.15 13.54
C PHE B 58 0.17 20.48 12.20
N VAL B 59 -1.11 20.20 11.98
CA VAL B 59 -1.55 19.56 10.74
C VAL B 59 -2.81 20.25 10.21
N PRO B 60 -3.08 20.13 8.90
CA PRO B 60 -4.24 20.73 8.23
C PRO B 60 -5.62 20.22 8.67
N SER B 61 -5.66 19.02 9.23
CA SER B 61 -6.93 18.45 9.64
C SER B 61 -6.77 17.35 10.67
N GLY B 62 -7.86 17.01 11.35
CA GLY B 62 -7.82 15.96 12.34
C GLY B 62 -7.61 14.61 11.68
N THR B 63 -8.07 14.47 10.44
CA THR B 63 -7.86 13.22 9.71
C THR B 63 -6.36 13.03 9.51
N MSE B 64 -5.64 14.07 9.07
CA MSE B 64 -4.21 13.88 8.88
C MSE B 64 -3.54 13.64 10.23
O MSE B 64 -2.59 12.88 10.32
CB MSE B 64 -3.55 15.09 8.20
CG MSE B 64 -2.20 14.70 7.63
SE MSE B 64 -1.13 16.12 6.91
CE MSE B 64 -2.13 16.45 5.28
N GLY B 65 -4.05 14.28 11.28
CA GLY B 65 -3.49 14.10 12.60
C GLY B 65 -3.54 12.63 13.00
N ASN B 66 -4.69 12.00 12.78
CA ASN B 66 -4.87 10.59 13.11
C ASN B 66 -4.01 9.71 12.20
N GLN B 67 -4.01 10.00 10.91
CA GLN B 67 -3.26 9.19 9.97
C GLN B 67 -1.74 9.26 10.12
N VAL B 68 -1.18 10.44 10.41
CA VAL B 68 0.28 10.49 10.58
C VAL B 68 0.65 9.78 11.87
N SER B 69 -0.26 9.80 12.84
CA SER B 69 -0.01 9.13 14.11
C SER B 69 0.00 7.63 13.86
N ILE B 70 -0.97 7.14 13.08
CA ILE B 70 -1.02 5.72 12.78
C ILE B 70 0.25 5.30 12.03
N MSE B 71 0.64 6.09 11.03
CA MSE B 71 1.84 5.79 10.27
C MSE B 71 3.08 5.76 11.16
O MSE B 71 3.92 4.86 11.05
CB MSE B 71 2.04 6.83 9.17
CG MSE B 71 0.90 6.89 8.16
SE MSE B 71 1.22 8.24 6.84
CE MSE B 71 3.06 7.69 6.42
N ALA B 72 3.17 6.72 12.08
CA ALA B 72 4.31 6.82 12.98
C ALA B 72 4.36 5.74 14.06
N HIS B 73 3.22 5.13 14.36
CA HIS B 73 3.14 4.08 15.39
C HIS B 73 3.18 2.66 14.83
N THR B 74 2.97 2.52 13.53
CA THR B 74 2.87 1.18 12.94
C THR B 74 3.78 0.83 11.77
N GLN B 75 3.75 -0.44 11.40
CA GLN B 75 4.50 -0.98 10.28
C GLN B 75 3.46 -1.66 9.39
N ARG B 76 3.78 -1.85 8.12
CA ARG B 76 2.84 -2.50 7.21
C ARG B 76 2.38 -3.86 7.74
N GLY B 77 1.08 -4.13 7.62
CA GLY B 77 0.55 -5.39 8.07
C GLY B 77 0.14 -5.45 9.55
N ASP B 78 0.42 -4.39 10.30
CA ASP B 78 0.06 -4.36 11.71
C ASP B 78 -1.45 -4.24 11.86
N GLU B 79 -1.93 -4.44 13.08
CA GLU B 79 -3.34 -4.31 13.38
C GLU B 79 -3.48 -3.17 14.38
N VAL B 80 -4.58 -2.43 14.26
CA VAL B 80 -4.86 -1.31 15.14
C VAL B 80 -6.19 -1.55 15.83
N ILE B 81 -6.15 -1.69 17.15
CA ILE B 81 -7.38 -1.89 17.91
C ILE B 81 -8.05 -0.52 18.05
N LEU B 82 -9.35 -0.46 17.77
CA LEU B 82 -10.08 0.79 17.91
C LEU B 82 -11.55 0.50 18.19
N GLU B 83 -12.26 1.51 18.69
CA GLU B 83 -13.66 1.36 19.03
C GLU B 83 -14.51 1.14 17.78
N ALA B 84 -15.43 0.19 17.88
CA ALA B 84 -16.30 -0.20 16.76
C ALA B 84 -17.02 0.91 16.00
N ASP B 85 -17.30 2.01 16.67
CA ASP B 85 -17.99 3.13 16.02
C ASP B 85 -17.14 4.39 15.96
N SER B 86 -15.82 4.21 15.96
CA SER B 86 -14.91 5.35 15.94
C SER B 86 -14.73 6.01 14.57
N HIS B 87 -14.38 7.29 14.62
CA HIS B 87 -14.17 8.09 13.41
C HIS B 87 -13.09 7.55 12.48
N ILE B 88 -12.00 7.07 13.05
CA ILE B 88 -10.91 6.53 12.25
C ILE B 88 -11.38 5.35 11.39
N PHE B 89 -12.26 4.55 11.96
CA PHE B 89 -12.78 3.36 11.29
C PHE B 89 -13.90 3.66 10.29
N TRP B 90 -14.74 4.64 10.60
CA TRP B 90 -15.87 4.97 9.74
C TRP B 90 -15.82 6.18 8.83
N TYR B 91 -15.14 7.24 9.26
CA TYR B 91 -15.12 8.48 8.50
C TYR B 91 -13.80 8.98 7.93
N GLU B 92 -12.80 8.12 7.85
CA GLU B 92 -11.53 8.58 7.32
C GLU B 92 -11.08 7.92 6.01
N VAL B 93 -12.07 7.76 5.12
CA VAL B 93 -11.87 7.23 3.77
C VAL B 93 -11.01 5.98 3.64
N GLY B 94 -10.98 5.15 4.68
CA GLY B 94 -10.18 3.95 4.62
C GLY B 94 -8.68 4.25 4.51
N ALA B 95 -8.31 5.46 4.93
CA ALA B 95 -6.92 5.90 4.86
C ALA B 95 -5.92 4.99 5.57
N MSE B 96 -6.31 4.43 6.71
CA MSE B 96 -5.38 3.59 7.46
C MSE B 96 -4.87 2.41 6.64
O MSE B 96 -3.71 2.02 6.75
CB MSE B 96 -6.02 3.11 8.77
CG MSE B 96 -7.21 2.18 8.62
SE MSE B 96 -8.12 1.92 10.31
CE MSE B 96 -6.73 0.98 11.24
N ALA B 97 -5.73 1.85 5.79
CA ALA B 97 -5.33 0.72 4.97
C ALA B 97 -4.45 1.17 3.80
N VAL B 98 -4.80 2.29 3.19
CA VAL B 98 -4.04 2.79 2.06
C VAL B 98 -2.68 3.39 2.43
N LEU B 99 -2.68 4.28 3.41
CA LEU B 99 -1.44 4.94 3.81
C LEU B 99 -0.49 4.11 4.65
N SER B 100 -1.03 3.38 5.63
CA SER B 100 -0.21 2.59 6.53
C SER B 100 -0.26 1.08 6.28
N GLY B 101 -1.17 0.64 5.44
CA GLY B 101 -1.28 -0.79 5.16
C GLY B 101 -1.58 -1.58 6.41
N VAL B 102 -2.40 -1.01 7.29
CA VAL B 102 -2.77 -1.70 8.53
C VAL B 102 -4.24 -2.10 8.57
N MSE B 103 -4.52 -3.11 9.39
CA MSE B 103 -5.86 -3.67 9.56
C MSE B 103 -6.54 -3.15 10.81
O MSE B 103 -5.93 -3.11 11.88
CB MSE B 103 -5.77 -5.19 9.67
CG MSE B 103 -5.37 -5.90 8.42
SE MSE B 103 -6.91 -6.09 7.28
CE MSE B 103 -7.84 -7.39 8.33
N PRO B 104 -7.81 -2.75 10.71
CA PRO B 104 -8.53 -2.27 11.89
C PRO B 104 -9.04 -3.49 12.65
N HIS B 105 -9.01 -3.45 13.98
CA HIS B 105 -9.50 -4.55 14.79
C HIS B 105 -10.55 -3.91 15.70
N PRO B 106 -11.80 -3.84 15.23
CA PRO B 106 -12.94 -3.26 15.95
C PRO B 106 -13.28 -3.94 17.26
N VAL B 107 -13.50 -3.14 18.29
CA VAL B 107 -13.87 -3.65 19.60
C VAL B 107 -15.09 -2.86 20.03
N PRO B 108 -16.18 -3.56 20.37
CA PRO B 108 -17.41 -2.90 20.80
C PRO B 108 -17.11 -2.06 22.03
N GLY B 109 -17.78 -0.92 22.13
CA GLY B 109 -17.58 -0.07 23.29
C GLY B 109 -18.90 0.43 23.80
N LYS B 110 -18.94 0.84 25.06
CA LYS B 110 -20.16 1.39 25.64
C LYS B 110 -19.92 2.89 25.74
N ASN B 111 -20.54 3.64 24.85
CA ASN B 111 -20.38 5.09 24.81
C ASN B 111 -18.90 5.45 24.73
N GLY B 112 -18.18 4.79 23.82
CA GLY B 112 -16.76 5.06 23.63
C GLY B 112 -15.80 4.29 24.52
N ALA B 113 -16.31 3.69 25.59
CA ALA B 113 -15.45 2.95 26.50
C ALA B 113 -15.36 1.46 26.20
N MSE B 114 -14.25 1.04 25.61
CA MSE B 114 -14.06 -0.38 25.30
C MSE B 114 -13.75 -1.09 26.63
O MSE B 114 -12.96 -0.59 27.42
CB MSE B 114 -12.87 -0.58 24.35
CG MSE B 114 -13.06 0.05 22.97
SE MSE B 114 -11.49 -0.17 21.86
CE MSE B 114 -10.38 1.23 22.62
N ASP B 115 -14.39 -2.21 26.87
CA ASP B 115 -14.13 -2.94 28.11
C ASP B 115 -12.66 -3.38 28.06
N PRO B 116 -11.89 -3.04 29.10
CA PRO B 116 -10.47 -3.42 29.15
C PRO B 116 -10.24 -4.90 28.87
N ASP B 117 -11.11 -5.75 29.37
CA ASP B 117 -10.97 -7.18 29.14
C ASP B 117 -11.11 -7.52 27.65
N ASP B 118 -12.00 -6.81 26.96
CA ASP B 118 -12.18 -7.04 25.52
C ASP B 118 -10.94 -6.58 24.76
N VAL B 119 -10.33 -5.49 25.23
CA VAL B 119 -9.12 -4.99 24.59
C VAL B 119 -8.02 -6.03 24.75
N ARG B 120 -7.93 -6.59 25.95
CA ARG B 120 -6.92 -7.60 26.24
C ARG B 120 -7.04 -8.79 25.29
N LYS B 121 -8.27 -9.23 25.04
CA LYS B 121 -8.53 -10.37 24.15
C LYS B 121 -8.34 -10.03 22.68
N ALA B 122 -8.41 -8.75 22.35
CA ALA B 122 -8.26 -8.28 20.98
C ALA B 122 -6.81 -8.25 20.52
N ILE B 123 -5.88 -8.30 21.47
CA ILE B 123 -4.46 -8.28 21.14
C ILE B 123 -4.13 -9.63 20.51
N ARG B 124 -3.53 -9.60 19.33
CA ARG B 124 -3.20 -10.82 18.60
C ARG B 124 -2.06 -11.64 19.20
N PRO B 125 -2.23 -12.96 19.27
CA PRO B 125 -1.16 -13.80 19.81
C PRO B 125 -0.05 -13.80 18.77
N ARG B 126 1.16 -14.18 19.16
CA ARG B 126 2.26 -14.25 18.22
C ARG B 126 2.04 -15.48 17.34
N ASN B 127 1.62 -15.26 16.10
CA ASN B 127 1.38 -16.38 15.19
C ASN B 127 1.53 -15.92 13.74
N ILE B 128 2.04 -16.81 12.89
CA ILE B 128 2.27 -16.46 11.50
C ILE B 128 1.02 -16.00 10.74
N HIS B 129 -0.16 -16.49 11.15
CA HIS B 129 -1.41 -16.10 10.48
C HIS B 129 -1.90 -14.73 10.90
N PHE B 130 -1.43 -14.24 12.04
CA PHE B 130 -1.91 -12.96 12.58
C PHE B 130 -1.00 -11.73 12.51
N PRO B 131 -1.59 -10.57 12.22
CA PRO B 131 -0.81 -9.33 12.15
C PRO B 131 -0.40 -9.01 13.59
N ARG B 132 0.58 -8.14 13.76
CA ARG B 132 1.00 -7.76 15.10
C ARG B 132 0.18 -6.57 15.55
N THR B 133 -0.38 -6.65 16.75
CA THR B 133 -1.16 -5.55 17.30
C THR B 133 -0.14 -4.54 17.82
N SER B 134 -0.06 -3.37 17.19
CA SER B 134 0.93 -2.39 17.61
C SER B 134 0.33 -1.07 18.08
N LEU B 135 -0.97 -0.92 17.97
CA LEU B 135 -1.61 0.33 18.36
C LEU B 135 -3.06 0.15 18.82
N ILE B 136 -3.43 0.91 19.84
CA ILE B 136 -4.79 0.92 20.36
C ILE B 136 -5.18 2.39 20.30
N ALA B 137 -6.32 2.68 19.67
CA ALA B 137 -6.80 4.04 19.57
C ALA B 137 -8.07 4.20 20.41
N ILE B 138 -8.16 5.34 21.09
CA ILE B 138 -9.29 5.66 21.95
C ILE B 138 -9.78 7.05 21.53
N GLU B 139 -11.09 7.20 21.38
CA GLU B 139 -11.68 8.46 20.97
C GLU B 139 -12.37 9.13 22.14
N ASN B 140 -11.91 10.31 22.58
CA ASN B 140 -12.59 10.91 23.72
C ASN B 140 -13.55 12.05 23.41
N THR B 141 -14.76 11.76 23.85
CA THR B 141 -16.01 12.44 23.64
C THR B 141 -16.04 11.65 22.35
N HIS B 142 -16.71 10.53 22.47
CA HIS B 142 -16.89 9.61 21.38
C HIS B 142 -18.03 10.24 20.60
N ASN B 143 -17.78 10.57 19.35
CA ASN B 143 -18.77 11.22 18.51
C ASN B 143 -20.06 10.44 18.29
N ARG B 144 -19.96 9.29 17.65
CA ARG B 144 -21.12 8.46 17.33
C ARG B 144 -22.10 8.15 18.45
N SER B 145 -21.60 8.03 19.69
CA SER B 145 -22.48 7.73 20.81
C SER B 145 -23.14 8.99 21.37
N GLY B 146 -22.88 10.14 20.74
CA GLY B 146 -23.47 11.38 21.19
C GLY B 146 -22.55 12.31 21.97
N GLY B 147 -21.27 12.32 21.63
CA GLY B 147 -20.33 13.18 22.34
C GLY B 147 -20.15 12.72 23.77
N ARG B 148 -20.07 11.41 23.96
CA ARG B 148 -19.91 10.83 25.28
C ARG B 148 -18.48 10.93 25.80
N VAL B 149 -18.34 11.06 27.11
CA VAL B 149 -17.03 11.18 27.72
C VAL B 149 -16.50 9.83 28.19
N VAL B 150 -15.30 9.46 27.72
CA VAL B 150 -14.69 8.20 28.11
C VAL B 150 -14.03 8.44 29.48
N PRO B 151 -14.39 7.62 30.49
CA PRO B 151 -13.81 7.77 31.84
C PRO B 151 -12.30 7.67 31.86
N LEU B 152 -11.67 8.46 32.73
CA LEU B 152 -10.22 8.44 32.83
C LEU B 152 -9.76 7.04 33.25
N GLU B 153 -10.56 6.40 34.11
CA GLU B 153 -10.21 5.07 34.60
C GLU B 153 -10.13 4.05 33.46
N ASN B 154 -10.93 4.24 32.43
CA ASN B 154 -10.94 3.33 31.28
C ASN B 154 -9.61 3.49 30.54
N ILE B 155 -9.24 4.73 30.26
CA ILE B 155 -7.99 5.02 29.56
C ILE B 155 -6.81 4.53 30.39
N LYS B 156 -6.89 4.71 31.71
CA LYS B 156 -5.80 4.26 32.58
C LYS B 156 -5.59 2.75 32.51
N GLU B 157 -6.67 1.97 32.55
CA GLU B 157 -6.51 0.52 32.51
C GLU B 157 -5.99 0.04 31.15
N ILE B 158 -6.47 0.66 30.07
CA ILE B 158 -6.02 0.29 28.73
C ILE B 158 -4.53 0.62 28.58
N CYS B 159 -4.10 1.74 29.16
CA CYS B 159 -2.69 2.11 29.11
C CYS B 159 -1.84 1.05 29.79
N THR B 160 -2.33 0.51 30.91
CA THR B 160 -1.60 -0.54 31.63
C THR B 160 -1.45 -1.78 30.77
N ILE B 161 -2.54 -2.17 30.12
CA ILE B 161 -2.55 -3.33 29.24
C ILE B 161 -1.54 -3.11 28.12
N ALA B 162 -1.62 -1.94 27.50
CA ALA B 162 -0.73 -1.60 26.38
C ALA B 162 0.74 -1.69 26.81
N LYS B 163 1.06 -1.08 27.94
CA LYS B 163 2.43 -1.10 28.44
C LYS B 163 2.97 -2.52 28.60
N GLU B 164 2.17 -3.41 29.18
CA GLU B 164 2.59 -4.79 29.39
C GLU B 164 2.94 -5.48 28.08
N HIS B 165 2.22 -5.13 27.01
CA HIS B 165 2.43 -5.74 25.70
C HIS B 165 3.32 -4.91 24.75
N GLY B 166 3.80 -3.77 25.23
CA GLY B 166 4.64 -2.93 24.38
C GLY B 166 3.87 -2.38 23.20
N ILE B 167 2.60 -2.04 23.44
CA ILE B 167 1.73 -1.51 22.40
C ILE B 167 1.53 -0.01 22.60
N ASN B 168 1.51 0.74 21.50
CA ASN B 168 1.33 2.19 21.56
C ASN B 168 -0.15 2.54 21.78
N VAL B 169 -0.41 3.67 22.40
CA VAL B 169 -1.78 4.12 22.64
C VAL B 169 -1.95 5.52 22.08
N HIS B 170 -2.92 5.69 21.19
CA HIS B 170 -3.20 7.00 20.60
C HIS B 170 -4.61 7.42 20.95
N ILE B 171 -4.76 8.65 21.40
CA ILE B 171 -6.09 9.15 21.72
C ILE B 171 -6.54 10.09 20.63
N ASP B 172 -7.67 9.77 20.01
CA ASP B 172 -8.23 10.67 19.00
C ASP B 172 -8.97 11.66 19.87
N GLY B 173 -8.31 12.77 20.19
CA GLY B 173 -8.92 13.77 21.03
C GLY B 173 -9.44 14.98 20.28
N ALA B 174 -10.09 14.75 19.14
CA ALA B 174 -10.64 15.85 18.36
C ALA B 174 -11.41 16.79 19.26
N ARG B 175 -12.19 16.24 20.18
CA ARG B 175 -12.97 17.05 21.11
C ARG B 175 -12.57 16.74 22.55
N ILE B 176 -11.27 16.59 22.78
CA ILE B 176 -10.78 16.27 24.11
C ILE B 176 -10.98 17.40 25.12
N PHE B 177 -11.06 18.64 24.65
CA PHE B 177 -11.28 19.75 25.55
C PHE B 177 -12.74 19.74 26.02
N ASN B 178 -13.65 19.26 25.17
CA ASN B 178 -15.06 19.17 25.58
C ASN B 178 -15.13 18.12 26.69
N ALA B 179 -14.35 17.05 26.54
CA ALA B 179 -14.31 15.99 27.55
C ALA B 179 -13.78 16.53 28.87
N SER B 180 -12.71 17.30 28.78
CA SER B 180 -12.06 17.89 29.95
C SER B 180 -12.97 18.84 30.71
N ILE B 181 -13.69 19.69 29.98
CA ILE B 181 -14.60 20.64 30.62
C ILE B 181 -15.73 19.91 31.31
N ALA B 182 -16.23 18.84 30.68
CA ALA B 182 -17.33 18.07 31.25
C ALA B 182 -16.92 17.20 32.44
N SER B 183 -15.70 16.66 32.39
CA SER B 183 -15.24 15.75 33.45
C SER B 183 -14.41 16.35 34.56
N GLY B 184 -13.75 17.47 34.29
CA GLY B 184 -12.90 18.08 35.29
C GLY B 184 -11.51 17.47 35.22
N VAL B 185 -11.28 16.62 34.22
CA VAL B 185 -9.99 15.97 34.03
C VAL B 185 -9.16 16.79 33.04
N PRO B 186 -8.00 17.32 33.49
CA PRO B 186 -7.13 18.13 32.63
C PRO B 186 -6.67 17.30 31.44
N VAL B 187 -6.49 17.93 30.27
CA VAL B 187 -6.07 17.16 29.12
C VAL B 187 -4.70 16.52 29.34
N LYS B 188 -3.84 17.16 30.13
CA LYS B 188 -2.53 16.55 30.38
C LYS B 188 -2.67 15.24 31.15
N GLU B 189 -3.77 15.07 31.88
CA GLU B 189 -3.95 13.82 32.62
C GLU B 189 -4.39 12.70 31.68
N TYR B 190 -5.29 13.01 30.75
CA TYR B 190 -5.71 12.00 29.78
C TYR B 190 -4.48 11.59 28.98
N ALA B 191 -3.74 12.60 28.52
CA ALA B 191 -2.54 12.38 27.71
C ALA B 191 -1.44 11.63 28.45
N GLY B 192 -1.44 11.72 29.78
CA GLY B 192 -0.45 11.03 30.56
C GLY B 192 -0.57 9.52 30.44
N TYR B 193 -1.74 9.07 29.99
CA TYR B 193 -1.99 7.65 29.82
C TYR B 193 -2.04 7.25 28.34
N ALA B 194 -1.37 8.04 27.51
CA ALA B 194 -1.32 7.78 26.08
C ALA B 194 0.07 8.12 25.56
N ASP B 195 0.42 7.56 24.41
CA ASP B 195 1.71 7.86 23.81
C ASP B 195 1.56 9.10 22.93
N SER B 196 0.40 9.24 22.31
CA SER B 196 0.14 10.40 21.47
C SER B 196 -1.33 10.81 21.56
N VAL B 197 -1.59 12.07 21.24
CA VAL B 197 -2.95 12.58 21.26
C VAL B 197 -3.10 13.57 20.11
N MSE B 198 -4.23 13.49 19.42
CA MSE B 198 -4.53 14.43 18.33
C MSE B 198 -5.72 15.22 18.84
O MSE B 198 -6.65 14.64 19.40
CB MSE B 198 -4.94 13.70 17.04
CG MSE B 198 -5.35 14.63 15.87
SE MSE B 198 -7.09 15.60 16.00
CE MSE B 198 -8.25 14.20 15.33
N PHE B 199 -5.69 16.54 18.68
CA PHE B 199 -6.83 17.35 19.09
C PHE B 199 -7.06 18.41 18.03
N CYS B 200 -8.32 18.77 17.83
CA CYS B 200 -8.67 19.76 16.82
C CYS B 200 -8.76 21.17 17.35
N LEU B 201 -8.41 22.13 16.50
CA LEU B 201 -8.47 23.54 16.85
C LEU B 201 -9.63 24.16 16.10
N SER B 202 -10.04 23.47 15.03
CA SER B 202 -11.08 23.95 14.13
C SER B 202 -12.53 23.57 14.40
N LLP B 203 -12.80 22.98 15.56
N LLP B 203 -12.81 23.01 15.55
CA LLP B 203 -14.17 22.62 15.88
CA LLP B 203 -14.19 22.67 15.87
CB LLP B 203 -14.25 21.17 16.32
CB LLP B 203 -14.29 21.25 16.35
CG LLP B 203 -14.08 20.25 15.13
CG LLP B 203 -14.08 20.23 15.24
CD LLP B 203 -14.09 18.77 15.43
CD LLP B 203 -13.82 18.90 15.90
CE LLP B 203 -14.40 18.05 14.13
CE LLP B 203 -14.00 17.79 14.93
NZ LLP B 203 -13.89 16.69 14.16
NZ LLP B 203 -13.00 17.87 13.83
C LLP B 203 -14.69 23.59 16.94
C LLP B 203 -14.69 23.62 16.93
O LLP B 203 -14.84 24.78 16.68
O LLP B 203 -14.84 24.81 16.68
N GLY B 204 -14.93 23.08 18.14
CA GLY B 204 -15.43 23.93 19.21
C GLY B 204 -14.53 25.10 19.58
N LEU B 205 -13.23 24.98 19.34
CA LEU B 205 -12.29 26.06 19.68
C LEU B 205 -12.29 27.20 18.67
N CYS B 206 -13.04 27.03 17.59
CA CYS B 206 -13.23 28.07 16.57
C CYS B 206 -12.12 28.50 15.60
N ALA B 207 -11.03 27.75 15.52
CA ALA B 207 -9.98 28.12 14.57
C ALA B 207 -10.50 27.73 13.18
N PRO B 208 -10.07 28.46 12.13
CA PRO B 208 -10.53 28.13 10.78
C PRO B 208 -9.94 26.85 10.19
N VAL B 209 -8.70 26.53 10.57
CA VAL B 209 -8.06 25.35 10.02
C VAL B 209 -7.06 24.69 10.97
N GLY B 210 -7.02 23.37 10.93
CA GLY B 210 -6.00 22.67 11.71
C GLY B 210 -6.27 21.94 13.00
N SER B 211 -5.30 21.07 13.31
CA SER B 211 -5.32 20.25 14.49
C SER B 211 -3.86 20.10 14.89
N VAL B 212 -3.61 19.45 16.03
CA VAL B 212 -2.25 19.28 16.49
C VAL B 212 -2.09 17.87 17.06
N VAL B 213 -0.92 17.30 16.86
CA VAL B 213 -0.61 15.98 17.40
C VAL B 213 0.48 16.22 18.43
N VAL B 214 0.36 15.59 19.60
CA VAL B 214 1.36 15.76 20.65
C VAL B 214 1.89 14.39 21.05
N GLY B 215 3.15 14.35 21.47
CA GLY B 215 3.75 13.08 21.86
C GLY B 215 5.25 13.20 22.08
N ASP B 216 5.94 12.07 22.11
CA ASP B 216 7.40 12.08 22.30
C ASP B 216 8.13 12.66 21.10
N ARG B 217 9.35 13.15 21.35
CA ARG B 217 10.18 13.74 20.31
C ARG B 217 10.36 12.85 19.08
N ASP B 218 10.75 11.59 19.32
CA ASP B 218 10.99 10.67 18.20
C ASP B 218 9.72 10.39 17.39
N PHE B 219 8.63 10.17 18.11
CA PHE B 219 7.34 9.92 17.49
C PHE B 219 6.93 11.10 16.60
N ILE B 220 7.07 12.31 17.13
CA ILE B 220 6.70 13.51 16.37
C ILE B 220 7.59 13.69 15.15
N GLU B 221 8.86 13.33 15.26
CA GLU B 221 9.76 13.45 14.11
C GLU B 221 9.27 12.52 12.99
N ARG B 222 8.83 11.33 13.36
CA ARG B 222 8.32 10.38 12.37
C ARG B 222 7.00 10.88 11.79
N ALA B 223 6.17 11.48 12.64
CA ALA B 223 4.88 12.02 12.20
C ALA B 223 5.09 13.23 11.29
N ARG B 224 6.17 13.97 11.52
CA ARG B 224 6.46 15.15 10.71
C ARG B 224 6.88 14.70 9.31
N LYS B 225 7.62 13.59 9.21
CA LYS B 225 8.04 13.07 7.92
C LYS B 225 6.81 12.50 7.19
N ALA B 226 5.90 11.92 7.96
CA ALA B 226 4.65 11.37 7.41
C ALA B 226 3.83 12.54 6.86
N ARG B 227 3.80 13.64 7.61
CA ARG B 227 3.06 14.83 7.18
C ARG B 227 3.61 15.36 5.86
N LYS B 228 4.94 15.33 5.71
CA LYS B 228 5.58 15.79 4.48
C LYS B 228 5.14 14.91 3.33
N MSE B 229 5.14 13.61 3.58
CA MSE B 229 4.74 12.63 2.56
C MSE B 229 3.29 12.81 2.10
O MSE B 229 3.00 12.69 0.91
CB MSE B 229 4.90 11.21 3.08
CG MSE B 229 4.63 10.16 2.02
SE MSE B 229 4.50 8.39 2.74
CE MSE B 229 6.39 8.10 3.12
N LEU B 230 2.40 13.06 3.06
CA LEU B 230 0.98 13.22 2.76
C LEU B 230 0.61 14.55 2.11
N GLY B 231 1.51 15.53 2.20
CA GLY B 231 1.23 16.82 1.60
C GLY B 231 0.86 17.90 2.61
N GLY B 232 1.13 17.64 3.87
CA GLY B 232 0.81 18.60 4.91
C GLY B 232 1.94 19.56 5.24
N GLY B 233 3.06 19.45 4.54
CA GLY B 233 4.19 20.34 4.80
C GLY B 233 3.95 21.69 4.15
N MSE B 234 3.43 22.63 4.93
CA MSE B 234 3.12 23.96 4.43
C MSE B 234 4.25 24.96 4.63
O MSE B 234 5.26 24.65 5.27
CB MSE B 234 1.84 24.47 5.10
CG MSE B 234 0.65 23.54 4.89
SE MSE B 234 -0.90 24.03 5.92
CE MSE B 234 -0.40 23.24 7.61
N ARG B 235 4.10 26.15 4.08
CA ARG B 235 5.12 27.19 4.21
C ARG B 235 4.82 28.15 5.35
N GLN B 236 4.28 29.33 5.04
CA GLN B 236 3.97 30.30 6.09
C GLN B 236 2.64 30.01 6.80
N ALA B 237 2.55 28.83 7.38
CA ALA B 237 1.35 28.38 8.08
C ALA B 237 1.10 29.14 9.38
N GLY B 238 1.99 30.07 9.71
CA GLY B 238 1.82 30.85 10.92
C GLY B 238 0.54 31.65 10.88
N VAL B 239 0.03 31.92 9.68
CA VAL B 239 -1.21 32.67 9.56
C VAL B 239 -2.34 31.86 10.20
N LEU B 240 -2.30 30.55 10.01
CA LEU B 240 -3.30 29.65 10.59
C LEU B 240 -2.99 29.44 12.07
N ALA B 241 -1.71 29.30 12.39
CA ALA B 241 -1.30 29.07 13.78
C ALA B 241 -1.67 30.22 14.70
N ALA B 242 -1.69 31.43 14.17
CA ALA B 242 -2.04 32.60 14.98
C ALA B 242 -3.45 32.43 15.56
N ALA B 243 -4.37 31.98 14.73
CA ALA B 243 -5.74 31.77 15.19
C ALA B 243 -5.75 30.53 16.08
N GLY B 244 -4.85 29.59 15.79
CA GLY B 244 -4.75 28.38 16.58
C GLY B 244 -4.34 28.65 18.01
N ILE B 245 -3.42 29.60 18.21
CA ILE B 245 -2.96 29.95 19.55
C ILE B 245 -4.11 30.53 20.37
N ILE B 246 -4.94 31.35 19.73
CA ILE B 246 -6.08 31.96 20.42
C ILE B 246 -7.11 30.89 20.78
N ALA B 247 -7.31 29.94 19.87
CA ALA B 247 -8.27 28.87 20.09
C ALA B 247 -7.85 28.04 21.30
N LEU B 248 -6.57 27.70 21.36
CA LEU B 248 -6.05 26.90 22.44
C LEU B 248 -6.01 27.60 23.80
N THR B 249 -5.63 28.87 23.82
CA THR B 249 -5.51 29.61 25.08
C THR B 249 -6.68 30.47 25.52
N LYS B 250 -7.64 30.74 24.64
CA LYS B 250 -8.75 31.59 25.03
C LYS B 250 -10.15 31.05 24.75
N MSE B 251 -10.25 29.98 23.96
CA MSE B 251 -11.57 29.44 23.63
C MSE B 251 -12.00 28.15 24.33
O MSE B 251 -13.08 27.61 24.04
CB MSE B 251 -11.66 29.24 22.11
CG MSE B 251 -11.38 30.50 21.30
SE MSE B 251 -12.58 31.97 21.70
CE MSE B 251 -14.12 31.38 20.68
N VAL B 252 -11.20 27.67 25.26
CA VAL B 252 -11.54 26.43 25.98
C VAL B 252 -12.63 26.60 27.03
N ASP B 253 -12.47 27.58 27.92
CA ASP B 253 -13.44 27.80 28.99
C ASP B 253 -14.89 27.92 28.53
N ARG B 254 -15.12 28.72 27.48
CA ARG B 254 -16.47 28.93 26.99
C ARG B 254 -17.16 27.69 26.41
N LEU B 255 -16.43 26.58 26.28
CA LEU B 255 -17.04 25.37 25.76
C LEU B 255 -18.20 24.96 26.67
N LYS B 256 -18.14 25.40 27.91
CA LYS B 256 -19.20 25.08 28.88
C LYS B 256 -20.51 25.68 28.40
N GLU B 257 -20.42 26.80 27.67
CA GLU B 257 -21.62 27.44 27.14
C GLU B 257 -22.29 26.56 26.10
N ASP B 258 -21.48 25.87 25.30
CA ASP B 258 -22.02 24.97 24.28
C ASP B 258 -22.72 23.80 24.96
N HIS B 259 -22.12 23.31 26.04
CA HIS B 259 -22.67 22.19 26.80
C HIS B 259 -23.99 22.61 27.44
N GLU B 260 -24.03 23.85 27.93
CA GLU B 260 -25.24 24.38 28.55
C GLU B 260 -26.36 24.47 27.50
N ASN B 261 -26.01 24.95 26.31
CA ASN B 261 -27.00 25.07 25.24
C ASN B 261 -27.48 23.72 24.73
N ALA B 262 -26.59 22.73 24.74
CA ALA B 262 -26.95 21.39 24.29
C ALA B 262 -27.96 20.77 25.26
N ARG B 263 -27.67 20.91 26.55
CA ARG B 263 -28.56 20.37 27.57
C ARG B 263 -29.93 21.06 27.52
N PHE B 264 -29.91 22.38 27.36
CA PHE B 264 -31.14 23.15 27.29
C PHE B 264 -31.96 22.68 26.09
N LEU B 265 -31.28 22.50 24.96
CA LEU B 265 -31.93 22.02 23.74
C LEU B 265 -32.58 20.66 23.98
N ALA B 266 -31.83 19.76 24.61
CA ALA B 266 -32.32 18.41 24.88
C ALA B 266 -33.54 18.41 25.81
N LEU B 267 -33.47 19.20 26.87
CA LEU B 267 -34.57 19.29 27.83
C LEU B 267 -35.86 19.80 27.19
N LYS B 268 -35.74 20.83 26.34
CA LYS B 268 -36.92 21.39 25.69
C LYS B 268 -37.48 20.48 24.61
N LEU B 269 -36.61 19.78 23.91
CA LEU B 269 -37.04 18.85 22.87
C LEU B 269 -37.83 17.72 23.53
N LYS B 270 -37.38 17.30 24.71
CA LYS B 270 -38.04 16.24 25.45
C LYS B 270 -39.41 16.77 25.90
N GLU B 271 -39.41 17.99 26.41
CA GLU B 271 -40.62 18.62 26.88
C GLU B 271 -41.65 18.68 25.75
N ILE B 272 -41.18 18.97 24.54
CA ILE B 272 -42.06 19.02 23.37
C ILE B 272 -42.66 17.65 23.08
N GLY B 273 -41.86 16.61 23.30
CA GLY B 273 -42.33 15.26 23.05
C GLY B 273 -41.40 14.42 22.20
N TYR B 274 -40.31 15.01 21.73
CA TYR B 274 -39.36 14.30 20.90
C TYR B 274 -38.64 13.20 21.66
N SER B 275 -38.11 12.22 20.94
CA SER B 275 -37.39 11.12 21.55
C SER B 275 -35.94 11.50 21.78
N VAL B 276 -35.67 12.14 22.90
CA VAL B 276 -34.32 12.55 23.27
C VAL B 276 -34.07 12.18 24.71
N ASN B 277 -32.80 12.02 25.08
CA ASN B 277 -32.44 11.66 26.44
C ASN B 277 -31.50 12.70 27.04
N PRO B 278 -32.06 13.70 27.71
CA PRO B 278 -31.27 14.78 28.32
C PRO B 278 -30.18 14.24 29.25
N GLU B 279 -30.46 13.12 29.90
CA GLU B 279 -29.49 12.51 30.82
C GLU B 279 -28.22 12.02 30.11
N ASP B 280 -28.31 11.84 28.79
CA ASP B 280 -27.16 11.38 27.99
C ASP B 280 -26.32 12.53 27.46
N VAL B 281 -26.88 13.74 27.50
CA VAL B 281 -26.20 14.92 26.99
C VAL B 281 -25.23 15.50 28.01
N LYS B 282 -23.94 15.24 27.80
CA LYS B 282 -22.90 15.72 28.70
C LYS B 282 -21.93 16.72 28.05
N THR B 283 -21.90 16.79 26.72
CA THR B 283 -21.05 17.77 26.06
C THR B 283 -21.88 18.60 25.08
N ASN B 284 -21.43 18.75 23.84
CA ASN B 284 -22.15 19.58 22.88
C ASN B 284 -22.97 18.86 21.83
N MSE B 285 -23.43 17.65 22.12
CA MSE B 285 -24.23 16.92 21.14
C MSE B 285 -25.50 16.33 21.71
O MSE B 285 -25.56 15.92 22.87
CB MSE B 285 -23.40 15.78 20.53
CG MSE B 285 -22.13 16.23 19.84
SE MSE B 285 -21.24 14.75 18.98
CE MSE B 285 -19.85 15.72 18.08
N VAL B 286 -26.54 16.30 20.88
CA VAL B 286 -27.82 15.75 21.25
C VAL B 286 -28.27 14.79 20.15
N ILE B 287 -28.61 13.57 20.54
CA ILE B 287 -29.10 12.59 19.57
C ILE B 287 -30.61 12.55 19.66
N LEU B 288 -31.28 12.80 18.54
CA LEU B 288 -32.72 12.77 18.51
C LEU B 288 -33.18 11.59 17.66
N ARG B 289 -34.09 10.80 18.21
CA ARG B 289 -34.61 9.62 17.51
C ARG B 289 -35.95 9.97 16.87
N THR B 290 -36.20 9.42 15.68
CA THR B 290 -37.44 9.69 14.96
C THR B 290 -38.49 8.59 15.16
N ASP B 291 -38.23 7.70 16.12
CA ASP B 291 -39.12 6.59 16.44
C ASP B 291 -40.61 6.93 16.54
N ASN B 292 -40.94 8.05 17.18
CA ASN B 292 -42.33 8.43 17.34
C ASN B 292 -42.81 9.46 16.32
N LEU B 293 -42.14 9.53 15.17
CA LEU B 293 -42.51 10.49 14.13
C LEU B 293 -42.95 9.77 12.86
N LYS B 294 -43.88 10.36 12.12
CA LYS B 294 -44.38 9.76 10.88
C LYS B 294 -43.42 9.95 9.71
N VAL B 295 -42.12 10.00 10.01
CA VAL B 295 -41.11 10.17 8.98
C VAL B 295 -39.76 9.67 9.50
N ASN B 296 -38.85 9.30 8.62
CA ASN B 296 -37.55 8.83 9.04
C ASN B 296 -36.58 10.00 9.22
N ALA B 297 -35.36 9.71 9.65
CA ALA B 297 -34.35 10.73 9.87
C ALA B 297 -34.06 11.58 8.65
N HIS B 298 -33.91 10.94 7.50
CA HIS B 298 -33.63 11.67 6.26
C HIS B 298 -34.77 12.61 5.90
N GLY B 299 -36.00 12.14 6.01
CA GLY B 299 -37.14 12.97 5.69
C GLY B 299 -37.29 14.10 6.69
N PHE B 300 -36.90 13.87 7.93
CA PHE B 300 -37.00 14.89 8.95
C PHE B 300 -35.94 15.98 8.75
N ILE B 301 -34.75 15.57 8.34
CA ILE B 301 -33.67 16.51 8.09
C ILE B 301 -34.09 17.46 6.96
N GLU B 302 -34.81 16.91 5.99
CA GLU B 302 -35.29 17.70 4.87
C GLU B 302 -36.31 18.73 5.36
N ALA B 303 -37.21 18.28 6.24
CA ALA B 303 -38.23 19.17 6.79
C ALA B 303 -37.56 20.30 7.57
N LEU B 304 -36.58 19.94 8.40
CA LEU B 304 -35.85 20.91 9.19
C LEU B 304 -35.19 21.95 8.29
N ARG B 305 -34.55 21.48 7.22
CA ARG B 305 -33.87 22.36 6.28
C ARG B 305 -34.84 23.36 5.66
N ASN B 306 -35.98 22.87 5.19
CA ASN B 306 -36.98 23.75 4.58
C ASN B 306 -37.51 24.76 5.58
N SER B 307 -37.30 24.49 6.88
CA SER B 307 -37.77 25.39 7.91
C SER B 307 -36.66 26.29 8.49
N GLY B 308 -35.43 26.08 8.04
CA GLY B 308 -34.33 26.92 8.50
C GLY B 308 -33.37 26.33 9.52
N VAL B 309 -33.45 25.03 9.75
CA VAL B 309 -32.56 24.38 10.70
C VAL B 309 -31.77 23.30 10.00
N LEU B 310 -30.45 23.34 10.16
CA LEU B 310 -29.57 22.37 9.54
C LEU B 310 -29.06 21.35 10.55
N ALA B 311 -29.09 20.07 10.18
CA ALA B 311 -28.62 19.00 11.05
C ALA B 311 -28.30 17.81 10.16
N ASN B 312 -27.59 16.82 10.72
CA ASN B 312 -27.25 15.64 9.95
C ASN B 312 -27.89 14.38 10.51
N ALA B 313 -28.28 13.49 9.61
CA ALA B 313 -28.86 12.22 10.01
C ALA B 313 -27.66 11.29 10.16
N VAL B 314 -27.63 10.49 11.22
CA VAL B 314 -26.52 9.58 11.43
C VAL B 314 -26.95 8.12 11.22
N SER B 315 -28.25 7.94 10.98
CA SER B 315 -28.83 6.62 10.73
C SER B 315 -30.23 6.89 10.20
N ASP B 316 -30.96 5.83 9.85
CA ASP B 316 -32.31 6.04 9.32
C ASP B 316 -33.32 6.49 10.37
N THR B 317 -32.94 6.44 11.64
CA THR B 317 -33.85 6.85 12.72
C THR B 317 -33.20 7.79 13.73
N GLU B 318 -31.99 8.27 13.43
CA GLU B 318 -31.31 9.17 14.36
C GLU B 318 -30.68 10.38 13.68
N ILE B 319 -30.81 11.54 14.33
CA ILE B 319 -30.21 12.77 13.82
C ILE B 319 -29.35 13.34 14.93
N ARG B 320 -28.22 13.94 14.55
CA ARG B 320 -27.30 14.54 15.50
C ARG B 320 -27.41 16.06 15.49
N LEU B 321 -27.54 16.66 16.66
CA LEU B 321 -27.61 18.11 16.79
C LEU B 321 -26.34 18.49 17.55
N VAL B 322 -25.60 19.45 17.02
CA VAL B 322 -24.35 19.87 17.65
C VAL B 322 -24.33 21.37 17.90
N THR B 323 -23.99 21.76 19.13
CA THR B 323 -23.92 23.17 19.47
C THR B 323 -22.47 23.64 19.42
N HIS B 324 -22.30 24.95 19.25
CA HIS B 324 -20.99 25.56 19.17
C HIS B 324 -21.12 27.07 19.30
N LYS B 325 -20.00 27.77 19.19
CA LYS B 325 -19.98 29.23 19.33
C LYS B 325 -20.96 29.96 18.41
N ASP B 326 -21.17 29.43 17.21
CA ASP B 326 -22.06 30.11 16.27
C ASP B 326 -23.54 29.74 16.32
N VAL B 327 -23.95 29.11 17.42
CA VAL B 327 -25.35 28.78 17.64
C VAL B 327 -25.61 29.23 19.08
N SER B 328 -26.08 30.46 19.21
CA SER B 328 -26.37 31.07 20.51
C SER B 328 -27.68 30.59 21.11
N ARG B 329 -27.92 30.96 22.36
CA ARG B 329 -29.15 30.58 23.03
C ARG B 329 -30.33 31.09 22.21
N ASN B 330 -30.17 32.29 21.64
CA ASN B 330 -31.22 32.89 20.81
C ASN B 330 -31.58 31.97 19.65
N ASP B 331 -30.55 31.41 19.02
CA ASP B 331 -30.74 30.51 17.89
C ASP B 331 -31.37 29.20 18.36
N ILE B 332 -30.97 28.76 19.55
CA ILE B 332 -31.52 27.52 20.12
C ILE B 332 -33.01 27.73 20.37
N GLU B 333 -33.36 28.89 20.91
CA GLU B 333 -34.76 29.21 21.19
C GLU B 333 -35.54 29.25 19.87
N GLU B 334 -34.97 29.87 18.85
CA GLU B 334 -35.64 29.94 17.56
C GLU B 334 -35.80 28.53 16.98
N ALA B 335 -34.74 27.73 17.08
CA ALA B 335 -34.80 26.37 16.56
C ALA B 335 -35.95 25.61 17.24
N LEU B 336 -36.04 25.74 18.55
CA LEU B 336 -37.09 25.07 19.31
C LEU B 336 -38.49 25.42 18.82
N ASN B 337 -38.72 26.68 18.45
CA ASN B 337 -40.04 27.07 17.95
C ASN B 337 -40.34 26.26 16.69
N ILE B 338 -39.32 26.04 15.86
CA ILE B 338 -39.48 25.28 14.63
C ILE B 338 -39.72 23.80 14.98
N PHE B 339 -38.93 23.28 15.89
CA PHE B 339 -39.08 21.88 16.32
C PHE B 339 -40.50 21.66 16.81
N GLU B 340 -41.02 22.61 17.58
CA GLU B 340 -42.36 22.50 18.12
C GLU B 340 -43.39 22.43 17.00
N LYS B 341 -43.21 23.26 15.97
CA LYS B 341 -44.13 23.28 14.83
C LYS B 341 -44.08 21.97 14.07
N LEU B 342 -42.87 21.44 13.88
CA LEU B 342 -42.70 20.19 13.15
C LEU B 342 -43.21 18.99 13.93
N PHE B 343 -43.15 19.07 15.26
CA PHE B 343 -43.63 17.96 16.07
C PHE B 343 -45.13 17.77 15.87
N ARG B 344 -45.87 18.88 15.80
CA ARG B 344 -47.31 18.81 15.60
C ARG B 344 -47.62 18.18 14.25
N LYS B 345 -46.75 18.45 13.28
CA LYS B 345 -46.91 17.92 11.93
C LYS B 345 -46.51 16.46 11.74
N PHE B 346 -45.50 16.01 12.48
CA PHE B 346 -45.01 14.64 12.32
C PHE B 346 -45.31 13.64 13.43
N SER B 347 -45.84 14.11 14.56
CA SER B 347 -46.15 13.22 15.68
C SER B 347 -47.37 12.36 15.37
N MSE C 5 19.63 38.91 6.85
CA MSE C 5 19.88 37.68 6.02
C MSE C 5 19.26 37.83 4.64
O MSE C 5 18.10 38.19 4.49
CB MSE C 5 19.27 36.46 6.71
CG MSE C 5 19.89 36.13 8.06
SE MSE C 5 21.67 35.42 7.93
CE MSE C 5 21.31 33.60 8.43
N ILE C 6 20.06 37.54 3.60
CA ILE C 6 19.58 37.59 2.23
C ILE C 6 19.23 36.15 1.90
N ASP C 7 17.94 35.86 1.83
CA ASP C 7 17.47 34.50 1.57
C ASP C 7 17.31 34.12 0.10
N LEU C 8 18.25 33.33 -0.39
CA LEU C 8 18.22 32.86 -1.78
C LEU C 8 17.97 31.35 -1.81
N ARG C 9 17.47 30.80 -0.71
CA ARG C 9 17.22 29.36 -0.64
C ARG C 9 16.12 28.87 -1.56
N SER C 10 15.03 29.63 -1.63
CA SER C 10 13.90 29.23 -2.47
C SER C 10 12.89 30.37 -2.53
N ASP C 11 11.95 30.26 -3.46
CA ASP C 11 10.91 31.27 -3.58
C ASP C 11 9.75 30.92 -2.63
N THR C 12 9.90 29.82 -1.88
CA THR C 12 8.86 29.41 -0.94
C THR C 12 8.88 30.32 0.29
N VAL C 13 10.02 30.99 0.51
CA VAL C 13 10.15 31.87 1.67
C VAL C 13 9.43 33.21 1.53
N THR C 14 8.81 33.46 0.38
CA THR C 14 8.09 34.71 0.18
C THR C 14 7.06 34.92 1.28
N LYS C 15 6.94 36.15 1.76
CA LYS C 15 5.98 36.49 2.80
C LYS C 15 4.80 37.26 2.23
N PRO C 16 3.63 37.16 2.89
CA PRO C 16 2.40 37.83 2.45
C PRO C 16 2.53 39.33 2.30
N THR C 17 1.93 39.89 1.25
CA THR C 17 1.97 41.33 1.04
C THR C 17 0.94 41.95 1.98
N GLU C 18 0.95 43.27 2.08
CA GLU C 18 0.00 43.97 2.94
C GLU C 18 -1.43 43.68 2.50
N GLU C 19 -1.65 43.73 1.19
CA GLU C 19 -2.95 43.46 0.53
C GLU C 19 -3.45 42.07 0.95
N MSE C 20 -2.54 41.10 0.98
CA MSE C 20 -2.88 39.73 1.38
C MSE C 20 -3.29 39.59 2.85
O MSE C 20 -4.28 38.92 3.16
CB MSE C 20 -1.70 38.78 1.11
CG MSE C 20 -1.49 38.45 -0.35
SE MSE C 20 0.00 37.22 -0.58
CE MSE C 20 -0.03 37.08 -2.49
N ARG C 21 -2.51 40.19 3.74
CA ARG C 21 -2.82 40.12 5.17
C ARG C 21 -4.22 40.67 5.45
N LYS C 22 -4.55 41.77 4.80
CA LYS C 22 -5.86 42.37 4.98
C LYS C 22 -6.96 41.47 4.41
N ALA C 23 -6.72 40.91 3.23
CA ALA C 23 -7.70 40.04 2.59
C ALA C 23 -7.99 38.79 3.42
N MSE C 24 -6.95 38.21 4.00
CA MSE C 24 -7.12 37.03 4.82
C MSE C 24 -7.96 37.38 6.05
O MSE C 24 -8.92 36.68 6.38
CB MSE C 24 -5.77 36.47 5.26
CG MSE C 24 -4.88 36.05 4.12
SE MSE C 24 -3.31 35.13 4.71
CE MSE C 24 -2.21 36.66 5.18
N ALA C 25 -7.62 38.49 6.69
CA ALA C 25 -8.33 38.95 7.87
C ALA C 25 -9.84 39.16 7.67
N GLN C 26 -10.23 39.63 6.49
CA GLN C 26 -11.64 39.90 6.17
C GLN C 26 -12.23 38.84 5.26
N ALA C 27 -11.54 37.72 5.09
CA ALA C 27 -12.03 36.69 4.21
C ALA C 27 -13.39 36.14 4.61
N GLU C 28 -14.27 35.98 3.63
CA GLU C 28 -15.59 35.40 3.87
C GLU C 28 -15.33 33.90 3.78
N VAL C 29 -15.73 33.16 4.82
CA VAL C 29 -15.48 31.73 4.84
C VAL C 29 -16.69 30.84 5.07
N GLY C 30 -16.43 29.54 5.04
CA GLY C 30 -17.46 28.54 5.24
C GLY C 30 -16.77 27.20 5.38
N ASP C 31 -17.54 26.14 5.58
CA ASP C 31 -16.96 24.80 5.74
C ASP C 31 -16.68 24.18 4.37
N ASP C 32 -15.41 24.09 4.00
CA ASP C 32 -15.00 23.53 2.72
C ASP C 32 -15.40 22.08 2.51
N VAL C 33 -15.47 21.31 3.60
CA VAL C 33 -15.87 19.91 3.50
C VAL C 33 -17.27 19.84 2.91
N TYR C 34 -18.08 20.86 3.20
CA TYR C 34 -19.44 20.93 2.68
C TYR C 34 -19.47 21.74 1.38
N GLY C 35 -18.28 22.15 0.93
CA GLY C 35 -18.17 22.93 -0.28
C GLY C 35 -18.82 24.28 -0.09
N GLU C 36 -18.86 24.73 1.17
CA GLU C 36 -19.49 25.99 1.52
C GLU C 36 -18.59 27.20 1.75
N ASP C 37 -17.30 27.08 1.48
CA ASP C 37 -16.42 28.24 1.66
C ASP C 37 -16.43 29.01 0.34
N PRO C 38 -17.07 30.19 0.32
CA PRO C 38 -17.16 31.02 -0.89
C PRO C 38 -15.84 31.52 -1.46
N THR C 39 -14.85 31.77 -0.60
CA THR C 39 -13.58 32.26 -1.08
C THR C 39 -12.80 31.11 -1.74
N ILE C 40 -12.87 29.93 -1.15
CA ILE C 40 -12.20 28.77 -1.74
C ILE C 40 -12.88 28.51 -3.09
N ASN C 41 -14.21 28.53 -3.11
CA ASN C 41 -14.95 28.29 -4.34
C ASN C 41 -14.57 29.28 -5.44
N GLU C 42 -14.38 30.54 -5.07
CA GLU C 42 -14.00 31.56 -6.06
C GLU C 42 -12.59 31.34 -6.57
N LEU C 43 -11.68 30.96 -5.66
CA LEU C 43 -10.30 30.71 -6.08
C LEU C 43 -10.26 29.56 -7.07
N GLU C 44 -10.98 28.48 -6.77
CA GLU C 44 -11.01 27.34 -7.67
C GLU C 44 -11.65 27.71 -9.01
N ARG C 45 -12.73 28.47 -8.98
CA ARG C 45 -13.39 28.89 -10.22
C ARG C 45 -12.42 29.69 -11.08
N LEU C 46 -11.68 30.60 -10.43
CA LEU C 46 -10.71 31.45 -11.11
C LEU C 46 -9.57 30.63 -11.68
N ALA C 47 -9.09 29.65 -10.92
CA ALA C 47 -8.00 28.80 -11.38
C ALA C 47 -8.42 28.01 -12.61
N ALA C 48 -9.58 27.36 -12.54
CA ALA C 48 -10.07 26.59 -13.66
C ALA C 48 -10.19 27.49 -14.89
N GLU C 49 -10.75 28.68 -14.68
CA GLU C 49 -10.92 29.66 -15.75
C GLU C 49 -9.57 30.06 -16.37
N THR C 50 -8.62 30.42 -15.51
CA THR C 50 -7.29 30.82 -15.97
C THR C 50 -6.56 29.77 -16.79
N PHE C 51 -6.74 28.49 -16.44
CA PHE C 51 -6.08 27.41 -17.16
C PHE C 51 -6.94 26.73 -18.22
N GLY C 52 -8.12 27.27 -18.46
CA GLY C 52 -9.02 26.69 -19.45
C GLY C 52 -9.47 25.28 -19.13
N LYS C 53 -9.65 24.99 -17.85
CA LYS C 53 -10.09 23.66 -17.41
C LYS C 53 -11.49 23.74 -16.81
N GLU C 54 -12.14 22.57 -16.69
CA GLU C 54 -13.48 22.49 -16.15
C GLU C 54 -13.59 22.65 -14.65
N ALA C 55 -12.56 22.21 -13.92
CA ALA C 55 -12.61 22.29 -12.47
C ALA C 55 -11.24 22.49 -11.84
N ALA C 56 -11.24 22.78 -10.54
CA ALA C 56 -10.02 23.04 -9.81
C ALA C 56 -10.15 22.60 -8.35
N LEU C 57 -9.01 22.34 -7.71
CA LEU C 57 -8.98 21.88 -6.32
C LEU C 57 -7.82 22.51 -5.55
N PHE C 58 -8.15 23.21 -4.47
CA PHE C 58 -7.14 23.85 -3.64
C PHE C 58 -6.55 22.80 -2.69
N VAL C 59 -5.23 22.78 -2.57
CA VAL C 59 -4.56 21.84 -1.67
C VAL C 59 -3.53 22.57 -0.82
N PRO C 60 -3.19 22.03 0.36
CA PRO C 60 -2.23 22.60 1.31
C PRO C 60 -0.79 22.75 0.81
N SER C 61 -0.42 22.02 -0.24
CA SER C 61 0.95 22.09 -0.75
C SER C 61 1.06 21.53 -2.16
N GLY C 62 2.19 21.81 -2.82
CA GLY C 62 2.41 21.33 -4.16
C GLY C 62 2.63 19.82 -4.16
N THR C 63 3.18 19.31 -3.07
CA THR C 63 3.41 17.88 -2.97
C THR C 63 2.05 17.16 -2.97
N MSE C 64 1.09 17.68 -2.20
CA MSE C 64 -0.21 17.02 -2.21
C MSE C 64 -0.83 17.18 -3.59
O MSE C 64 -1.51 16.29 -4.09
CB MSE C 64 -1.16 17.58 -1.15
CG MSE C 64 -2.34 16.63 -0.92
SE MSE C 64 -3.70 17.19 0.31
CE MSE C 64 -2.72 17.02 1.98
N GLY C 65 -0.59 18.34 -4.21
CA GLY C 65 -1.12 18.58 -5.55
C GLY C 65 -0.69 17.50 -6.51
N ASN C 66 0.60 17.16 -6.47
CA ASN C 66 1.13 16.12 -7.34
C ASN C 66 0.59 14.75 -6.94
N GLN C 67 0.58 14.48 -5.63
CA GLN C 67 0.13 13.17 -5.18
C GLN C 67 -1.35 12.86 -5.36
N VAL C 68 -2.23 13.86 -5.21
CA VAL C 68 -3.65 13.55 -5.43
C VAL C 68 -3.88 13.34 -6.91
N SER C 69 -3.08 14.03 -7.75
CA SER C 69 -3.21 13.88 -9.19
C SER C 69 -2.77 12.48 -9.59
N ILE C 70 -1.66 12.02 -9.03
CA ILE C 70 -1.18 10.67 -9.33
C ILE C 70 -2.23 9.66 -8.89
N MSE C 71 -2.76 9.81 -7.67
CA MSE C 71 -3.76 8.87 -7.19
C MSE C 71 -5.00 8.86 -8.07
O MSE C 71 -5.61 7.82 -8.30
CB MSE C 71 -4.16 9.18 -5.75
CG MSE C 71 -4.69 7.96 -4.98
SE MSE C 71 -5.25 8.39 -3.18
CE MSE C 71 -3.74 9.58 -2.81
N ALA C 72 -5.37 10.03 -8.58
CA ALA C 72 -6.56 10.15 -9.43
C ALA C 72 -6.36 9.66 -10.87
N HIS C 73 -5.11 9.62 -11.32
CA HIS C 73 -4.80 9.17 -12.68
C HIS C 73 -4.42 7.69 -12.76
N THR C 74 -4.12 7.09 -11.62
CA THR C 74 -3.63 5.71 -11.63
C THR C 74 -4.33 4.67 -10.75
N GLN C 75 -3.90 3.42 -10.94
CA GLN C 75 -4.40 2.28 -10.16
C GLN C 75 -3.17 1.58 -9.59
N ARG C 76 -3.37 0.80 -8.51
CA ARG C 76 -2.26 0.11 -7.89
C ARG C 76 -1.48 -0.74 -8.89
N GLY C 77 -0.16 -0.65 -8.83
CA GLY C 77 0.65 -1.42 -9.74
C GLY C 77 0.98 -0.72 -11.05
N ASP C 78 0.37 0.43 -11.30
CA ASP C 78 0.65 1.16 -12.53
C ASP C 78 2.05 1.75 -12.50
N GLU C 79 2.50 2.19 -13.66
CA GLU C 79 3.82 2.79 -13.82
C GLU C 79 3.61 4.23 -14.27
N VAL C 80 4.45 5.13 -13.77
CA VAL C 80 4.36 6.54 -14.12
C VAL C 80 5.66 7.01 -14.74
N ILE C 81 5.58 7.45 -16.00
CA ILE C 81 6.76 7.95 -16.67
C ILE C 81 6.99 9.38 -16.21
N LEU C 82 8.22 9.67 -15.77
CA LEU C 82 8.57 11.01 -15.32
C LEU C 82 10.05 11.28 -15.59
N GLU C 83 10.41 12.56 -15.61
CA GLU C 83 11.79 12.97 -15.88
C GLU C 83 12.71 12.52 -14.75
N ALA C 84 13.87 11.98 -15.12
CA ALA C 84 14.86 11.46 -14.18
C ALA C 84 15.29 12.36 -13.02
N ASP C 85 15.15 13.67 -13.17
CA ASP C 85 15.52 14.58 -12.08
C ASP C 85 14.34 15.40 -11.59
N SER C 86 13.13 14.88 -11.81
CA SER C 86 11.92 15.59 -11.40
C SER C 86 11.67 15.57 -9.89
N HIS C 87 10.95 16.59 -9.41
CA HIS C 87 10.64 16.73 -8.00
C HIS C 87 9.84 15.56 -7.43
N ILE C 88 8.86 15.07 -8.20
CA ILE C 88 8.04 13.96 -7.75
C ILE C 88 8.90 12.75 -7.40
N PHE C 89 9.96 12.54 -8.18
CA PHE C 89 10.83 11.40 -7.94
C PHE C 89 11.86 11.61 -6.83
N TRP C 90 12.42 12.80 -6.74
CA TRP C 90 13.46 13.08 -5.75
C TRP C 90 13.09 13.73 -4.43
N TYR C 91 12.14 14.66 -4.46
CA TYR C 91 11.78 15.40 -3.25
C TYR C 91 10.40 15.21 -2.67
N GLU C 92 9.72 14.13 -3.02
CA GLU C 92 8.38 13.91 -2.47
C GLU C 92 8.27 12.66 -1.61
N VAL C 93 9.34 12.41 -0.87
CA VAL C 93 9.46 11.33 0.12
C VAL C 93 8.91 9.95 -0.26
N GLY C 94 9.07 9.58 -1.53
CA GLY C 94 8.60 8.29 -1.99
C GLY C 94 7.09 8.14 -1.91
N ALA C 95 6.40 9.26 -1.81
CA ALA C 95 4.94 9.26 -1.69
C ALA C 95 4.19 8.47 -2.76
N MSE C 96 4.62 8.54 -4.01
CA MSE C 96 3.92 7.82 -5.07
C MSE C 96 3.82 6.31 -4.81
O MSE C 96 2.81 5.69 -5.13
CB MSE C 96 4.57 8.10 -6.42
CG MSE C 96 6.04 7.70 -6.53
SE MSE C 96 6.85 8.41 -8.15
CE MSE C 96 5.78 7.45 -9.44
N ALA C 97 4.87 5.74 -4.23
CA ALA C 97 4.89 4.30 -3.95
C ALA C 97 3.98 3.95 -2.79
N VAL C 98 4.01 4.76 -1.73
CA VAL C 98 3.18 4.48 -0.56
C VAL C 98 1.70 4.78 -0.77
N LEU C 99 1.40 5.98 -1.25
CA LEU C 99 0.02 6.42 -1.46
C LEU C 99 -0.69 5.75 -2.63
N SER C 100 -0.05 5.70 -3.79
CA SER C 100 -0.66 5.11 -4.97
C SER C 100 -0.21 3.70 -5.34
N GLY C 101 0.85 3.22 -4.71
CA GLY C 101 1.34 1.90 -5.05
C GLY C 101 1.80 1.83 -6.50
N VAL C 102 2.37 2.92 -7.01
CA VAL C 102 2.85 2.94 -8.39
C VAL C 102 4.36 2.99 -8.49
N MSE C 103 4.85 2.59 -9.65
CA MSE C 103 6.28 2.54 -9.95
C MSE C 103 6.71 3.69 -10.83
O MSE C 103 6.08 3.96 -11.85
CB MSE C 103 6.62 1.25 -10.69
CG MSE C 103 6.47 -0.01 -9.89
SE MSE C 103 8.11 -0.32 -8.96
CE MSE C 103 9.19 -0.87 -10.43
N PRO C 104 7.80 4.39 -10.46
CA PRO C 104 8.23 5.48 -11.32
C PRO C 104 9.06 4.85 -12.45
N HIS C 105 8.98 5.43 -13.64
CA HIS C 105 9.76 4.94 -14.77
C HIS C 105 10.52 6.17 -15.26
N PRO C 106 11.67 6.46 -14.63
CA PRO C 106 12.51 7.62 -14.98
C PRO C 106 12.97 7.60 -16.42
N VAL C 107 12.93 8.77 -17.05
CA VAL C 107 13.37 8.93 -18.42
C VAL C 107 14.28 10.15 -18.45
N PRO C 108 15.49 10.00 -19.00
CA PRO C 108 16.44 11.11 -19.08
C PRO C 108 15.83 12.30 -19.80
N GLY C 109 16.26 13.50 -19.43
CA GLY C 109 15.73 14.68 -20.09
C GLY C 109 16.78 15.75 -20.19
N LYS C 110 16.65 16.61 -21.21
CA LYS C 110 17.58 17.72 -21.37
C LYS C 110 16.91 18.90 -20.72
N ASN C 111 17.39 19.27 -19.54
CA ASN C 111 16.81 20.39 -18.80
C ASN C 111 15.31 20.24 -18.66
N GLY C 112 14.87 19.03 -18.33
CA GLY C 112 13.45 18.77 -18.14
C GLY C 112 12.69 18.29 -19.36
N ALA C 113 13.33 18.33 -20.52
CA ALA C 113 12.67 17.88 -21.75
C ALA C 113 13.05 16.46 -22.11
N MSE C 114 12.13 15.54 -21.88
CA MSE C 114 12.36 14.14 -22.20
C MSE C 114 12.21 13.99 -23.72
O MSE C 114 11.27 14.53 -24.31
CB MSE C 114 11.33 13.25 -21.51
CG MSE C 114 11.42 13.20 -20.00
SE MSE C 114 9.98 12.16 -19.25
CE MSE C 114 8.60 13.51 -19.32
N ASP C 115 13.13 13.28 -24.35
CA ASP C 115 13.06 13.06 -25.78
C ASP C 115 11.75 12.32 -26.05
N PRO C 116 10.89 12.85 -26.93
CA PRO C 116 9.62 12.19 -27.23
C PRO C 116 9.78 10.72 -27.60
N ASP C 117 10.84 10.39 -28.35
CA ASP C 117 11.09 9.01 -28.74
C ASP C 117 11.44 8.13 -27.54
N ASP C 118 12.09 8.72 -26.54
CA ASP C 118 12.44 7.96 -25.33
C ASP C 118 11.18 7.69 -24.53
N VAL C 119 10.26 8.65 -24.57
CA VAL C 119 9.00 8.49 -23.85
C VAL C 119 8.19 7.38 -24.50
N ARG C 120 8.18 7.38 -25.83
CA ARG C 120 7.46 6.36 -26.58
C ARG C 120 8.01 4.96 -26.25
N LYS C 121 9.32 4.87 -26.10
CA LYS C 121 9.96 3.59 -25.79
C LYS C 121 9.79 3.17 -24.33
N ALA C 122 9.45 4.12 -23.47
CA ALA C 122 9.27 3.83 -22.04
C ALA C 122 7.90 3.24 -21.77
N ILE C 123 6.96 3.44 -22.70
CA ILE C 123 5.62 2.91 -22.53
C ILE C 123 5.66 1.39 -22.55
N ARG C 124 5.15 0.76 -21.49
CA ARG C 124 5.14 -0.69 -21.37
C ARG C 124 4.18 -1.41 -22.30
N PRO C 125 4.64 -2.50 -22.93
CA PRO C 125 3.79 -3.27 -23.83
C PRO C 125 2.86 -4.08 -22.93
N ARG C 126 1.77 -4.60 -23.48
CA ARG C 126 0.85 -5.39 -22.68
C ARG C 126 1.45 -6.76 -22.41
N ASN C 127 1.92 -6.98 -21.19
CA ASN C 127 2.53 -8.26 -20.82
C ASN C 127 2.33 -8.49 -19.33
N ILE C 128 2.10 -9.73 -18.94
CA ILE C 128 1.86 -10.05 -17.53
C ILE C 128 2.99 -9.64 -16.60
N HIS C 129 4.20 -9.49 -17.14
CA HIS C 129 5.35 -9.11 -16.32
C HIS C 129 5.44 -7.60 -16.08
N PHE C 130 4.78 -6.81 -16.92
CA PHE C 130 4.87 -5.36 -16.79
C PHE C 130 3.67 -4.62 -16.24
N PRO C 131 3.94 -3.52 -15.52
CA PRO C 131 2.88 -2.69 -14.95
C PRO C 131 2.31 -1.95 -16.16
N ARG C 132 1.14 -1.36 -16.01
CA ARG C 132 0.56 -0.61 -17.11
C ARG C 132 0.99 0.85 -16.97
N THR C 133 1.48 1.44 -18.05
CA THR C 133 1.88 2.85 -18.03
C THR C 133 0.58 3.64 -18.14
N SER C 134 0.20 4.31 -17.06
CA SER C 134 -1.06 5.06 -17.08
C SER C 134 -0.89 6.56 -16.93
N LEU C 135 0.34 7.01 -16.75
CA LEU C 135 0.57 8.44 -16.57
C LEU C 135 1.98 8.88 -16.95
N ILE C 136 2.05 10.06 -17.56
CA ILE C 136 3.32 10.69 -17.93
C ILE C 136 3.31 12.05 -17.23
N ALA C 137 4.38 12.37 -16.53
CA ALA C 137 4.47 13.64 -15.82
C ALA C 137 5.57 14.52 -16.39
N ILE C 138 5.25 15.79 -16.56
CA ILE C 138 6.20 16.78 -17.08
C ILE C 138 6.26 17.93 -16.10
N GLU C 139 7.47 18.34 -15.75
CA GLU C 139 7.67 19.42 -14.80
C GLU C 139 8.04 20.67 -15.60
N ASN C 140 7.11 21.61 -15.76
CA ASN C 140 7.48 22.80 -16.53
C ASN C 140 7.96 23.91 -15.65
N THR C 141 9.23 24.19 -15.88
CA THR C 141 10.14 25.08 -15.20
C THR C 141 10.58 23.89 -14.38
N HIS C 142 11.65 23.28 -14.88
CA HIS C 142 12.24 22.12 -14.27
C HIS C 142 13.18 22.70 -13.23
N ASN C 143 12.93 22.36 -11.98
CA ASN C 143 13.70 22.86 -10.86
C ASN C 143 15.18 22.47 -10.84
N ARG C 144 15.44 21.18 -10.72
CA ARG C 144 16.82 20.69 -10.64
C ARG C 144 17.79 21.25 -11.66
N SER C 145 17.36 21.38 -12.92
CA SER C 145 18.22 21.88 -13.99
C SER C 145 18.43 23.40 -13.93
N GLY C 146 17.80 24.06 -12.97
CA GLY C 146 17.95 25.49 -12.83
C GLY C 146 16.76 26.32 -13.28
N GLY C 147 15.55 25.84 -13.00
CA GLY C 147 14.36 26.58 -13.40
C GLY C 147 14.30 26.75 -14.90
N ARG C 148 14.58 25.67 -15.63
CA ARG C 148 14.59 25.70 -17.08
C ARG C 148 13.20 25.56 -17.68
N VAL C 149 12.97 26.22 -18.80
CA VAL C 149 11.69 26.19 -19.48
C VAL C 149 11.60 25.01 -20.44
N VAL C 150 10.61 24.15 -20.26
CA VAL C 150 10.44 23.02 -21.16
C VAL C 150 9.68 23.55 -22.38
N PRO C 151 10.24 23.33 -23.59
CA PRO C 151 9.63 23.79 -24.85
C PRO C 151 8.20 23.29 -25.04
N LEU C 152 7.33 24.19 -25.50
CA LEU C 152 5.94 23.84 -25.74
C LEU C 152 5.86 22.72 -26.77
N GLU C 153 6.78 22.72 -27.73
CA GLU C 153 6.82 21.70 -28.77
C GLU C 153 7.03 20.33 -28.14
N ASN C 154 7.87 20.27 -27.11
CA ASN C 154 8.15 19.02 -26.42
C ASN C 154 6.88 18.52 -25.74
N ILE C 155 6.17 19.43 -25.07
CA ILE C 155 4.95 19.07 -24.38
C ILE C 155 3.88 18.62 -25.37
N LYS C 156 3.76 19.32 -26.50
CA LYS C 156 2.77 18.95 -27.50
C LYS C 156 3.02 17.54 -28.02
N GLU C 157 4.27 17.24 -28.35
CA GLU C 157 4.64 15.92 -28.86
C GLU C 157 4.28 14.81 -27.89
N ILE C 158 4.66 15.01 -26.63
CA ILE C 158 4.39 14.02 -25.60
C ILE C 158 2.88 13.84 -25.42
N CYS C 159 2.13 14.93 -25.61
CA CYS C 159 0.68 14.86 -25.49
C CYS C 159 0.13 13.99 -26.61
N THR C 160 0.70 14.14 -27.80
CA THR C 160 0.25 13.36 -28.96
C THR C 160 0.50 11.87 -28.71
N ILE C 161 1.64 11.56 -28.12
CA ILE C 161 2.01 10.18 -27.80
C ILE C 161 1.04 9.61 -26.76
N ALA C 162 0.77 10.41 -25.73
CA ALA C 162 -0.12 9.98 -24.66
C ALA C 162 -1.49 9.63 -25.23
N LYS C 163 -2.02 10.51 -26.10
CA LYS C 163 -3.31 10.26 -26.72
C LYS C 163 -3.34 8.91 -27.44
N GLU C 164 -2.34 8.68 -28.28
CA GLU C 164 -2.22 7.44 -29.04
C GLU C 164 -2.44 6.21 -28.17
N HIS C 165 -1.81 6.20 -27.01
CA HIS C 165 -1.88 5.06 -26.09
C HIS C 165 -2.91 5.19 -24.96
N GLY C 166 -3.67 6.27 -24.96
CA GLY C 166 -4.67 6.46 -23.91
C GLY C 166 -4.05 6.66 -22.54
N ILE C 167 -2.93 7.38 -22.52
CA ILE C 167 -2.22 7.65 -21.28
C ILE C 167 -2.48 9.07 -20.78
N ASN C 168 -2.59 9.23 -19.46
CA ASN C 168 -2.83 10.53 -18.86
C ASN C 168 -1.56 11.35 -18.81
N VAL C 169 -1.70 12.67 -18.89
CA VAL C 169 -0.56 13.56 -18.81
C VAL C 169 -0.79 14.59 -17.71
N HIS C 170 0.15 14.67 -16.77
CA HIS C 170 0.08 15.63 -15.68
C HIS C 170 1.28 16.55 -15.75
N ILE C 171 1.03 17.85 -15.64
CA ILE C 171 2.12 18.81 -15.65
C ILE C 171 2.31 19.31 -14.23
N ASP C 172 3.51 19.14 -13.70
CA ASP C 172 3.82 19.65 -12.37
C ASP C 172 4.18 21.09 -12.71
N GLY C 173 3.21 21.99 -12.59
CA GLY C 173 3.45 23.38 -12.90
C GLY C 173 3.66 24.24 -11.67
N ALA C 174 4.41 23.73 -10.71
CA ALA C 174 4.70 24.49 -9.50
C ALA C 174 5.10 25.92 -9.90
N ARG C 175 5.89 26.02 -10.95
CA ARG C 175 6.35 27.32 -11.42
C ARG C 175 5.95 27.54 -12.88
N ILE C 176 4.73 27.15 -13.22
CA ILE C 176 4.26 27.30 -14.58
C ILE C 176 4.15 28.76 -15.03
N PHE C 177 3.92 29.68 -14.10
CA PHE C 177 3.81 31.08 -14.47
C PHE C 177 5.18 31.66 -14.81
N ASN C 178 6.22 31.19 -14.10
CA ASN C 178 7.57 31.66 -14.41
C ASN C 178 7.89 31.24 -15.85
N ALA C 179 7.53 30.01 -16.18
CA ALA C 179 7.77 29.48 -17.52
C ALA C 179 7.03 30.32 -18.57
N SER C 180 5.78 30.65 -18.27
CA SER C 180 4.94 31.44 -19.18
C SER C 180 5.51 32.85 -19.39
N ILE C 181 5.94 33.48 -18.29
CA ILE C 181 6.52 34.82 -18.38
C ILE C 181 7.78 34.83 -19.23
N ALA C 182 8.58 33.77 -19.12
CA ALA C 182 9.83 33.69 -19.89
C ALA C 182 9.65 33.25 -21.34
N SER C 183 8.71 32.35 -21.59
CA SER C 183 8.49 31.83 -22.95
C SER C 183 7.46 32.60 -23.76
N GLY C 184 6.57 33.30 -23.09
CA GLY C 184 5.53 34.04 -23.78
C GLY C 184 4.35 33.14 -24.08
N VAL C 185 4.43 31.89 -23.63
CA VAL C 185 3.36 30.93 -23.84
C VAL C 185 2.34 31.06 -22.72
N PRO C 186 1.06 31.32 -23.06
CA PRO C 186 0.02 31.45 -22.06
C PRO C 186 -0.15 30.14 -21.29
N VAL C 187 -0.42 30.22 -20.00
CA VAL C 187 -0.59 29.00 -19.22
C VAL C 187 -1.74 28.15 -19.76
N LYS C 188 -2.73 28.80 -20.35
CA LYS C 188 -3.87 28.05 -20.90
C LYS C 188 -3.41 27.17 -22.06
N GLU C 189 -2.40 27.62 -22.79
CA GLU C 189 -1.90 26.85 -23.91
C GLU C 189 -1.11 25.64 -23.41
N TYR C 190 -0.34 25.83 -22.35
CA TYR C 190 0.41 24.73 -21.77
C TYR C 190 -0.60 23.67 -21.29
N ALA C 191 -1.59 24.14 -20.54
CA ALA C 191 -2.62 23.26 -19.97
C ALA C 191 -3.39 22.47 -21.01
N GLY C 192 -3.52 23.02 -22.21
CA GLY C 192 -4.25 22.34 -23.27
C GLY C 192 -3.64 21.01 -23.68
N TYR C 193 -2.34 20.83 -23.42
CA TYR C 193 -1.66 19.60 -23.78
C TYR C 193 -1.50 18.64 -22.60
N ALA C 194 -2.30 18.86 -21.56
CA ALA C 194 -2.23 18.01 -20.37
C ALA C 194 -3.63 17.72 -19.85
N ASP C 195 -3.77 16.65 -19.09
CA ASP C 195 -5.05 16.28 -18.52
C ASP C 195 -5.22 17.00 -17.19
N SER C 196 -4.10 17.23 -16.51
CA SER C 196 -4.12 17.92 -15.23
C SER C 196 -2.87 18.75 -15.06
N VAL C 197 -2.98 19.80 -14.28
CA VAL C 197 -1.87 20.69 -14.01
C VAL C 197 -1.93 21.13 -12.55
N MSE C 198 -0.79 21.06 -11.87
CA MSE C 198 -0.70 21.52 -10.49
C MSE C 198 0.16 22.76 -10.54
O MSE C 198 1.20 22.76 -11.19
CB MSE C 198 -0.02 20.47 -9.61
CG MSE C 198 0.17 20.87 -8.13
SE MSE C 198 1.53 22.24 -7.77
CE MSE C 198 3.10 21.10 -7.70
N PHE C 199 -0.28 23.84 -9.89
CA PHE C 199 0.52 25.05 -9.85
C PHE C 199 0.50 25.63 -8.44
N CYS C 200 1.63 26.17 -8.02
CA CYS C 200 1.76 26.71 -6.67
C CYS C 200 1.41 28.18 -6.54
N LEU C 201 0.86 28.53 -5.39
CA LEU C 201 0.49 29.90 -5.08
C LEU C 201 1.49 30.39 -4.03
N SER C 202 2.10 29.42 -3.34
CA SER C 202 3.04 29.68 -2.25
C SER C 202 4.51 29.95 -2.59
N LLP C 203 4.86 30.02 -3.86
CA LLP C 203 6.25 30.28 -4.22
CB LLP C 203 6.72 29.27 -5.25
CG LLP C 203 6.89 27.87 -4.69
CD LLP C 203 7.15 26.87 -5.80
CE LLP C 203 7.58 25.53 -5.25
NZ LLP C 203 6.57 24.96 -4.31
C LLP C 203 6.39 31.70 -4.74
O LLP C 203 6.22 32.66 -3.98
N GLY C 204 6.70 31.84 -6.02
CA GLY C 204 6.86 33.17 -6.60
C GLY C 204 5.63 34.06 -6.49
N LEU C 205 4.44 33.47 -6.45
CA LEU C 205 3.22 34.26 -6.35
C LEU C 205 2.96 34.84 -4.96
N CYS C 206 3.78 34.42 -3.99
CA CYS C 206 3.74 34.93 -2.62
C CYS C 206 2.63 34.59 -1.63
N ALA C 207 1.79 33.60 -1.92
CA ALA C 207 0.75 33.24 -0.96
C ALA C 207 1.45 32.49 0.16
N PRO C 208 0.91 32.53 1.39
CA PRO C 208 1.56 31.81 2.50
C PRO C 208 1.40 30.29 2.43
N VAL C 209 0.28 29.84 1.87
CA VAL C 209 0.02 28.40 1.79
C VAL C 209 -0.83 27.99 0.60
N GLY C 210 -0.52 26.83 0.03
CA GLY C 210 -1.35 26.32 -1.03
C GLY C 210 -0.94 26.27 -2.47
N SER C 211 -1.58 25.32 -3.15
CA SER C 211 -1.38 25.06 -4.57
C SER C 211 -2.76 24.70 -5.09
N VAL C 212 -2.88 24.59 -6.40
CA VAL C 212 -4.16 24.24 -7.00
C VAL C 212 -3.96 23.22 -8.10
N VAL C 213 -4.90 22.30 -8.22
CA VAL C 213 -4.85 21.31 -9.29
C VAL C 213 -6.05 21.61 -10.19
N VAL C 214 -5.83 21.62 -11.50
CA VAL C 214 -6.90 21.87 -12.44
C VAL C 214 -7.03 20.71 -13.42
N GLY C 215 -8.25 20.44 -13.88
CA GLY C 215 -8.46 19.35 -14.82
C GLY C 215 -9.94 19.13 -15.09
N ASP C 216 -10.29 17.95 -15.61
CA ASP C 216 -11.69 17.67 -15.90
C ASP C 216 -12.48 17.46 -14.62
N ARG C 217 -13.78 17.71 -14.68
CA ARG C 217 -14.65 17.58 -13.51
C ARG C 217 -14.58 16.22 -12.80
N ASP C 218 -14.54 15.13 -13.57
CA ASP C 218 -14.49 13.81 -12.96
C ASP C 218 -13.14 13.55 -12.30
N PHE C 219 -12.08 14.01 -12.95
CA PHE C 219 -10.72 13.86 -12.40
C PHE C 219 -10.62 14.62 -11.08
N ILE C 220 -11.11 15.85 -11.07
CA ILE C 220 -11.06 16.68 -9.88
C ILE C 220 -11.90 16.07 -8.76
N GLU C 221 -12.97 15.37 -9.12
CA GLU C 221 -13.80 14.73 -8.11
C GLU C 221 -12.99 13.63 -7.42
N ARG C 222 -12.24 12.86 -8.23
CA ARG C 222 -11.42 11.78 -7.67
C ARG C 222 -10.28 12.38 -6.85
N ALA C 223 -9.73 13.50 -7.32
CA ALA C 223 -8.63 14.16 -6.61
C ALA C 223 -9.12 14.70 -5.27
N ARG C 224 -10.35 15.21 -5.24
CA ARG C 224 -10.93 15.77 -4.03
C ARG C 224 -11.11 14.69 -2.97
N LYS C 225 -11.50 13.49 -3.39
CA LYS C 225 -11.67 12.38 -2.45
C LYS C 225 -10.28 11.95 -1.96
N ALA C 226 -9.30 12.00 -2.85
CA ALA C 226 -7.94 11.64 -2.46
C ALA C 226 -7.48 12.65 -1.42
N ARG C 227 -7.81 13.92 -1.65
CA ARG C 227 -7.43 14.98 -0.72
C ARG C 227 -8.00 14.70 0.67
N LYS C 228 -9.25 14.24 0.72
CA LYS C 228 -9.88 13.95 2.02
C LYS C 228 -9.11 12.82 2.72
N MSE C 229 -8.76 11.78 1.96
CA MSE C 229 -8.02 10.64 2.50
C MSE C 229 -6.63 11.03 3.01
O MSE C 229 -6.18 10.53 4.05
CB MSE C 229 -7.84 9.56 1.44
CG MSE C 229 -7.14 8.32 1.96
SE MSE C 229 -6.52 7.14 0.57
CE MSE C 229 -8.22 6.36 0.07
N LEU C 230 -5.96 11.91 2.28
CA LEU C 230 -4.64 12.35 2.66
C LEU C 230 -4.64 13.32 3.83
N GLY C 231 -5.80 13.91 4.11
CA GLY C 231 -5.89 14.83 5.22
C GLY C 231 -5.85 16.30 4.82
N GLY C 232 -6.10 16.56 3.55
CA GLY C 232 -6.10 17.94 3.05
C GLY C 232 -7.49 18.57 3.06
N GLY C 233 -8.48 17.87 3.61
CA GLY C 233 -9.83 18.40 3.66
C GLY C 233 -9.99 19.34 4.85
N MSE C 234 -9.77 20.63 4.61
CA MSE C 234 -9.85 21.64 5.65
C MSE C 234 -11.26 22.22 5.81
O MSE C 234 -12.16 21.91 5.04
CB MSE C 234 -8.85 22.74 5.37
CG MSE C 234 -7.41 22.24 5.27
SE MSE C 234 -6.16 23.53 4.55
CE MSE C 234 -6.36 23.13 2.67
N ARG C 235 -11.42 23.08 6.81
CA ARG C 235 -12.71 23.72 7.07
C ARG C 235 -12.79 25.12 6.45
N GLN C 236 -12.63 26.17 7.25
CA GLN C 236 -12.72 27.54 6.74
C GLN C 236 -11.43 27.96 6.05
N ALA C 237 -11.02 27.21 5.04
CA ALA C 237 -9.80 27.48 4.30
C ALA C 237 -9.84 28.77 3.49
N GLY C 238 -10.99 29.43 3.46
CA GLY C 238 -11.10 30.68 2.73
C GLY C 238 -10.09 31.71 3.18
N VAL C 239 -9.62 31.57 4.42
CA VAL C 239 -8.63 32.49 4.95
C VAL C 239 -7.39 32.44 4.07
N LEU C 240 -7.02 31.22 3.66
CA LEU C 240 -5.85 31.03 2.80
C LEU C 240 -6.17 31.36 1.35
N ALA C 241 -7.37 31.01 0.92
CA ALA C 241 -7.80 31.27 -0.46
C ALA C 241 -7.80 32.75 -0.79
N ALA C 242 -8.08 33.59 0.20
CA ALA C 242 -8.12 35.03 -0.01
C ALA C 242 -6.76 35.51 -0.53
N ALA C 243 -5.69 35.02 0.08
CA ALA C 243 -4.35 35.39 -0.34
C ALA C 243 -4.05 34.70 -1.66
N GLY C 244 -4.65 33.53 -1.86
CA GLY C 244 -4.43 32.80 -3.09
C GLY C 244 -5.00 33.52 -4.30
N ILE C 245 -6.16 34.14 -4.13
CA ILE C 245 -6.79 34.87 -5.21
C ILE C 245 -5.90 36.04 -5.63
N ILE C 246 -5.36 36.76 -4.66
CA ILE C 246 -4.49 37.90 -4.94
C ILE C 246 -3.23 37.42 -5.64
N ALA C 247 -2.70 36.29 -5.19
CA ALA C 247 -1.49 35.71 -5.76
C ALA C 247 -1.69 35.39 -7.24
N LEU C 248 -2.80 34.72 -7.54
CA LEU C 248 -3.10 34.32 -8.90
C LEU C 248 -3.46 35.49 -9.82
N THR C 249 -4.14 36.49 -9.29
CA THR C 249 -4.58 37.62 -10.10
C THR C 249 -3.73 38.88 -10.11
N LYS C 250 -2.89 39.07 -9.11
CA LYS C 250 -2.08 40.29 -9.03
C LYS C 250 -0.57 40.11 -8.97
N MSE C 251 -0.09 38.89 -8.70
CA MSE C 251 1.34 38.68 -8.54
C MSE C 251 2.09 38.01 -9.68
O MSE C 251 3.29 37.74 -9.56
CB MSE C 251 1.60 37.91 -7.25
CG MSE C 251 0.95 38.52 -6.03
SE MSE C 251 1.57 40.32 -5.64
CE MSE C 251 3.22 39.88 -4.73
N VAL C 252 1.41 37.75 -10.80
CA VAL C 252 2.06 37.08 -11.92
C VAL C 252 3.00 37.98 -12.74
N ASP C 253 2.54 39.18 -13.09
CA ASP C 253 3.35 40.08 -13.88
C ASP C 253 4.73 40.40 -13.31
N ARG C 254 4.80 40.66 -12.00
CA ARG C 254 6.06 41.02 -11.36
C ARG C 254 7.10 39.90 -11.30
N LEU C 255 6.75 38.71 -11.77
CA LEU C 255 7.71 37.61 -11.76
C LEU C 255 8.88 38.00 -12.65
N LYS C 256 8.62 38.87 -13.63
CA LYS C 256 9.69 39.30 -14.53
C LYS C 256 10.82 39.94 -13.74
N GLU C 257 10.46 40.59 -12.63
CA GLU C 257 11.44 41.24 -11.77
C GLU C 257 12.38 40.20 -11.15
N ASP C 258 11.83 39.05 -10.78
CA ASP C 258 12.64 37.99 -10.20
C ASP C 258 13.60 37.45 -11.26
N HIS C 259 13.12 37.35 -12.49
CA HIS C 259 13.94 36.85 -13.58
C HIS C 259 15.08 37.84 -13.87
N GLU C 260 14.77 39.13 -13.88
CA GLU C 260 15.79 40.14 -14.13
C GLU C 260 16.86 40.06 -13.03
N ASN C 261 16.40 39.93 -11.78
CA ASN C 261 17.30 39.82 -10.64
C ASN C 261 18.18 38.58 -10.70
N ALA C 262 17.60 37.45 -11.11
CA ALA C 262 18.36 36.21 -11.21
C ALA C 262 19.42 36.34 -12.31
N ARG C 263 19.04 36.91 -13.44
CA ARG C 263 19.97 37.10 -14.55
C ARG C 263 21.12 37.99 -14.14
N PHE C 264 20.80 39.09 -13.44
CA PHE C 264 21.81 40.04 -12.98
C PHE C 264 22.76 39.36 -12.00
N LEU C 265 22.18 38.58 -11.09
CA LEU C 265 22.98 37.85 -10.10
C LEU C 265 23.97 36.93 -10.80
N ALA C 266 23.47 36.18 -11.78
CA ALA C 266 24.32 35.24 -12.51
C ALA C 266 25.42 35.96 -13.29
N LEU C 267 25.06 37.05 -13.97
CA LEU C 267 26.04 37.82 -14.74
C LEU C 267 27.21 38.30 -13.88
N LYS C 268 26.90 38.88 -12.72
CA LYS C 268 27.92 39.39 -11.83
C LYS C 268 28.74 38.28 -11.17
N LEU C 269 28.10 37.14 -10.91
CA LEU C 269 28.81 36.01 -10.30
C LEU C 269 29.84 35.49 -11.29
N LYS C 270 29.48 35.48 -12.57
CA LYS C 270 30.39 35.02 -13.62
C LYS C 270 31.58 35.96 -13.71
N GLU C 271 31.31 37.26 -13.62
CA GLU C 271 32.36 38.26 -13.68
C GLU C 271 33.32 38.12 -12.50
N ILE C 272 32.79 37.68 -11.36
CA ILE C 272 33.62 37.49 -10.18
C ILE C 272 34.55 36.30 -10.41
N GLY C 273 34.06 35.31 -11.14
CA GLY C 273 34.87 34.14 -11.43
C GLY C 273 34.22 32.81 -11.08
N TYR C 274 33.02 32.85 -10.50
CA TYR C 274 32.30 31.65 -10.11
C TYR C 274 31.86 30.83 -11.32
N SER C 275 31.63 29.55 -11.11
CA SER C 275 31.20 28.67 -12.18
C SER C 275 29.69 28.68 -12.32
N VAL C 276 29.19 29.62 -13.10
CA VAL C 276 27.76 29.77 -13.37
C VAL C 276 27.62 29.94 -14.87
N ASN C 277 26.41 29.75 -15.38
CA ASN C 277 26.15 29.89 -16.81
C ASN C 277 25.01 30.89 -17.00
N PRO C 278 25.32 32.19 -17.01
CA PRO C 278 24.33 33.26 -17.18
C PRO C 278 23.40 33.03 -18.36
N GLU C 279 23.91 32.39 -19.39
CA GLU C 279 23.10 32.12 -20.57
C GLU C 279 22.00 31.08 -20.31
N ASP C 280 22.18 30.26 -19.27
CA ASP C 280 21.19 29.25 -18.94
C ASP C 280 20.12 29.79 -17.97
N VAL C 281 20.30 31.01 -17.50
CA VAL C 281 19.36 31.61 -16.55
C VAL C 281 18.24 32.37 -17.26
N LYS C 282 17.06 31.75 -17.32
CA LYS C 282 15.91 32.37 -17.97
C LYS C 282 14.74 32.65 -17.02
N THR C 283 14.73 32.02 -15.84
CA THR C 283 13.66 32.32 -14.89
C THR C 283 14.25 32.84 -13.58
N ASN C 284 13.81 32.32 -12.43
CA ASN C 284 14.32 32.84 -11.16
C ASN C 284 15.36 31.98 -10.44
N MSE C 285 16.10 31.15 -11.19
CA MSE C 285 17.10 30.30 -10.56
C MSE C 285 18.49 30.35 -11.19
O MSE C 285 18.63 30.56 -12.40
CB MSE C 285 16.62 28.85 -10.56
CG MSE C 285 15.34 28.63 -9.79
SE MSE C 285 14.93 26.75 -9.64
CE MSE C 285 13.42 26.89 -8.43
N VAL C 286 19.49 30.15 -10.36
CA VAL C 286 20.88 30.14 -10.79
C VAL C 286 21.62 28.96 -10.15
N ILE C 287 22.18 28.08 -10.97
CA ILE C 287 22.93 26.95 -10.43
C ILE C 287 24.40 27.38 -10.37
N LEU C 288 25.00 27.20 -9.20
CA LEU C 288 26.39 27.58 -9.00
C LEU C 288 27.22 26.33 -8.66
N ARG C 289 28.20 26.03 -9.50
CA ARG C 289 29.05 24.86 -9.28
C ARG C 289 30.27 25.23 -8.42
N THR C 290 30.69 24.31 -7.57
CA THR C 290 31.81 24.57 -6.67
C THR C 290 33.09 23.84 -7.05
N ASP C 291 33.12 23.26 -8.25
CA ASP C 291 34.29 22.53 -8.69
C ASP C 291 35.57 23.36 -8.71
N ASN C 292 35.45 24.68 -8.86
CA ASN C 292 36.63 25.53 -8.90
C ASN C 292 36.91 26.23 -7.57
N LEU C 293 36.29 25.76 -6.50
CA LEU C 293 36.47 26.36 -5.18
C LEU C 293 37.23 25.44 -4.23
N LYS C 294 37.76 26.03 -3.14
CA LYS C 294 38.53 25.30 -2.14
C LYS C 294 37.67 24.40 -1.23
N VAL C 295 36.36 24.60 -1.24
CA VAL C 295 35.45 23.79 -0.43
C VAL C 295 34.32 23.31 -1.34
N ASN C 296 33.59 22.28 -0.92
CA ASN C 296 32.48 21.79 -1.74
C ASN C 296 31.22 22.60 -1.45
N ALA C 297 30.11 22.23 -2.06
CA ALA C 297 28.86 22.96 -1.87
C ALA C 297 28.44 23.13 -0.42
N HIS C 298 28.52 22.05 0.35
CA HIS C 298 28.12 22.11 1.76
C HIS C 298 29.00 23.08 2.54
N GLY C 299 30.30 23.05 2.26
CA GLY C 299 31.19 23.96 2.96
C GLY C 299 30.99 25.41 2.54
N PHE C 300 30.68 25.62 1.28
CA PHE C 300 30.47 26.98 0.79
C PHE C 300 29.15 27.53 1.32
N ILE C 301 28.15 26.66 1.44
CA ILE C 301 26.85 27.07 1.95
C ILE C 301 26.96 27.62 3.38
N GLU C 302 27.77 26.97 4.20
CA GLU C 302 28.00 27.24 5.63
C GLU C 302 28.75 28.68 5.62
N ALA C 303 29.73 28.87 4.71
CA ALA C 303 30.48 30.14 4.63
C ALA C 303 29.53 31.26 4.27
N LEU C 304 28.66 31.01 3.29
CA LEU C 304 27.68 32.02 2.89
C LEU C 304 26.77 32.36 4.06
N ARG C 305 26.29 31.35 4.77
CA ARG C 305 25.40 31.57 5.90
C ARG C 305 26.04 32.47 6.94
N ASN C 306 27.33 32.25 7.22
CA ASN C 306 28.02 33.08 8.21
C ASN C 306 28.18 34.53 7.76
N SER C 307 28.06 34.76 6.45
CA SER C 307 28.19 36.11 5.91
C SER C 307 26.85 36.80 5.63
N GLY C 308 25.75 36.10 5.91
CA GLY C 308 24.44 36.69 5.70
C GLY C 308 23.68 36.24 4.46
N VAL C 309 24.17 35.22 3.78
CA VAL C 309 23.48 34.73 2.59
C VAL C 309 23.07 33.27 2.75
N LEU C 310 21.77 33.02 2.57
CA LEU C 310 21.23 31.67 2.70
C LEU C 310 20.94 31.05 1.34
N ALA C 311 21.37 29.81 1.17
CA ALA C 311 21.15 29.06 -0.06
C ALA C 311 21.23 27.57 0.27
N ASN C 312 20.77 26.72 -0.63
CA ASN C 312 20.82 25.27 -0.39
C ASN C 312 21.74 24.56 -1.36
N ALA C 313 22.36 23.47 -0.91
CA ALA C 313 23.21 22.67 -1.77
C ALA C 313 22.26 21.66 -2.41
N VAL C 314 22.41 21.40 -3.70
CA VAL C 314 21.54 20.43 -4.37
C VAL C 314 22.32 19.17 -4.69
N SER C 315 23.62 19.21 -4.42
CA SER C 315 24.52 18.08 -4.62
C SER C 315 25.81 18.47 -3.91
N ASP C 316 26.80 17.58 -3.89
CA ASP C 316 28.06 17.88 -3.23
C ASP C 316 28.84 18.98 -3.97
N THR C 317 28.47 19.23 -5.21
CA THR C 317 29.17 20.23 -6.01
C THR C 317 28.29 21.33 -6.63
N GLU C 318 27.01 21.37 -6.27
CA GLU C 318 26.11 22.37 -6.83
C GLU C 318 25.24 23.07 -5.80
N ILE C 319 25.12 24.39 -5.97
CA ILE C 319 24.31 25.22 -5.09
C ILE C 319 23.23 25.87 -5.95
N ARG C 320 22.03 25.99 -5.40
CA ARG C 320 20.92 26.61 -6.11
C ARG C 320 20.60 27.94 -5.45
N LEU C 321 20.51 28.99 -6.27
CA LEU C 321 20.18 30.32 -5.76
C LEU C 321 18.84 30.67 -6.41
N VAL C 322 17.88 31.12 -5.63
CA VAL C 322 16.56 31.45 -6.15
C VAL C 322 16.14 32.85 -5.74
N THR C 323 15.64 33.62 -6.70
CA THR C 323 15.17 34.97 -6.41
C THR C 323 13.66 34.96 -6.27
N HIS C 324 13.13 36.01 -5.64
CA HIS C 324 11.70 36.13 -5.40
C HIS C 324 11.40 37.54 -4.91
N LYS C 325 10.11 37.81 -4.68
CA LYS C 325 9.65 39.13 -4.24
C LYS C 325 10.40 39.68 -3.03
N ASP C 326 10.80 38.84 -2.09
CA ASP C 326 11.49 39.34 -0.92
C ASP C 326 13.00 39.52 -1.06
N VAL C 327 13.48 39.53 -2.30
CA VAL C 327 14.89 39.77 -2.60
C VAL C 327 14.93 40.90 -3.61
N SER C 328 15.27 42.10 -3.14
CA SER C 328 15.33 43.28 -4.00
C SER C 328 16.65 43.36 -4.75
N ARG C 329 16.71 44.23 -5.76
CA ARG C 329 17.95 44.39 -6.51
C ARG C 329 19.04 44.82 -5.51
N ASN C 330 18.66 45.63 -4.53
CA ASN C 330 19.60 46.07 -3.50
C ASN C 330 20.14 44.87 -2.73
N ASP C 331 19.26 43.92 -2.44
CA ASP C 331 19.68 42.73 -1.71
C ASP C 331 20.67 41.94 -2.57
N ILE C 332 20.42 41.89 -3.87
CA ILE C 332 21.30 41.18 -4.79
C ILE C 332 22.68 41.84 -4.81
N GLU C 333 22.70 43.17 -4.78
CA GLU C 333 23.96 43.91 -4.79
C GLU C 333 24.75 43.58 -3.53
N GLU C 334 24.06 43.59 -2.39
CA GLU C 334 24.70 43.29 -1.12
C GLU C 334 25.24 41.86 -1.14
N ALA C 335 24.46 40.95 -1.73
CA ALA C 335 24.85 39.56 -1.82
C ALA C 335 26.10 39.45 -2.69
N LEU C 336 26.10 40.16 -3.82
CA LEU C 336 27.23 40.13 -4.73
C LEU C 336 28.50 40.59 -4.05
N ASN C 337 28.40 41.57 -3.16
CA ASN C 337 29.58 42.05 -2.44
C ASN C 337 30.08 40.94 -1.53
N ILE C 338 29.15 40.17 -0.97
CA ILE C 338 29.52 39.07 -0.09
C ILE C 338 30.18 37.95 -0.90
N PHE C 339 29.59 37.62 -2.05
CA PHE C 339 30.15 36.58 -2.90
C PHE C 339 31.55 36.98 -3.37
N GLU C 340 31.71 38.27 -3.65
CA GLU C 340 32.98 38.80 -4.10
C GLU C 340 34.06 38.51 -3.04
N LYS C 341 33.75 38.85 -1.79
CA LYS C 341 34.68 38.62 -0.69
C LYS C 341 34.99 37.14 -0.50
N LEU C 342 33.96 36.30 -0.60
CA LEU C 342 34.16 34.87 -0.43
C LEU C 342 34.95 34.24 -1.56
N PHE C 343 34.91 34.84 -2.75
CA PHE C 343 35.67 34.30 -3.87
C PHE C 343 37.16 34.43 -3.55
N ARG C 344 37.53 35.53 -2.89
CA ARG C 344 38.92 35.76 -2.51
C ARG C 344 39.39 34.69 -1.53
N LYS C 345 38.48 34.22 -0.68
CA LYS C 345 38.82 33.22 0.32
C LYS C 345 38.78 31.79 -0.18
N PHE C 346 37.86 31.47 -1.07
CA PHE C 346 37.72 30.11 -1.53
C PHE C 346 38.07 29.75 -2.97
N SER C 347 38.44 30.73 -3.79
CA SER C 347 38.80 30.43 -5.16
C SER C 347 40.18 29.77 -5.18
N MSE D 4 1.64 -43.52 16.30
CA MSE D 4 1.45 -42.15 15.72
C MSE D 4 0.35 -41.42 16.47
O MSE D 4 -0.29 -41.99 17.35
CB MSE D 4 1.10 -42.26 14.23
CG MSE D 4 1.33 -40.98 13.44
SE MSE D 4 3.18 -40.42 13.42
CE MSE D 4 3.09 -38.97 14.68
N MSE D 5 0.11 -40.16 16.10
CA MSE D 5 -0.89 -39.33 16.76
C MSE D 5 -2.22 -39.29 15.99
O MSE D 5 -2.26 -39.52 14.78
CB MSE D 5 -0.38 -37.89 16.86
CG MSE D 5 1.06 -37.76 17.33
SE MSE D 5 1.19 -38.09 19.21
CE MSE D 5 0.65 -36.37 19.87
N ILE D 6 -3.30 -39.00 16.71
CA ILE D 6 -4.62 -38.87 16.09
C ILE D 6 -4.69 -37.37 15.83
N ASP D 7 -4.54 -36.99 14.57
CA ASP D 7 -4.51 -35.57 14.19
C ASP D 7 -5.86 -34.95 13.83
N LEU D 8 -6.46 -34.27 14.80
CA LEU D 8 -7.75 -33.62 14.59
C LEU D 8 -7.59 -32.11 14.48
N ARG D 9 -6.35 -31.65 14.29
CA ARG D 9 -6.07 -30.22 14.19
C ARG D 9 -6.72 -29.53 12.98
N SER D 10 -6.71 -30.19 11.83
CA SER D 10 -7.26 -29.60 10.62
C SER D 10 -7.28 -30.63 9.51
N ASP D 11 -7.96 -30.32 8.42
CA ASP D 11 -8.00 -31.22 7.28
C ASP D 11 -6.84 -30.89 6.34
N THR D 12 -6.06 -29.87 6.69
CA THR D 12 -4.91 -29.50 5.86
C THR D 12 -3.80 -30.54 5.95
N VAL D 13 -3.85 -31.38 6.98
CA VAL D 13 -2.81 -32.39 7.19
C VAL D 13 -2.93 -33.63 6.33
N THR D 14 -3.98 -33.72 5.52
CA THR D 14 -4.17 -34.88 4.65
C THR D 14 -2.95 -35.11 3.76
N LYS D 15 -2.56 -36.37 3.63
CA LYS D 15 -1.42 -36.72 2.80
C LYS D 15 -1.89 -37.31 1.47
N PRO D 16 -1.03 -37.28 0.44
CA PRO D 16 -1.35 -37.80 -0.89
C PRO D 16 -1.66 -39.28 -0.89
N THR D 17 -2.63 -39.68 -1.71
CA THR D 17 -2.98 -41.09 -1.83
C THR D 17 -1.96 -41.69 -2.78
N GLU D 18 -1.93 -43.02 -2.86
CA GLU D 18 -1.01 -43.72 -3.74
C GLU D 18 -1.19 -43.25 -5.19
N GLU D 19 -2.45 -43.12 -5.60
CA GLU D 19 -2.79 -42.69 -6.96
C GLU D 19 -2.24 -41.30 -7.26
N MSE D 20 -2.24 -40.43 -6.27
CA MSE D 20 -1.74 -39.07 -6.43
C MSE D 20 -0.22 -39.04 -6.60
O MSE D 20 0.31 -38.36 -7.48
CB MSE D 20 -2.11 -38.19 -5.23
CG MSE D 20 -3.58 -37.85 -5.14
SE MSE D 20 -3.93 -36.66 -3.66
CE MSE D 20 -5.80 -36.53 -3.98
N ARG D 21 0.48 -39.78 -5.73
CA ARG D 21 1.94 -39.83 -5.80
C ARG D 21 2.41 -40.27 -7.18
N LYS D 22 1.78 -41.30 -7.72
CA LYS D 22 2.14 -41.80 -9.05
C LYS D 22 1.83 -40.76 -10.12
N ALA D 23 0.66 -40.13 -10.01
CA ALA D 23 0.25 -39.12 -10.97
C ALA D 23 1.20 -37.92 -10.97
N MSE D 24 1.66 -37.52 -9.80
CA MSE D 24 2.57 -36.38 -9.70
C MSE D 24 3.93 -36.74 -10.32
O MSE D 24 4.48 -35.98 -11.12
CB MSE D 24 2.76 -35.96 -8.24
CG MSE D 24 1.50 -35.51 -7.56
SE MSE D 24 1.83 -34.84 -5.75
CE MSE D 24 2.09 -36.54 -4.85
N ALA D 25 4.46 -37.88 -9.93
CA ALA D 25 5.75 -38.33 -10.43
C ALA D 25 5.76 -38.57 -11.93
N GLN D 26 4.58 -38.83 -12.50
CA GLN D 26 4.45 -39.09 -13.93
C GLN D 26 3.72 -37.98 -14.67
N ALA D 27 3.60 -36.81 -14.04
CA ALA D 27 2.89 -35.70 -14.65
C ALA D 27 3.51 -35.14 -15.92
N GLU D 28 2.66 -34.82 -16.89
CA GLU D 28 3.10 -34.21 -18.15
C GLU D 28 3.13 -32.72 -17.81
N VAL D 29 4.28 -32.09 -17.96
CA VAL D 29 4.39 -30.68 -17.59
C VAL D 29 4.89 -29.72 -18.67
N GLY D 30 4.87 -28.44 -18.33
CA GLY D 30 5.31 -27.40 -19.23
C GLY D 30 5.50 -26.14 -18.42
N ASP D 31 5.89 -25.04 -19.06
CA ASP D 31 6.09 -23.79 -18.32
C ASP D 31 4.76 -23.05 -18.23
N ASP D 32 4.19 -23.00 -17.03
CA ASP D 32 2.91 -22.33 -16.82
C ASP D 32 2.95 -20.85 -17.13
N VAL D 33 4.12 -20.22 -17.02
CA VAL D 33 4.22 -18.80 -17.32
C VAL D 33 3.82 -18.58 -18.79
N TYR D 34 4.09 -19.59 -19.63
CA TYR D 34 3.73 -19.52 -21.04
C TYR D 34 2.37 -20.17 -21.26
N GLY D 35 1.74 -20.60 -20.18
CA GLY D 35 0.45 -21.26 -20.26
C GLY D 35 0.60 -22.59 -20.98
N GLU D 36 1.79 -23.19 -20.87
CA GLU D 36 2.08 -24.43 -21.56
C GLU D 36 2.09 -25.72 -20.74
N ASP D 37 1.68 -25.66 -19.48
CA ASP D 37 1.65 -26.89 -18.69
C ASP D 37 0.29 -27.53 -18.96
N PRO D 38 0.29 -28.69 -19.63
CA PRO D 38 -0.92 -29.44 -20.00
C PRO D 38 -1.77 -29.89 -18.82
N THR D 39 -1.13 -30.25 -17.72
CA THR D 39 -1.85 -30.73 -16.55
C THR D 39 -2.51 -29.57 -15.82
N ILE D 40 -1.81 -28.44 -15.70
CA ILE D 40 -2.40 -27.26 -15.08
C ILE D 40 -3.59 -26.81 -15.93
N ASN D 41 -3.41 -26.81 -17.25
CA ASN D 41 -4.48 -26.38 -18.14
C ASN D 41 -5.73 -27.26 -18.01
N GLU D 42 -5.53 -28.57 -17.87
CA GLU D 42 -6.65 -29.48 -17.74
C GLU D 42 -7.31 -29.28 -16.38
N LEU D 43 -6.51 -29.06 -15.34
CA LEU D 43 -7.07 -28.83 -14.01
C LEU D 43 -7.96 -27.60 -14.02
N GLU D 44 -7.47 -26.53 -14.64
CA GLU D 44 -8.25 -25.29 -14.69
C GLU D 44 -9.52 -25.47 -15.55
N ARG D 45 -9.41 -26.20 -16.65
CA ARG D 45 -10.58 -26.43 -17.50
C ARG D 45 -11.64 -27.20 -16.71
N LEU D 46 -11.19 -28.24 -16.00
CA LEU D 46 -12.07 -29.08 -15.19
C LEU D 46 -12.72 -28.29 -14.06
N ALA D 47 -11.94 -27.42 -13.43
CA ALA D 47 -12.45 -26.61 -12.32
C ALA D 47 -13.52 -25.64 -12.81
N ALA D 48 -13.22 -24.94 -13.90
CA ALA D 48 -14.17 -23.98 -14.45
C ALA D 48 -15.48 -24.70 -14.76
N GLU D 49 -15.36 -25.85 -15.44
CA GLU D 49 -16.52 -26.66 -15.80
C GLU D 49 -17.35 -27.08 -14.59
N THR D 50 -16.66 -27.60 -13.58
CA THR D 50 -17.32 -28.04 -12.35
C THR D 50 -18.14 -26.94 -11.67
N PHE D 51 -17.64 -25.72 -11.71
CA PHE D 51 -18.35 -24.60 -11.08
C PHE D 51 -19.21 -23.79 -12.04
N GLY D 52 -19.36 -24.26 -13.27
CA GLY D 52 -20.17 -23.55 -14.24
C GLY D 52 -19.64 -22.17 -14.57
N LYS D 53 -18.32 -22.02 -14.61
CA LYS D 53 -17.69 -20.74 -14.92
C LYS D 53 -16.86 -20.81 -16.21
N GLU D 54 -16.49 -19.65 -16.74
CA GLU D 54 -15.72 -19.55 -17.98
C GLU D 54 -14.24 -19.85 -17.85
N ALA D 55 -13.66 -19.51 -16.70
CA ALA D 55 -12.23 -19.71 -16.51
C ALA D 55 -11.82 -20.03 -15.08
N ALA D 56 -10.58 -20.46 -14.91
CA ALA D 56 -10.06 -20.80 -13.60
C ALA D 56 -8.57 -20.54 -13.51
N LEU D 57 -8.07 -20.39 -12.29
CA LEU D 57 -6.66 -20.11 -12.06
C LEU D 57 -6.12 -20.92 -10.89
N PHE D 58 -5.05 -21.66 -11.13
CA PHE D 58 -4.43 -22.45 -10.09
C PHE D 58 -3.53 -21.55 -9.24
N VAL D 59 -3.62 -21.66 -7.92
CA VAL D 59 -2.77 -20.88 -7.03
C VAL D 59 -2.17 -21.77 -5.96
N PRO D 60 -1.02 -21.37 -5.39
CA PRO D 60 -0.35 -22.16 -4.35
C PRO D 60 -1.05 -22.31 -2.99
N SER D 61 -2.04 -21.47 -2.71
CA SER D 61 -2.73 -21.55 -1.43
C SER D 61 -4.09 -20.85 -1.49
N GLY D 62 -4.96 -21.18 -0.54
CA GLY D 62 -6.28 -20.57 -0.49
C GLY D 62 -6.12 -19.10 -0.16
N THR D 63 -5.09 -18.78 0.64
CA THR D 63 -4.84 -17.40 1.01
C THR D 63 -4.58 -16.62 -0.28
N MSE D 64 -3.72 -17.13 -1.15
CA MSE D 64 -3.48 -16.37 -2.38
C MSE D 64 -4.73 -16.31 -3.23
O MSE D 64 -4.99 -15.31 -3.90
CB MSE D 64 -2.34 -16.97 -3.22
CG MSE D 64 -1.83 -15.92 -4.23
SE MSE D 64 -0.49 -16.52 -5.45
CE MSE D 64 1.04 -16.45 -4.28
N GLY D 65 -5.52 -17.39 -3.22
CA GLY D 65 -6.75 -17.40 -3.99
C GLY D 65 -7.64 -16.25 -3.59
N ASN D 66 -7.84 -16.06 -2.29
CA ASN D 66 -8.66 -14.96 -1.81
C ASN D 66 -8.03 -13.61 -2.12
N GLN D 67 -6.73 -13.48 -1.87
CA GLN D 67 -6.07 -12.20 -2.11
C GLN D 67 -6.02 -11.75 -3.57
N VAL D 68 -5.80 -12.66 -4.52
CA VAL D 68 -5.79 -12.22 -5.92
C VAL D 68 -7.22 -11.84 -6.31
N SER D 69 -8.21 -12.52 -5.73
CA SER D 69 -9.60 -12.21 -6.04
C SER D 69 -9.93 -10.81 -5.51
N ILE D 70 -9.49 -10.52 -4.30
CA ILE D 70 -9.73 -9.20 -3.72
C ILE D 70 -9.04 -8.14 -4.57
N MSE D 71 -7.82 -8.44 -4.99
CA MSE D 71 -7.06 -7.50 -5.82
C MSE D 71 -7.76 -7.24 -7.15
O MSE D 71 -7.86 -6.09 -7.58
CB MSE D 71 -5.66 -8.03 -6.08
CG MSE D 71 -4.82 -8.09 -4.84
SE MSE D 71 -3.05 -8.63 -5.31
CE MSE D 71 -2.79 -7.31 -6.73
N ALA D 72 -8.23 -8.29 -7.79
CA ALA D 72 -8.90 -8.17 -9.09
C ALA D 72 -10.27 -7.51 -8.99
N HIS D 73 -10.91 -7.58 -7.82
CA HIS D 73 -12.24 -7.00 -7.64
C HIS D 73 -12.25 -5.57 -7.10
N THR D 74 -11.14 -5.12 -6.53
CA THR D 74 -11.12 -3.81 -5.90
C THR D 74 -10.09 -2.79 -6.36
N GLN D 75 -10.24 -1.57 -5.85
CA GLN D 75 -9.31 -0.48 -6.12
C GLN D 75 -8.85 0.00 -4.76
N ARG D 76 -7.71 0.66 -4.71
CA ARG D 76 -7.19 1.15 -3.43
C ARG D 76 -8.22 2.01 -2.71
N GLY D 77 -8.35 1.78 -1.41
CA GLY D 77 -9.30 2.54 -0.62
C GLY D 77 -10.72 2.01 -0.54
N ASP D 78 -11.03 0.95 -1.27
CA ASP D 78 -12.38 0.40 -1.24
C ASP D 78 -12.60 -0.37 0.05
N GLU D 79 -13.87 -0.67 0.33
CA GLU D 79 -14.24 -1.46 1.49
C GLU D 79 -14.73 -2.80 1.01
N VAL D 80 -14.42 -3.85 1.76
CA VAL D 80 -14.85 -5.20 1.42
C VAL D 80 -15.73 -5.68 2.57
N ILE D 81 -17.01 -5.92 2.28
CA ILE D 81 -17.91 -6.41 3.29
C ILE D 81 -17.61 -7.91 3.46
N LEU D 82 -17.42 -8.34 4.70
CA LEU D 82 -17.16 -9.74 4.96
C LEU D 82 -17.69 -10.12 6.34
N GLU D 83 -17.84 -11.42 6.58
CA GLU D 83 -18.36 -11.91 7.85
C GLU D 83 -17.38 -11.61 9.00
N ALA D 84 -17.92 -11.17 10.13
CA ALA D 84 -17.12 -10.80 11.30
C ALA D 84 -16.09 -11.81 11.79
N ASP D 85 -16.33 -13.10 11.59
CA ASP D 85 -15.38 -14.12 12.02
C ASP D 85 -14.79 -14.89 10.84
N SER D 86 -14.75 -14.26 9.67
CA SER D 86 -14.23 -14.91 8.48
C SER D 86 -12.71 -15.06 8.42
N HIS D 87 -12.26 -16.05 7.66
CA HIS D 87 -10.84 -16.32 7.52
C HIS D 87 -10.04 -15.17 6.94
N ILE D 88 -10.60 -14.52 5.91
CA ILE D 88 -9.94 -13.39 5.27
C ILE D 88 -9.64 -12.27 6.28
N PHE D 89 -10.57 -12.07 7.20
CA PHE D 89 -10.46 -11.03 8.22
C PHE D 89 -9.51 -11.38 9.36
N TRP D 90 -9.53 -12.63 9.81
CA TRP D 90 -8.70 -13.04 10.96
C TRP D 90 -7.42 -13.84 10.72
N TYR D 91 -7.39 -14.67 9.69
CA TYR D 91 -6.24 -15.53 9.45
C TYR D 91 -5.40 -15.29 8.22
N GLU D 92 -5.56 -14.13 7.58
CA GLU D 92 -4.76 -13.89 6.38
C GLU D 92 -3.74 -12.77 6.49
N VAL D 93 -3.11 -12.71 7.65
CA VAL D 93 -2.04 -11.76 7.94
C VAL D 93 -2.27 -10.31 7.54
N GLY D 94 -3.52 -9.86 7.53
CA GLY D 94 -3.81 -8.50 7.14
C GLY D 94 -3.46 -8.20 5.69
N ALA D 95 -3.33 -9.25 4.89
CA ALA D 95 -2.98 -9.10 3.48
C ALA D 95 -3.87 -8.17 2.67
N MSE D 96 -5.18 -8.16 2.94
CA MSE D 96 -6.07 -7.30 2.16
C MSE D 96 -5.67 -5.83 2.27
O MSE D 96 -5.78 -5.07 1.31
CB MSE D 96 -7.53 -7.49 2.60
CG MSE D 96 -7.82 -7.13 4.05
SE MSE D 96 -9.57 -7.78 4.61
CE MSE D 96 -10.68 -6.77 3.42
N ALA D 97 -5.18 -5.44 3.44
CA ALA D 97 -4.76 -4.05 3.65
C ALA D 97 -3.43 -3.75 2.95
N VAL D 98 -2.45 -4.63 3.13
CA VAL D 98 -1.14 -4.42 2.53
C VAL D 98 -1.13 -4.56 1.01
N LEU D 99 -1.72 -5.64 0.51
CA LEU D 99 -1.74 -5.92 -0.92
C LEU D 99 -2.70 -5.11 -1.77
N SER D 100 -3.93 -4.94 -1.28
CA SER D 100 -4.94 -4.20 -2.04
C SER D 100 -5.29 -2.83 -1.50
N GLY D 101 -4.80 -2.51 -0.31
CA GLY D 101 -5.10 -1.23 0.30
C GLY D 101 -6.59 -1.05 0.54
N VAL D 102 -7.27 -2.14 0.89
CA VAL D 102 -8.71 -2.06 1.16
C VAL D 102 -9.03 -2.25 2.63
N MSE D 103 -10.20 -1.73 3.01
CA MSE D 103 -10.70 -1.80 4.39
C MSE D 103 -11.76 -2.87 4.55
O MSE D 103 -12.68 -2.97 3.74
CB MSE D 103 -11.37 -0.46 4.75
CG MSE D 103 -10.44 0.69 4.96
SE MSE D 103 -9.78 0.62 6.76
CE MSE D 103 -11.35 1.19 7.68
N PRO D 104 -11.66 -3.69 5.61
CA PRO D 104 -12.69 -4.72 5.79
C PRO D 104 -13.89 -4.07 6.47
N HIS D 105 -15.09 -4.52 6.12
CA HIS D 105 -16.31 -4.00 6.74
C HIS D 105 -16.99 -5.22 7.34
N PRO D 106 -16.64 -5.56 8.60
CA PRO D 106 -17.21 -6.72 9.30
C PRO D 106 -18.70 -6.64 9.53
N VAL D 107 -19.39 -7.71 9.20
CA VAL D 107 -20.83 -7.80 9.42
C VAL D 107 -21.05 -9.11 10.16
N PRO D 108 -21.66 -9.03 11.35
CA PRO D 108 -21.89 -10.25 12.13
C PRO D 108 -22.81 -11.20 11.37
N GLY D 109 -22.56 -12.50 11.51
CA GLY D 109 -23.38 -13.47 10.83
C GLY D 109 -23.80 -14.57 11.78
N LYS D 110 -24.91 -15.23 11.45
CA LYS D 110 -25.39 -16.32 12.27
C LYS D 110 -24.90 -17.58 11.56
N ASN D 111 -23.84 -18.19 12.07
CA ASN D 111 -23.29 -19.39 11.47
C ASN D 111 -22.77 -19.12 10.05
N GLY D 112 -22.14 -17.98 9.87
CA GLY D 112 -21.58 -17.63 8.57
C GLY D 112 -22.57 -16.94 7.63
N ALA D 113 -23.83 -16.95 8.00
CA ALA D 113 -24.85 -16.32 7.18
C ALA D 113 -25.11 -14.89 7.61
N MSE D 114 -24.59 -13.93 6.85
CA MSE D 114 -24.81 -12.53 7.16
C MSE D 114 -26.24 -12.23 6.73
O MSE D 114 -26.67 -12.64 5.65
CB MSE D 114 -23.85 -11.64 6.37
CG MSE D 114 -22.38 -11.82 6.71
SE MSE D 114 -21.30 -10.69 5.60
CE MSE D 114 -21.26 -11.77 4.00
N ASP D 115 -26.97 -11.53 7.59
CA ASP D 115 -28.35 -11.17 7.27
C ASP D 115 -28.32 -10.27 6.04
N PRO D 116 -29.08 -10.62 5.00
CA PRO D 116 -29.11 -9.80 3.78
C PRO D 116 -29.36 -8.31 4.05
N ASP D 117 -30.24 -8.01 4.99
CA ASP D 117 -30.52 -6.61 5.30
C ASP D 117 -29.33 -5.94 5.98
N ASP D 118 -28.56 -6.72 6.74
CA ASP D 118 -27.37 -6.16 7.39
C ASP D 118 -26.33 -5.85 6.31
N VAL D 119 -26.24 -6.72 5.31
CA VAL D 119 -25.30 -6.52 4.21
C VAL D 119 -25.69 -5.23 3.49
N ARG D 120 -26.99 -5.08 3.27
CA ARG D 120 -27.53 -3.90 2.60
C ARG D 120 -27.11 -2.64 3.36
N LYS D 121 -27.29 -2.65 4.67
CA LYS D 121 -26.93 -1.50 5.50
C LYS D 121 -25.43 -1.24 5.53
N ALA D 122 -24.64 -2.28 5.28
CA ALA D 122 -23.18 -2.16 5.31
C ALA D 122 -22.62 -1.48 4.06
N ILE D 123 -23.41 -1.42 3.00
CA ILE D 123 -22.96 -0.78 1.77
C ILE D 123 -22.86 0.72 2.05
N ARG D 124 -21.70 1.29 1.74
CA ARG D 124 -21.47 2.71 1.99
C ARG D 124 -22.17 3.65 1.02
N PRO D 125 -22.75 4.74 1.55
CA PRO D 125 -23.44 5.73 0.71
C PRO D 125 -22.33 6.51 0.00
N ARG D 126 -22.61 7.11 -1.15
CA ARG D 126 -21.57 7.88 -1.81
C ARG D 126 -21.35 9.17 -1.02
N ASN D 127 -20.21 9.25 -0.36
CA ASN D 127 -19.88 10.42 0.44
C ASN D 127 -18.36 10.51 0.47
N ILE D 128 -17.85 11.73 0.44
CA ILE D 128 -16.40 11.94 0.43
C ILE D 128 -15.68 11.29 1.61
N HIS D 129 -16.39 11.15 2.72
CA HIS D 129 -15.83 10.55 3.94
C HIS D 129 -15.74 9.03 3.87
N PHE D 130 -16.55 8.42 3.01
CA PHE D 130 -16.59 6.97 2.92
C PHE D 130 -15.97 6.31 1.71
N PRO D 131 -15.29 5.18 1.94
CA PRO D 131 -14.67 4.46 0.82
C PRO D 131 -15.80 3.78 0.04
N ARG D 132 -15.54 3.35 -1.18
CA ARG D 132 -16.56 2.69 -1.98
C ARG D 132 -16.61 1.20 -1.67
N THR D 133 -17.82 0.68 -1.45
CA THR D 133 -17.99 -0.74 -1.19
C THR D 133 -17.95 -1.40 -2.57
N SER D 134 -16.91 -2.18 -2.84
CA SER D 134 -16.79 -2.80 -4.15
C SER D 134 -16.84 -4.31 -4.14
N LEU D 135 -16.79 -4.90 -2.95
CA LEU D 135 -16.79 -6.35 -2.85
C LEU D 135 -17.46 -6.88 -1.59
N ILE D 136 -18.19 -7.97 -1.74
CA ILE D 136 -18.85 -8.64 -0.63
C ILE D 136 -18.28 -10.07 -0.66
N ALA D 137 -17.72 -10.52 0.44
CA ALA D 137 -17.16 -11.86 0.50
C ALA D 137 -17.98 -12.75 1.40
N ILE D 138 -18.19 -13.98 0.95
CA ILE D 138 -18.97 -14.98 1.69
C ILE D 138 -18.12 -16.25 1.84
N GLU D 139 -18.10 -16.81 3.05
CA GLU D 139 -17.32 -18.00 3.31
C GLU D 139 -18.26 -19.19 3.45
N ASN D 140 -18.25 -20.14 2.51
CA ASN D 140 -19.18 -21.25 2.68
C ASN D 140 -18.55 -22.46 3.30
N THR D 141 -19.22 -22.81 4.39
CA THR D 141 -18.89 -23.79 5.40
C THR D 141 -17.96 -22.74 5.96
N HIS D 142 -18.53 -22.06 6.94
CA HIS D 142 -17.86 -21.01 7.66
C HIS D 142 -17.05 -21.80 8.66
N ASN D 143 -15.75 -21.57 8.65
CA ASN D 143 -14.83 -22.30 9.51
C ASN D 143 -15.01 -22.05 11.00
N ARG D 144 -14.84 -20.81 11.43
CA ARG D 144 -14.93 -20.46 12.85
C ARG D 144 -16.19 -20.91 13.60
N SER D 145 -17.34 -20.89 12.93
CA SER D 145 -18.58 -21.29 13.56
C SER D 145 -18.73 -22.82 13.66
N GLY D 146 -17.77 -23.55 13.12
CA GLY D 146 -17.81 -25.02 13.17
C GLY D 146 -18.10 -25.70 11.84
N GLY D 147 -17.60 -25.12 10.75
CA GLY D 147 -17.83 -25.72 9.44
C GLY D 147 -19.31 -25.68 9.10
N ARG D 148 -19.95 -24.57 9.40
CA ARG D 148 -21.39 -24.42 9.15
C ARG D 148 -21.69 -24.13 7.68
N VAL D 149 -22.80 -24.66 7.21
CA VAL D 149 -23.22 -24.49 5.82
C VAL D 149 -24.08 -23.25 5.61
N VAL D 150 -23.63 -22.36 4.73
CA VAL D 150 -24.38 -21.14 4.43
C VAL D 150 -25.47 -21.54 3.42
N PRO D 151 -26.74 -21.25 3.74
CA PRO D 151 -27.84 -21.59 2.82
C PRO D 151 -27.73 -20.93 1.46
N LEU D 152 -28.10 -21.66 0.41
CA LEU D 152 -28.06 -21.13 -0.95
C LEU D 152 -28.91 -19.87 -1.06
N GLU D 153 -30.06 -19.86 -0.39
CA GLU D 153 -30.96 -18.70 -0.44
C GLU D 153 -30.29 -17.45 0.12
N ASN D 154 -29.41 -17.63 1.09
CA ASN D 154 -28.69 -16.50 1.69
C ASN D 154 -27.79 -15.87 0.63
N ILE D 155 -27.03 -16.73 -0.05
CA ILE D 155 -26.12 -16.28 -1.09
C ILE D 155 -26.90 -15.65 -2.22
N LYS D 156 -28.04 -16.23 -2.56
CA LYS D 156 -28.88 -15.70 -3.62
C LYS D 156 -29.33 -14.27 -3.30
N GLU D 157 -29.82 -14.07 -2.08
CA GLU D 157 -30.29 -12.75 -1.66
C GLU D 157 -29.19 -11.69 -1.69
N ILE D 158 -28.00 -12.07 -1.25
CA ILE D 158 -26.87 -11.16 -1.24
C ILE D 158 -26.45 -10.82 -2.67
N CYS D 159 -26.54 -11.80 -3.56
CA CYS D 159 -26.19 -11.60 -4.96
C CYS D 159 -27.12 -10.54 -5.57
N THR D 160 -28.40 -10.66 -5.26
CA THR D 160 -29.42 -9.73 -5.75
C THR D 160 -29.08 -8.31 -5.30
N ILE D 161 -28.72 -8.19 -4.02
CA ILE D 161 -28.35 -6.89 -3.46
C ILE D 161 -27.10 -6.36 -4.15
N ALA D 162 -26.10 -7.21 -4.30
CA ALA D 162 -24.84 -6.81 -4.93
C ALA D 162 -25.07 -6.31 -6.36
N LYS D 163 -25.87 -7.04 -7.12
CA LYS D 163 -26.16 -6.66 -8.50
C LYS D 163 -26.80 -5.29 -8.59
N GLU D 164 -27.77 -5.03 -7.72
CA GLU D 164 -28.46 -3.75 -7.73
C GLU D 164 -27.49 -2.59 -7.51
N HIS D 165 -26.42 -2.86 -6.78
CA HIS D 165 -25.42 -1.84 -6.47
C HIS D 165 -24.14 -1.94 -7.29
N GLY D 166 -24.08 -2.92 -8.17
CA GLY D 166 -22.89 -3.09 -9.00
C GLY D 166 -21.68 -3.51 -8.16
N ILE D 167 -21.94 -4.29 -7.12
CA ILE D 167 -20.87 -4.76 -6.23
C ILE D 167 -20.50 -6.20 -6.57
N ASN D 168 -19.21 -6.51 -6.52
CA ASN D 168 -18.72 -7.85 -6.82
C ASN D 168 -18.95 -8.79 -5.64
N VAL D 169 -19.13 -10.08 -5.94
CA VAL D 169 -19.33 -11.06 -4.88
C VAL D 169 -18.32 -12.19 -5.03
N HIS D 170 -17.60 -12.47 -3.95
CA HIS D 170 -16.60 -13.54 -3.95
C HIS D 170 -16.91 -14.54 -2.85
N ILE D 171 -16.91 -15.81 -3.20
CA ILE D 171 -17.16 -16.85 -2.21
C ILE D 171 -15.85 -17.51 -1.83
N ASP D 172 -15.51 -17.45 -0.55
CA ASP D 172 -14.31 -18.13 -0.07
C ASP D 172 -14.85 -19.54 0.14
N GLY D 173 -14.71 -20.37 -0.88
CA GLY D 173 -15.21 -21.74 -0.79
C GLY D 173 -14.11 -22.74 -0.51
N ALA D 174 -13.24 -22.42 0.44
CA ALA D 174 -12.16 -23.32 0.82
C ALA D 174 -12.71 -24.72 1.01
N ARG D 175 -13.88 -24.82 1.65
CA ARG D 175 -14.52 -26.11 1.89
C ARG D 175 -15.90 -26.13 1.26
N ILE D 176 -16.01 -25.60 0.05
CA ILE D 176 -17.30 -25.54 -0.63
C ILE D 176 -17.85 -26.91 -0.99
N PHE D 177 -16.96 -27.89 -1.17
CA PHE D 177 -17.43 -29.23 -1.50
C PHE D 177 -18.02 -29.89 -0.27
N ASN D 178 -17.54 -29.52 0.92
CA ASN D 178 -18.12 -30.08 2.14
C ASN D 178 -19.53 -29.52 2.23
N ALA D 179 -19.68 -28.23 1.93
CA ALA D 179 -20.99 -27.57 1.97
C ALA D 179 -21.93 -28.29 1.02
N SER D 180 -21.46 -28.53 -0.20
CA SER D 180 -22.23 -29.22 -1.23
C SER D 180 -22.64 -30.64 -0.85
N ILE D 181 -21.73 -31.40 -0.26
CA ILE D 181 -22.03 -32.77 0.14
C ILE D 181 -23.10 -32.77 1.24
N ALA D 182 -22.99 -31.83 2.17
CA ALA D 182 -23.94 -31.75 3.27
C ALA D 182 -25.32 -31.25 2.84
N SER D 183 -25.35 -30.26 1.94
CA SER D 183 -26.61 -29.66 1.49
C SER D 183 -27.26 -30.28 0.26
N GLY D 184 -26.47 -30.98 -0.54
CA GLY D 184 -27.02 -31.57 -1.75
C GLY D 184 -27.08 -30.55 -2.86
N VAL D 185 -26.52 -29.38 -2.61
CA VAL D 185 -26.51 -28.29 -3.60
C VAL D 185 -25.23 -28.37 -4.43
N PRO D 186 -25.35 -28.52 -5.76
CA PRO D 186 -24.16 -28.61 -6.61
C PRO D 186 -23.36 -27.32 -6.45
N VAL D 187 -22.03 -27.40 -6.50
CA VAL D 187 -21.23 -26.19 -6.34
C VAL D 187 -21.51 -25.15 -7.41
N LYS D 188 -21.91 -25.59 -8.60
CA LYS D 188 -22.21 -24.64 -9.67
C LYS D 188 -23.35 -23.72 -9.29
N GLU D 189 -24.24 -24.19 -8.41
CA GLU D 189 -25.37 -23.38 -7.98
C GLU D 189 -24.92 -22.26 -7.04
N TYR D 190 -24.03 -22.59 -6.11
CA TYR D 190 -23.49 -21.58 -5.20
C TYR D 190 -22.74 -20.55 -6.04
N ALA D 191 -21.95 -21.05 -6.99
CA ALA D 191 -21.15 -20.19 -7.86
C ALA D 191 -21.98 -19.32 -8.79
N GLY D 192 -23.19 -19.79 -9.11
CA GLY D 192 -24.05 -19.02 -9.99
C GLY D 192 -24.44 -17.70 -9.37
N TYR D 193 -24.31 -17.58 -8.05
CA TYR D 193 -24.65 -16.35 -7.35
C TYR D 193 -23.42 -15.60 -6.87
N ALA D 194 -22.30 -15.81 -7.56
CA ALA D 194 -21.06 -15.15 -7.21
C ALA D 194 -20.27 -14.82 -8.46
N ASP D 195 -19.39 -13.84 -8.35
CA ASP D 195 -18.57 -13.45 -9.49
C ASP D 195 -17.33 -14.34 -9.52
N SER D 196 -16.84 -14.70 -8.34
CA SER D 196 -15.66 -15.55 -8.24
C SER D 196 -15.80 -16.49 -7.05
N VAL D 197 -15.14 -17.63 -7.14
CA VAL D 197 -15.16 -18.59 -6.05
C VAL D 197 -13.76 -19.18 -5.93
N MSE D 198 -13.25 -19.25 -4.70
CA MSE D 198 -11.95 -19.85 -4.43
C MSE D 198 -12.27 -21.15 -3.72
O MSE D 198 -13.14 -21.17 -2.87
CB MSE D 198 -11.11 -18.98 -3.50
CG MSE D 198 -9.72 -19.56 -3.12
SE MSE D 198 -9.67 -21.10 -1.88
CE MSE D 198 -9.72 -20.12 -0.18
N PHE D 199 -11.59 -22.24 -4.09
CA PHE D 199 -11.81 -23.51 -3.40
C PHE D 199 -10.47 -24.22 -3.25
N CYS D 200 -10.30 -24.92 -2.13
CA CYS D 200 -9.06 -25.63 -1.84
C CYS D 200 -9.03 -27.08 -2.30
N LEU D 201 -7.86 -27.52 -2.72
CA LEU D 201 -7.67 -28.90 -3.16
C LEU D 201 -6.86 -29.61 -2.09
N SER D 202 -6.18 -28.81 -1.26
CA SER D 202 -5.28 -29.33 -0.23
C SER D 202 -5.83 -29.62 1.16
N LLP D 203 -7.14 -29.57 1.33
CA LLP D 203 -7.71 -29.87 2.63
CB LLP D 203 -8.66 -28.75 3.07
CG LLP D 203 -7.92 -27.47 3.41
CD LLP D 203 -8.88 -26.31 3.68
CE LLP D 203 -8.14 -25.13 4.25
NZ LLP D 203 -7.13 -24.54 3.33
C LLP D 203 -8.42 -31.21 2.53
O LLP D 203 -7.76 -32.24 2.32
N GLY D 204 -9.73 -31.22 2.67
CA GLY D 204 -10.46 -32.48 2.60
C GLY D 204 -10.28 -33.27 1.31
N LEU D 205 -9.94 -32.59 0.21
CA LEU D 205 -9.77 -33.30 -1.06
C LEU D 205 -8.41 -34.00 -1.19
N CYS D 206 -7.56 -33.79 -0.17
CA CYS D 206 -6.26 -34.45 -0.05
C CYS D 206 -5.10 -34.15 -0.99
N ALA D 207 -5.15 -33.07 -1.76
CA ALA D 207 -4.01 -32.75 -2.62
C ALA D 207 -2.95 -32.14 -1.70
N PRO D 208 -1.67 -32.30 -2.06
CA PRO D 208 -0.58 -31.75 -1.25
C PRO D 208 -0.51 -30.22 -1.25
N VAL D 209 -0.78 -29.61 -2.39
CA VAL D 209 -0.68 -28.17 -2.52
C VAL D 209 -1.68 -27.57 -3.50
N GLY D 210 -2.16 -26.37 -3.18
CA GLY D 210 -3.02 -25.68 -4.12
C GLY D 210 -4.51 -25.48 -3.91
N SER D 211 -4.99 -24.44 -4.56
CA SER D 211 -6.37 -24.04 -4.54
C SER D 211 -6.65 -23.52 -5.94
N VAL D 212 -7.91 -23.23 -6.23
CA VAL D 212 -8.28 -22.73 -7.55
C VAL D 212 -9.30 -21.62 -7.42
N VAL D 213 -9.19 -20.63 -8.29
CA VAL D 213 -10.15 -19.53 -8.32
C VAL D 213 -10.89 -19.68 -9.65
N VAL D 214 -12.21 -19.57 -9.61
CA VAL D 214 -12.99 -19.66 -10.83
C VAL D 214 -13.79 -18.37 -11.02
N GLY D 215 -14.05 -18.00 -12.27
CA GLY D 215 -14.80 -16.79 -12.56
C GLY D 215 -14.83 -16.47 -14.04
N ASP D 216 -15.18 -15.24 -14.39
CA ASP D 216 -15.24 -14.84 -15.79
C ASP D 216 -13.84 -14.69 -16.36
N ARG D 217 -13.73 -14.78 -17.69
CA ARG D 217 -12.44 -14.67 -18.37
C ARG D 217 -11.63 -13.44 -17.99
N ASP D 218 -12.26 -12.26 -18.08
CA ASP D 218 -11.56 -11.02 -17.77
C ASP D 218 -11.11 -10.95 -16.33
N PHE D 219 -11.95 -11.41 -15.41
CA PHE D 219 -11.59 -11.41 -14.00
C PHE D 219 -10.38 -12.32 -13.76
N ILE D 220 -10.42 -13.51 -14.34
CA ILE D 220 -9.33 -14.46 -14.17
C ILE D 220 -8.03 -13.94 -14.78
N GLU D 221 -8.13 -13.23 -15.90
CA GLU D 221 -6.93 -12.65 -16.51
C GLU D 221 -6.31 -11.64 -15.54
N ARG D 222 -7.16 -10.85 -14.88
CA ARG D 222 -6.68 -9.86 -13.90
C ARG D 222 -6.10 -10.56 -12.68
N ALA D 223 -6.74 -11.66 -12.27
CA ALA D 223 -6.29 -12.42 -11.12
C ALA D 223 -4.96 -13.09 -11.43
N ARG D 224 -4.77 -13.48 -12.69
CA ARG D 224 -3.54 -14.13 -13.12
C ARG D 224 -2.38 -13.12 -13.04
N LYS D 225 -2.64 -11.87 -13.39
CA LYS D 225 -1.59 -10.85 -13.31
C LYS D 225 -1.26 -10.58 -11.83
N ALA D 226 -2.28 -10.64 -10.98
CA ALA D 226 -2.07 -10.44 -9.55
C ALA D 226 -1.24 -11.60 -9.02
N ARG D 227 -1.54 -12.81 -9.50
CA ARG D 227 -0.79 -13.98 -9.07
C ARG D 227 0.69 -13.82 -9.41
N LYS D 228 0.95 -13.26 -10.59
CA LYS D 228 2.33 -13.04 -11.02
C LYS D 228 3.01 -12.07 -10.06
N MSE D 229 2.33 -10.96 -9.76
CA MSE D 229 2.87 -9.96 -8.85
C MSE D 229 3.16 -10.51 -7.46
O MSE D 229 4.17 -10.16 -6.84
CB MSE D 229 1.91 -8.78 -8.71
CG MSE D 229 2.42 -7.70 -7.78
SE MSE D 229 1.06 -6.38 -7.37
CE MSE D 229 0.88 -5.63 -9.14
N LEU D 230 2.26 -11.35 -6.97
CA LEU D 230 2.42 -11.92 -5.63
C LEU D 230 3.46 -13.03 -5.58
N GLY D 231 3.86 -13.56 -6.74
CA GLY D 231 4.85 -14.61 -6.76
C GLY D 231 4.30 -16.01 -6.94
N GLY D 232 3.04 -16.10 -7.37
CA GLY D 232 2.42 -17.41 -7.57
C GLY D 232 2.59 -17.97 -8.98
N GLY D 233 3.29 -17.22 -9.84
CA GLY D 233 3.50 -17.70 -11.20
C GLY D 233 4.62 -18.74 -11.20
N MSE D 234 4.24 -20.00 -11.19
CA MSE D 234 5.22 -21.09 -11.15
C MSE D 234 5.55 -21.62 -12.54
O MSE D 234 4.95 -21.21 -13.54
CB MSE D 234 4.67 -22.22 -10.28
CG MSE D 234 4.39 -21.78 -8.85
SE MSE D 234 3.38 -23.08 -7.82
CE MSE D 234 1.61 -22.63 -8.45
N ARG D 235 6.54 -22.51 -12.61
CA ARG D 235 6.94 -23.08 -13.88
C ARG D 235 6.19 -24.39 -14.17
N GLN D 236 6.84 -25.53 -13.94
CA GLN D 236 6.21 -26.82 -14.20
C GLN D 236 5.29 -27.28 -13.07
N ALA D 237 4.30 -26.45 -12.75
CA ALA D 237 3.35 -26.74 -11.69
C ALA D 237 2.44 -27.92 -11.98
N GLY D 238 2.61 -28.52 -13.15
CA GLY D 238 1.81 -29.67 -13.53
C GLY D 238 1.98 -30.82 -12.55
N VAL D 239 3.12 -30.83 -11.88
CA VAL D 239 3.39 -31.87 -10.89
C VAL D 239 2.34 -31.79 -9.78
N LEU D 240 1.99 -30.57 -9.40
CA LEU D 240 0.99 -30.35 -8.36
C LEU D 240 -0.42 -30.54 -8.91
N ALA D 241 -0.66 -30.04 -10.12
CA ALA D 241 -1.98 -30.14 -10.74
C ALA D 241 -2.43 -31.57 -10.96
N ALA D 242 -1.48 -32.48 -11.11
CA ALA D 242 -1.81 -33.89 -11.31
C ALA D 242 -2.61 -34.40 -10.12
N ALA D 243 -2.15 -34.06 -8.92
CA ALA D 243 -2.84 -34.48 -7.70
C ALA D 243 -4.15 -33.71 -7.58
N GLY D 244 -4.16 -32.46 -8.05
CA GLY D 244 -5.34 -31.64 -8.00
C GLY D 244 -6.48 -32.22 -8.83
N ILE D 245 -6.17 -32.75 -10.00
CA ILE D 245 -7.18 -33.34 -10.86
C ILE D 245 -7.85 -34.53 -10.15
N ILE D 246 -7.04 -35.35 -9.49
CA ILE D 246 -7.57 -36.50 -8.79
C ILE D 246 -8.40 -36.06 -7.58
N ALA D 247 -7.95 -35.01 -6.90
CA ALA D 247 -8.68 -34.50 -5.74
C ALA D 247 -10.06 -34.04 -6.17
N LEU D 248 -10.11 -33.22 -7.21
CA LEU D 248 -11.36 -32.67 -7.74
C LEU D 248 -12.30 -33.73 -8.32
N THR D 249 -11.73 -34.72 -9.00
CA THR D 249 -12.54 -35.74 -9.66
C THR D 249 -12.84 -37.04 -8.92
N LYS D 250 -12.04 -37.39 -7.93
CA LYS D 250 -12.25 -38.65 -7.21
C LYS D 250 -12.37 -38.57 -5.69
N MSE D 251 -12.06 -37.42 -5.12
CA MSE D 251 -12.10 -37.31 -3.66
C MSE D 251 -13.26 -36.55 -3.04
O MSE D 251 -13.33 -36.41 -1.82
CB MSE D 251 -10.79 -36.70 -3.17
CG MSE D 251 -9.54 -37.42 -3.65
SE MSE D 251 -9.45 -39.26 -3.07
CE MSE D 251 -8.82 -38.98 -1.27
N VAL D 252 -14.20 -36.08 -3.86
CA VAL D 252 -15.34 -35.33 -3.33
C VAL D 252 -16.41 -36.20 -2.67
N ASP D 253 -16.79 -37.31 -3.31
CA ASP D 253 -17.82 -38.18 -2.73
C ASP D 253 -17.52 -38.69 -1.33
N ARG D 254 -16.26 -39.05 -1.07
CA ARG D 254 -15.90 -39.58 0.24
C ARG D 254 -15.90 -38.57 1.38
N LEU D 255 -16.15 -37.30 1.08
CA LEU D 255 -16.20 -36.30 2.13
C LEU D 255 -17.32 -36.69 3.08
N LYS D 256 -18.30 -37.42 2.55
CA LYS D 256 -19.43 -37.88 3.35
C LYS D 256 -18.92 -38.71 4.53
N GLU D 257 -17.83 -39.45 4.32
CA GLU D 257 -17.24 -40.26 5.37
C GLU D 257 -16.71 -39.37 6.49
N ASP D 258 -16.10 -38.24 6.13
CA ASP D 258 -15.58 -37.33 7.13
C ASP D 258 -16.73 -36.73 7.95
N HIS D 259 -17.85 -36.44 7.27
CA HIS D 259 -19.01 -35.88 7.96
C HIS D 259 -19.59 -36.90 8.94
N GLU D 260 -19.68 -38.15 8.50
CA GLU D 260 -20.22 -39.22 9.36
C GLU D 260 -19.33 -39.39 10.59
N ASN D 261 -18.01 -39.30 10.40
CA ASN D 261 -17.06 -39.44 11.50
C ASN D 261 -17.17 -38.27 12.48
N ALA D 262 -17.34 -37.05 11.96
CA ALA D 262 -17.46 -35.88 12.81
C ALA D 262 -18.76 -35.94 13.62
N ARG D 263 -19.83 -36.42 12.99
CA ARG D 263 -21.12 -36.53 13.66
C ARG D 263 -21.04 -37.58 14.76
N PHE D 264 -20.39 -38.70 14.46
CA PHE D 264 -20.23 -39.77 15.42
C PHE D 264 -19.43 -39.23 16.60
N LEU D 265 -18.33 -38.54 16.30
CA LEU D 265 -17.47 -37.96 17.31
C LEU D 265 -18.28 -37.01 18.22
N ALA D 266 -19.06 -36.14 17.60
CA ALA D 266 -19.86 -35.16 18.35
C ALA D 266 -20.91 -35.82 19.25
N LEU D 267 -21.66 -36.78 18.70
CA LEU D 267 -22.69 -37.48 19.46
C LEU D 267 -22.09 -38.17 20.68
N LYS D 268 -20.97 -38.85 20.48
CA LYS D 268 -20.31 -39.56 21.58
C LYS D 268 -19.72 -38.60 22.62
N LEU D 269 -19.15 -37.49 22.17
CA LEU D 269 -18.59 -36.52 23.10
C LEU D 269 -19.72 -35.96 23.95
N LYS D 270 -20.89 -35.81 23.35
CA LYS D 270 -22.06 -35.30 24.07
C LYS D 270 -22.48 -36.31 25.13
N GLU D 271 -22.45 -37.59 24.79
CA GLU D 271 -22.83 -38.64 25.74
C GLU D 271 -21.89 -38.66 26.94
N ILE D 272 -20.61 -38.42 26.69
CA ILE D 272 -19.60 -38.39 27.75
C ILE D 272 -19.90 -37.26 28.72
N GLY D 273 -20.40 -36.15 28.19
CA GLY D 273 -20.73 -35.01 29.04
C GLY D 273 -20.03 -33.74 28.62
N TYR D 274 -19.35 -33.77 27.47
CA TYR D 274 -18.64 -32.60 26.99
C TYR D 274 -19.61 -31.56 26.45
N SER D 275 -19.18 -30.31 26.45
CA SER D 275 -19.99 -29.23 25.96
C SER D 275 -19.86 -29.12 24.45
N VAL D 276 -20.67 -29.92 23.74
CA VAL D 276 -20.66 -29.92 22.29
C VAL D 276 -22.12 -29.92 21.82
N ASN D 277 -22.35 -29.54 20.58
CA ASN D 277 -23.70 -29.50 20.02
C ASN D 277 -23.76 -30.34 18.74
N PRO D 278 -24.09 -31.64 18.88
CA PRO D 278 -24.18 -32.53 17.73
C PRO D 278 -25.11 -32.00 16.65
N GLU D 279 -26.12 -31.25 17.08
CA GLU D 279 -27.09 -30.67 16.16
C GLU D 279 -26.45 -29.63 15.24
N ASP D 280 -25.31 -29.09 15.65
CA ASP D 280 -24.61 -28.07 14.87
C ASP D 280 -23.59 -28.67 13.90
N VAL D 281 -23.31 -29.96 14.06
CA VAL D 281 -22.33 -30.65 13.23
C VAL D 281 -22.90 -31.21 11.93
N LYS D 282 -22.65 -30.50 10.83
CA LYS D 282 -23.14 -30.93 9.52
C LYS D 282 -22.03 -31.23 8.51
N THR D 283 -20.80 -30.83 8.81
CA THR D 283 -19.69 -31.14 7.91
C THR D 283 -18.57 -31.83 8.68
N ASN D 284 -17.31 -31.42 8.50
CA ASN D 284 -16.22 -32.13 9.18
C ASN D 284 -15.61 -31.47 10.42
N MSE D 285 -16.39 -30.64 11.10
CA MSE D 285 -15.87 -29.96 12.29
C MSE D 285 -16.79 -30.07 13.50
O MSE D 285 -18.01 -30.16 13.39
CB MSE D 285 -15.60 -28.50 11.99
CG MSE D 285 -14.54 -28.28 10.92
SE MSE D 285 -14.28 -26.39 10.64
CE MSE D 285 -13.57 -26.47 8.85
N VAL D 286 -16.17 -30.04 14.68
CA VAL D 286 -16.86 -30.12 15.95
C VAL D 286 -16.22 -29.11 16.89
N ILE D 287 -17.02 -28.21 17.45
CA ILE D 287 -16.50 -27.24 18.40
C ILE D 287 -16.79 -27.75 19.79
N LEU D 288 -15.76 -27.80 20.63
CA LEU D 288 -15.92 -28.25 22.00
C LEU D 288 -15.58 -27.10 22.94
N ARG D 289 -16.51 -26.77 23.83
CA ARG D 289 -16.30 -25.69 24.79
C ARG D 289 -15.78 -26.28 26.09
N THR D 290 -14.86 -25.58 26.74
CA THR D 290 -14.28 -26.07 27.99
C THR D 290 -14.90 -25.42 29.22
N ASP D 291 -16.09 -24.83 29.04
CA ASP D 291 -16.78 -24.14 30.13
C ASP D 291 -17.01 -25.01 31.37
N ASN D 292 -17.33 -26.28 31.17
CA ASN D 292 -17.58 -27.17 32.30
C ASN D 292 -16.34 -28.02 32.65
N LEU D 293 -15.18 -27.57 32.21
CA LEU D 293 -13.94 -28.29 32.51
C LEU D 293 -13.08 -27.43 33.44
N LYS D 294 -12.30 -28.08 34.30
CA LYS D 294 -11.46 -27.36 35.24
C LYS D 294 -10.16 -26.85 34.61
N VAL D 295 -10.12 -26.83 33.28
CA VAL D 295 -8.96 -26.36 32.54
C VAL D 295 -9.48 -25.54 31.35
N ASN D 296 -8.66 -24.62 30.83
CA ASN D 296 -9.11 -23.84 29.69
C ASN D 296 -8.71 -24.55 28.40
N ALA D 297 -9.01 -23.93 27.25
CA ALA D 297 -8.71 -24.54 25.96
C ALA D 297 -7.26 -24.97 25.78
N HIS D 298 -6.33 -24.07 26.12
CA HIS D 298 -4.92 -24.37 25.97
C HIS D 298 -4.47 -25.50 26.89
N GLY D 299 -5.01 -25.52 28.10
CA GLY D 299 -4.66 -26.56 29.04
C GLY D 299 -5.18 -27.91 28.58
N PHE D 300 -6.36 -27.90 27.98
CA PHE D 300 -6.96 -29.15 27.49
C PHE D 300 -6.20 -29.64 26.26
N ILE D 301 -5.77 -28.72 25.41
CA ILE D 301 -5.01 -29.07 24.21
C ILE D 301 -3.73 -29.79 24.62
N GLU D 302 -3.05 -29.27 25.65
CA GLU D 302 -1.81 -29.86 26.13
C GLU D 302 -2.05 -31.27 26.68
N ALA D 303 -3.15 -31.44 27.39
CA ALA D 303 -3.49 -32.74 27.96
C ALA D 303 -3.81 -33.72 26.83
N LEU D 304 -4.47 -33.23 25.79
CA LEU D 304 -4.82 -34.09 24.66
C LEU D 304 -3.54 -34.52 23.96
N ARG D 305 -2.63 -33.59 23.75
CA ARG D 305 -1.37 -33.91 23.09
C ARG D 305 -0.62 -34.93 23.90
N ASN D 306 -0.64 -34.76 25.22
CA ASN D 306 0.04 -35.69 26.12
C ASN D 306 -0.54 -37.10 26.01
N SER D 307 -1.81 -37.20 25.64
CA SER D 307 -2.47 -38.51 25.51
C SER D 307 -2.46 -39.05 24.09
N GLY D 308 -1.87 -38.30 23.16
CA GLY D 308 -1.80 -38.77 21.78
C GLY D 308 -2.84 -38.23 20.81
N VAL D 309 -3.51 -37.14 21.18
CA VAL D 309 -4.51 -36.53 20.30
C VAL D 309 -4.14 -35.08 20.02
N LEU D 310 -4.17 -34.69 18.73
CA LEU D 310 -3.82 -33.32 18.36
C LEU D 310 -5.05 -32.52 17.93
N ALA D 311 -5.20 -31.33 18.50
CA ALA D 311 -6.31 -30.44 18.18
C ALA D 311 -5.83 -29.00 18.37
N ASN D 312 -6.60 -28.04 17.85
CA ASN D 312 -6.26 -26.63 17.96
C ASN D 312 -7.26 -25.87 18.80
N ALA D 313 -6.76 -24.92 19.60
CA ALA D 313 -7.63 -24.08 20.41
C ALA D 313 -7.97 -22.91 19.51
N VAL D 314 -9.24 -22.52 19.46
CA VAL D 314 -9.65 -21.41 18.60
C VAL D 314 -10.00 -20.17 19.43
N SER D 315 -9.96 -20.33 20.74
CA SER D 315 -10.23 -19.26 21.70
C SER D 315 -9.74 -19.80 23.04
N ASP D 316 -9.95 -19.06 24.13
CA ASP D 316 -9.50 -19.52 25.43
C ASP D 316 -10.48 -20.52 26.05
N THR D 317 -11.63 -20.68 25.41
CA THR D 317 -12.66 -21.60 25.92
C THR D 317 -13.19 -22.55 24.84
N GLU D 318 -12.62 -22.49 23.65
CA GLU D 318 -13.08 -23.35 22.56
C GLU D 318 -11.96 -24.08 21.83
N ILE D 319 -12.26 -25.33 21.48
CA ILE D 319 -11.33 -26.17 20.74
C ILE D 319 -12.06 -26.64 19.49
N ARG D 320 -11.30 -26.81 18.41
CA ARG D 320 -11.87 -27.26 17.15
C ARG D 320 -11.32 -28.64 16.80
N LEU D 321 -12.21 -29.56 16.46
CA LEU D 321 -11.82 -30.90 16.07
C LEU D 321 -12.24 -31.06 14.63
N VAL D 322 -11.29 -31.46 13.78
CA VAL D 322 -11.57 -31.60 12.35
C VAL D 322 -11.27 -33.00 11.86
N THR D 323 -12.21 -33.61 11.15
CA THR D 323 -12.01 -34.94 10.61
C THR D 323 -11.60 -34.83 9.15
N HIS D 324 -10.97 -35.88 8.64
CA HIS D 324 -10.51 -35.89 7.26
C HIS D 324 -10.10 -37.30 6.91
N LYS D 325 -9.66 -37.49 5.66
CA LYS D 325 -9.28 -38.80 5.18
C LYS D 325 -8.27 -39.56 6.04
N ASP D 326 -7.33 -38.85 6.67
CA ASP D 326 -6.33 -39.53 7.47
C ASP D 326 -6.68 -39.84 8.92
N VAL D 327 -7.95 -39.68 9.27
CA VAL D 327 -8.41 -40.05 10.61
C VAL D 327 -9.57 -41.01 10.34
N SER D 328 -9.34 -42.29 10.61
CA SER D 328 -10.34 -43.32 10.37
C SER D 328 -11.34 -43.42 11.50
N ARG D 329 -12.42 -44.17 11.28
CA ARG D 329 -13.41 -44.35 12.33
C ARG D 329 -12.72 -44.97 13.54
N ASN D 330 -11.79 -45.91 13.31
CA ASN D 330 -11.11 -46.53 14.42
C ASN D 330 -10.29 -45.49 15.19
N ASP D 331 -9.72 -44.52 14.48
CA ASP D 331 -8.95 -43.46 15.14
C ASP D 331 -9.90 -42.62 15.98
N ILE D 332 -11.09 -42.38 15.48
CA ILE D 332 -12.09 -41.60 16.19
C ILE D 332 -12.47 -42.31 17.49
N GLU D 333 -12.65 -43.62 17.40
CA GLU D 333 -13.02 -44.42 18.56
C GLU D 333 -11.92 -44.33 19.62
N GLU D 334 -10.68 -44.36 19.17
CA GLU D 334 -9.54 -44.29 20.08
C GLU D 334 -9.53 -42.92 20.78
N ALA D 335 -9.74 -41.86 20.01
CA ALA D 335 -9.75 -40.50 20.57
C ALA D 335 -10.88 -40.38 21.60
N LEU D 336 -12.03 -40.95 21.26
CA LEU D 336 -13.19 -40.91 22.14
C LEU D 336 -12.91 -41.59 23.47
N ASN D 337 -12.24 -42.73 23.43
CA ASN D 337 -11.91 -43.46 24.65
C ASN D 337 -11.01 -42.61 25.54
N ILE D 338 -10.14 -41.82 24.91
CA ILE D 338 -9.25 -40.94 25.65
C ILE D 338 -10.05 -39.75 26.16
N PHE D 339 -10.90 -39.18 25.31
CA PHE D 339 -11.74 -38.06 25.71
C PHE D 339 -12.56 -38.43 26.95
N GLU D 340 -13.00 -39.69 27.01
CA GLU D 340 -13.79 -40.15 28.14
C GLU D 340 -13.00 -40.10 29.44
N LYS D 341 -11.77 -40.61 29.43
CA LYS D 341 -10.92 -40.61 30.62
C LYS D 341 -10.56 -39.19 31.04
N LEU D 342 -10.27 -38.33 30.06
CA LEU D 342 -9.91 -36.95 30.36
C LEU D 342 -11.08 -36.21 30.97
N PHE D 343 -12.30 -36.59 30.58
CA PHE D 343 -13.48 -35.96 31.13
C PHE D 343 -13.47 -36.18 32.64
N ARG D 344 -13.18 -37.42 33.05
CA ARG D 344 -13.12 -37.76 34.47
C ARG D 344 -12.09 -36.89 35.18
N LYS D 345 -10.92 -36.74 34.57
CA LYS D 345 -9.85 -35.95 35.15
C LYS D 345 -10.12 -34.44 35.25
N PHE D 346 -10.80 -33.89 34.25
CA PHE D 346 -11.06 -32.45 34.24
C PHE D 346 -12.48 -31.99 34.57
N SER D 347 -13.38 -32.93 34.83
CA SER D 347 -14.76 -32.57 35.17
C SER D 347 -14.92 -32.49 36.68
CA CA E . -3.22 -31.78 2.26
CL CL F . 6.55 -0.49 7.27
CL CL G . 6.54 -33.89 -19.37
CA CA H . -14.09 26.02 12.42
CA CA I . 5.31 31.74 0.40
CA CA J . -33.31 35.25 23.90
CL CL K . -17.39 34.82 7.04
CL CL L . 6.32 38.09 9.32
N1 TLP M . -15.62 14.74 12.32
C1 TLP M . -16.69 15.36 11.55
C2 TLP M . -17.32 14.34 10.59
O1 TLP M . -16.28 13.73 9.81
C3 TLP M . -18.04 13.25 11.39
C4 TLP M . -17.79 15.99 12.41
O2 TLP M . -17.97 15.55 13.56
O3 TLP M . -18.49 16.89 11.89
N2 TLP M . -11.94 12.50 14.98
C5 TLP M . -13.21 12.86 15.49
C6 TLP M . -13.57 12.22 16.83
C7 TLP M . -14.03 13.80 14.64
O4 TLP M . -15.22 14.09 15.17
C8 TLP M . -13.51 14.28 13.40
C9 TLP M . -14.37 15.21 12.60
C10 TLP M . -12.09 13.80 12.96
C11 TLP M . -11.36 12.93 13.78
C12 TLP M . -11.50 14.30 11.61
O5 TLP M . -11.11 15.63 11.66
P1 TLP M . -11.26 16.59 10.34
O6 TLP M . -10.62 17.94 10.72
O7 TLP M . -12.69 16.73 10.08
O8 TLP M . -10.53 15.84 9.30
N1 PLP N . -12.01 12.29 15.09
C2 PLP N . -13.24 12.74 15.61
C2A PLP N . -13.76 11.98 16.81
C3 PLP N . -13.85 13.92 14.92
O3 PLP N . -15.01 14.29 15.47
C4 PLP N . -13.22 14.53 13.80
C4A PLP N . -13.93 15.68 13.24
C5 PLP N . -11.85 13.93 13.31
C6 PLP N . -11.31 12.84 13.98
C5A PLP N . -11.10 14.53 12.08
O4P PLP N . -11.30 15.90 11.87
P PLP N . -11.19 16.53 10.35
O1P PLP N . -10.33 15.57 9.62
O2P PLP N . -10.56 17.93 10.50
O3P PLP N . -12.55 16.61 9.83
CL CL O . -6.24 0.84 -7.36
N1 TLP P . 10.17 22.44 -4.12
C1 TLP P . 11.05 22.97 -3.08
C2 TLP P . 12.03 21.88 -2.62
O1 TLP P . 11.30 20.70 -2.26
C3 TLP P . 13.00 21.53 -3.74
C4 TLP P . 11.82 24.22 -3.47
O2 TLP P . 12.03 24.44 -4.68
O3 TLP P . 12.22 24.97 -2.56
N2 TLP P . 7.14 20.57 -7.73
C5 TLP P . 8.26 21.42 -7.92
C6 TLP P . 8.73 21.53 -9.36
C7 TLP P . 8.81 22.08 -6.70
O4 TLP P . 9.87 22.86 -6.94
C8 TLP P . 8.23 21.85 -5.41
C9 TLP P . 8.82 22.52 -4.23
C10 TLP P . 6.99 20.89 -5.35
C11 TLP P . 6.50 20.29 -6.50
C12 TLP P . 6.34 20.61 -3.97
O5 TLP P . 5.69 21.73 -3.48
P1 TLP P . 5.57 21.97 -1.87
O6 TLP P . 4.54 23.11 -1.67
O7 TLP P . 6.90 22.37 -1.41
O8 TLP P . 5.12 20.66 -1.35
CA CA Q . 12.09 -25.95 -14.71
CA CA R . -11.82 -49.47 17.80
CL CL S . 4.78 -38.99 4.01
N1 TLP T . -7.55 -22.38 7.11
C1 TLP T . -6.72 -23.10 8.08
C2 TLP T . -6.25 -22.13 9.20
O1 TLP T . -5.67 -20.97 8.60
C3 TLP T . -7.43 -21.73 10.08
C4 TLP T . -7.39 -24.30 8.75
O2 TLP T . -8.64 -24.34 8.79
O3 TLP T . -6.65 -25.18 9.24
N2 TLP T . -10.41 -19.85 3.77
C5 TLP T . -10.87 -20.76 4.75
C6 TLP T . -12.37 -20.73 4.99
C7 TLP T . -9.83 -21.60 5.41
O4 TLP T . -10.33 -22.44 6.33
C8 TLP T . -8.45 -21.48 5.04
C9 TLP T . -7.45 -22.34 5.75
C10 TLP T . -8.08 -20.43 3.94
C11 TLP T . -9.08 -19.67 3.35
C12 TLP T . -6.60 -20.25 3.53
O5 TLP T . -6.11 -21.39 2.87
P1 TLP T . -4.52 -21.76 2.94
O6 TLP T . -4.29 -22.82 1.85
O7 TLP T . -4.26 -22.29 4.27
O8 TLP T . -3.86 -20.45 2.68
#